data_2DHQ
# 
_entry.id   2DHQ 
# 
_audit_conform.dict_name       mmcif_pdbx.dic 
_audit_conform.dict_version    5.383 
_audit_conform.dict_location   http://mmcif.pdb.org/dictionaries/ascii/mmcif_pdbx.dic 
# 
loop_
_database_2.database_id 
_database_2.database_code 
_database_2.pdbx_database_accession 
_database_2.pdbx_DOI 
PDB   2DHQ         pdb_00002dhq 10.2210/pdb2dhq/pdb 
RCSB  RCSB000422   ?            ?                   
WWPDB D_1000000422 ?            ?                   
# 
loop_
_pdbx_audit_revision_history.ordinal 
_pdbx_audit_revision_history.data_content_type 
_pdbx_audit_revision_history.major_revision 
_pdbx_audit_revision_history.minor_revision 
_pdbx_audit_revision_history.revision_date 
1 'Structure model' 1 0 1999-05-27 
2 'Structure model' 1 1 2008-04-26 
3 'Structure model' 1 2 2011-07-13 
4 'Structure model' 1 3 2023-12-27 
# 
_pdbx_audit_revision_details.ordinal             1 
_pdbx_audit_revision_details.revision_ordinal    1 
_pdbx_audit_revision_details.data_content_type   'Structure model' 
_pdbx_audit_revision_details.provider            repository 
_pdbx_audit_revision_details.type                'Initial release' 
_pdbx_audit_revision_details.description         ? 
_pdbx_audit_revision_details.details             ? 
# 
loop_
_pdbx_audit_revision_group.ordinal 
_pdbx_audit_revision_group.revision_ordinal 
_pdbx_audit_revision_group.data_content_type 
_pdbx_audit_revision_group.group 
1 2 'Structure model' 'Version format compliance' 
2 3 'Structure model' 'Derived calculations'      
3 3 'Structure model' 'Version format compliance' 
4 4 'Structure model' 'Data collection'           
5 4 'Structure model' 'Database references'       
# 
loop_
_pdbx_audit_revision_category.ordinal 
_pdbx_audit_revision_category.revision_ordinal 
_pdbx_audit_revision_category.data_content_type 
_pdbx_audit_revision_category.category 
1 4 'Structure model' chem_comp_atom 
2 4 'Structure model' chem_comp_bond 
3 4 'Structure model' database_2     
# 
loop_
_pdbx_audit_revision_item.ordinal 
_pdbx_audit_revision_item.revision_ordinal 
_pdbx_audit_revision_item.data_content_type 
_pdbx_audit_revision_item.item 
1 4 'Structure model' '_database_2.pdbx_DOI'                
2 4 'Structure model' '_database_2.pdbx_database_accession' 
# 
_pdbx_database_status.status_code                     REL 
_pdbx_database_status.entry_id                        2DHQ 
_pdbx_database_status.recvd_initial_deposition_date   1999-01-29 
_pdbx_database_status.deposit_site                    PDBE 
_pdbx_database_status.process_site                    RCSB 
_pdbx_database_status.status_code_sf                  REL 
_pdbx_database_status.SG_entry                        . 
_pdbx_database_status.pdb_format_compatible           Y 
_pdbx_database_status.status_code_mr                  ? 
_pdbx_database_status.status_code_cs                  ? 
_pdbx_database_status.status_code_nmr_data            ? 
_pdbx_database_status.methods_development_category    ? 
# 
loop_
_audit_author.name 
_audit_author.pdbx_ordinal 
'Gourley, D.G.' 1 
'Hawkins, A.R.' 2 
'Coggins, J.R.' 3 
'Isaacs, N.W.'  4 
# 
_citation.id                        primary 
_citation.title                     
'The two types of 3-dehydroquinase have distinct structures but catalyze the same overall reaction.' 
_citation.journal_abbrev            Nat.Struct.Biol. 
_citation.journal_volume            6 
_citation.page_first                521 
_citation.page_last                 525 
_citation.year                      1999 
_citation.journal_id_ASTM           NSBIEW 
_citation.country                   US 
_citation.journal_id_ISSN           1072-8368 
_citation.journal_id_CSD            2024 
_citation.book_publisher            ? 
_citation.pdbx_database_id_PubMed   10360352 
_citation.pdbx_database_id_DOI      10.1038/9287 
# 
loop_
_citation_author.citation_id 
_citation_author.name 
_citation_author.ordinal 
_citation_author.identifier_ORCID 
primary 'Gourley, D.G.'  1 ? 
primary 'Shrive, A.K.'   2 ? 
primary 'Polikarpov, I.' 3 ? 
primary 'Krell, T.'      4 ? 
primary 'Coggins, J.R.'  5 ? 
primary 'Hawkins, A.R.'  6 ? 
primary 'Isaacs, N.W.'   7 ? 
primary 'Sawyer, L.'     8 ? 
# 
loop_
_entity.id 
_entity.type 
_entity.src_method 
_entity.pdbx_description 
_entity.formula_weight 
_entity.pdbx_number_of_molecules 
_entity.pdbx_ec 
_entity.pdbx_mutation 
_entity.pdbx_fragment 
_entity.details 
1 polymer man 'PROTEIN (3-DEHYDROQUINATE DEHYDRATASE)' 15676.737 1   4.2.1.10 ? ? ? 
2 water   nat water                                    18.015    123 ?        ? ? ? 
# 
_entity_name_com.entity_id   1 
_entity_name_com.name        DEHYDROQUINASE 
# 
_entity_poly.entity_id                      1 
_entity_poly.type                           'polypeptide(L)' 
_entity_poly.nstd_linkage                   no 
_entity_poly.nstd_monomer                   no 
_entity_poly.pdbx_seq_one_letter_code       
;SELIVNVINGPNLGRLGRREPAVYGGTTHDELVALIEREAAELGLKAVVRQSDSEAQLLDWIHQAADAAEPVILNAGGLT
HTSVALRDACAELSAPLIEVHISNVHAREEFRRHSYLSPIATGVIVGLGIQGYLLALRYLAEHVGT
;
_entity_poly.pdbx_seq_one_letter_code_can   
;SELIVNVINGPNLGRLGRREPAVYGGTTHDELVALIEREAAELGLKAVVRQSDSEAQLLDWIHQAADAAEPVILNAGGLT
HTSVALRDACAELSAPLIEVHISNVHAREEFRRHSYLSPIATGVIVGLGIQGYLLALRYLAEHVGT
;
_entity_poly.pdbx_strand_id                 A 
_entity_poly.pdbx_target_identifier         ? 
# 
_pdbx_entity_nonpoly.entity_id   2 
_pdbx_entity_nonpoly.name        water 
_pdbx_entity_nonpoly.comp_id     HOH 
# 
loop_
_entity_poly_seq.entity_id 
_entity_poly_seq.num 
_entity_poly_seq.mon_id 
_entity_poly_seq.hetero 
1 1   SER n 
1 2   GLU n 
1 3   LEU n 
1 4   ILE n 
1 5   VAL n 
1 6   ASN n 
1 7   VAL n 
1 8   ILE n 
1 9   ASN n 
1 10  GLY n 
1 11  PRO n 
1 12  ASN n 
1 13  LEU n 
1 14  GLY n 
1 15  ARG n 
1 16  LEU n 
1 17  GLY n 
1 18  ARG n 
1 19  ARG n 
1 20  GLU n 
1 21  PRO n 
1 22  ALA n 
1 23  VAL n 
1 24  TYR n 
1 25  GLY n 
1 26  GLY n 
1 27  THR n 
1 28  THR n 
1 29  HIS n 
1 30  ASP n 
1 31  GLU n 
1 32  LEU n 
1 33  VAL n 
1 34  ALA n 
1 35  LEU n 
1 36  ILE n 
1 37  GLU n 
1 38  ARG n 
1 39  GLU n 
1 40  ALA n 
1 41  ALA n 
1 42  GLU n 
1 43  LEU n 
1 44  GLY n 
1 45  LEU n 
1 46  LYS n 
1 47  ALA n 
1 48  VAL n 
1 49  VAL n 
1 50  ARG n 
1 51  GLN n 
1 52  SER n 
1 53  ASP n 
1 54  SER n 
1 55  GLU n 
1 56  ALA n 
1 57  GLN n 
1 58  LEU n 
1 59  LEU n 
1 60  ASP n 
1 61  TRP n 
1 62  ILE n 
1 63  HIS n 
1 64  GLN n 
1 65  ALA n 
1 66  ALA n 
1 67  ASP n 
1 68  ALA n 
1 69  ALA n 
1 70  GLU n 
1 71  PRO n 
1 72  VAL n 
1 73  ILE n 
1 74  LEU n 
1 75  ASN n 
1 76  ALA n 
1 77  GLY n 
1 78  GLY n 
1 79  LEU n 
1 80  THR n 
1 81  HIS n 
1 82  THR n 
1 83  SER n 
1 84  VAL n 
1 85  ALA n 
1 86  LEU n 
1 87  ARG n 
1 88  ASP n 
1 89  ALA n 
1 90  CYS n 
1 91  ALA n 
1 92  GLU n 
1 93  LEU n 
1 94  SER n 
1 95  ALA n 
1 96  PRO n 
1 97  LEU n 
1 98  ILE n 
1 99  GLU n 
1 100 VAL n 
1 101 HIS n 
1 102 ILE n 
1 103 SER n 
1 104 ASN n 
1 105 VAL n 
1 106 HIS n 
1 107 ALA n 
1 108 ARG n 
1 109 GLU n 
1 110 GLU n 
1 111 PHE n 
1 112 ARG n 
1 113 ARG n 
1 114 HIS n 
1 115 SER n 
1 116 TYR n 
1 117 LEU n 
1 118 SER n 
1 119 PRO n 
1 120 ILE n 
1 121 ALA n 
1 122 THR n 
1 123 GLY n 
1 124 VAL n 
1 125 ILE n 
1 126 VAL n 
1 127 GLY n 
1 128 LEU n 
1 129 GLY n 
1 130 ILE n 
1 131 GLN n 
1 132 GLY n 
1 133 TYR n 
1 134 LEU n 
1 135 LEU n 
1 136 ALA n 
1 137 LEU n 
1 138 ARG n 
1 139 TYR n 
1 140 LEU n 
1 141 ALA n 
1 142 GLU n 
1 143 HIS n 
1 144 VAL n 
1 145 GLY n 
1 146 THR n 
# 
_entity_src_gen.entity_id                          1 
_entity_src_gen.pdbx_src_id                        1 
_entity_src_gen.pdbx_alt_source_flag               sample 
_entity_src_gen.pdbx_seq_type                      ? 
_entity_src_gen.pdbx_beg_seq_num                   ? 
_entity_src_gen.pdbx_end_seq_num                   ? 
_entity_src_gen.gene_src_common_name               ? 
_entity_src_gen.gene_src_genus                     Mycobacterium 
_entity_src_gen.pdbx_gene_src_gene                 ? 
_entity_src_gen.gene_src_species                   'Mycobacterium tuberculosis' 
_entity_src_gen.gene_src_strain                    H37RV 
_entity_src_gen.gene_src_tissue                    ? 
_entity_src_gen.gene_src_tissue_fraction           ? 
_entity_src_gen.gene_src_details                   ? 
_entity_src_gen.pdbx_gene_src_fragment             ? 
_entity_src_gen.pdbx_gene_src_scientific_name      'Mycobacterium tuberculosis H37Rv' 
_entity_src_gen.pdbx_gene_src_ncbi_taxonomy_id     83332 
_entity_src_gen.pdbx_gene_src_variant              ? 
_entity_src_gen.pdbx_gene_src_cell_line            ? 
_entity_src_gen.pdbx_gene_src_atcc                 ? 
_entity_src_gen.pdbx_gene_src_organ                ? 
_entity_src_gen.pdbx_gene_src_organelle            ? 
_entity_src_gen.pdbx_gene_src_cell                 ? 
_entity_src_gen.pdbx_gene_src_cellular_location    ? 
_entity_src_gen.host_org_common_name               ? 
_entity_src_gen.pdbx_host_org_scientific_name      'Escherichia coli' 
_entity_src_gen.pdbx_host_org_ncbi_taxonomy_id     562 
_entity_src_gen.host_org_genus                     Escherichia 
_entity_src_gen.pdbx_host_org_gene                 AROQ 
_entity_src_gen.pdbx_host_org_organ                ? 
_entity_src_gen.host_org_species                   ? 
_entity_src_gen.pdbx_host_org_tissue               ? 
_entity_src_gen.pdbx_host_org_tissue_fraction      ? 
_entity_src_gen.pdbx_host_org_strain               SK3430 
_entity_src_gen.pdbx_host_org_variant              'ARO D-' 
_entity_src_gen.pdbx_host_org_cell_line            ? 
_entity_src_gen.pdbx_host_org_atcc                 ? 
_entity_src_gen.pdbx_host_org_culture_collection   ? 
_entity_src_gen.pdbx_host_org_cell                 ? 
_entity_src_gen.pdbx_host_org_organelle            ? 
_entity_src_gen.pdbx_host_org_cellular_location    ? 
_entity_src_gen.pdbx_host_org_vector_type          ? 
_entity_src_gen.pdbx_host_org_vector               ? 
_entity_src_gen.host_org_details                   ? 
_entity_src_gen.expression_system_id               ? 
_entity_src_gen.plasmid_name                       PKK44 
_entity_src_gen.plasmid_details                    ? 
_entity_src_gen.pdbx_description                   ? 
# 
loop_
_chem_comp.id 
_chem_comp.type 
_chem_comp.mon_nstd_flag 
_chem_comp.name 
_chem_comp.pdbx_synonyms 
_chem_comp.formula 
_chem_comp.formula_weight 
ALA 'L-peptide linking' y ALANINE         ? 'C3 H7 N O2'     89.093  
ARG 'L-peptide linking' y ARGININE        ? 'C6 H15 N4 O2 1' 175.209 
ASN 'L-peptide linking' y ASPARAGINE      ? 'C4 H8 N2 O3'    132.118 
ASP 'L-peptide linking' y 'ASPARTIC ACID' ? 'C4 H7 N O4'     133.103 
CYS 'L-peptide linking' y CYSTEINE        ? 'C3 H7 N O2 S'   121.158 
GLN 'L-peptide linking' y GLUTAMINE       ? 'C5 H10 N2 O3'   146.144 
GLU 'L-peptide linking' y 'GLUTAMIC ACID' ? 'C5 H9 N O4'     147.129 
GLY 'peptide linking'   y GLYCINE         ? 'C2 H5 N O2'     75.067  
HIS 'L-peptide linking' y HISTIDINE       ? 'C6 H10 N3 O2 1' 156.162 
HOH non-polymer         . WATER           ? 'H2 O'           18.015  
ILE 'L-peptide linking' y ISOLEUCINE      ? 'C6 H13 N O2'    131.173 
LEU 'L-peptide linking' y LEUCINE         ? 'C6 H13 N O2'    131.173 
LYS 'L-peptide linking' y LYSINE          ? 'C6 H15 N2 O2 1' 147.195 
PHE 'L-peptide linking' y PHENYLALANINE   ? 'C9 H11 N O2'    165.189 
PRO 'L-peptide linking' y PROLINE         ? 'C5 H9 N O2'     115.130 
SER 'L-peptide linking' y SERINE          ? 'C3 H7 N O3'     105.093 
THR 'L-peptide linking' y THREONINE       ? 'C4 H9 N O3'     119.119 
TRP 'L-peptide linking' y TRYPTOPHAN      ? 'C11 H12 N2 O2'  204.225 
TYR 'L-peptide linking' y TYROSINE        ? 'C9 H11 N O3'    181.189 
VAL 'L-peptide linking' y VALINE          ? 'C5 H11 N O2'    117.146 
# 
loop_
_pdbx_poly_seq_scheme.asym_id 
_pdbx_poly_seq_scheme.entity_id 
_pdbx_poly_seq_scheme.seq_id 
_pdbx_poly_seq_scheme.mon_id 
_pdbx_poly_seq_scheme.ndb_seq_num 
_pdbx_poly_seq_scheme.pdb_seq_num 
_pdbx_poly_seq_scheme.auth_seq_num 
_pdbx_poly_seq_scheme.pdb_mon_id 
_pdbx_poly_seq_scheme.auth_mon_id 
_pdbx_poly_seq_scheme.pdb_strand_id 
_pdbx_poly_seq_scheme.pdb_ins_code 
_pdbx_poly_seq_scheme.hetero 
A 1 1   SER 1   1   ?   ?   ?   A . n 
A 1 2   GLU 2   2   ?   ?   ?   A . n 
A 1 3   LEU 3   3   3   LEU LEU A . n 
A 1 4   ILE 4   4   4   ILE ILE A . n 
A 1 5   VAL 5   5   5   VAL VAL A . n 
A 1 6   ASN 6   6   6   ASN ASN A . n 
A 1 7   VAL 7   7   7   VAL VAL A . n 
A 1 8   ILE 8   8   8   ILE ILE A . n 
A 1 9   ASN 9   9   9   ASN ASN A . n 
A 1 10  GLY 10  10  10  GLY GLY A . n 
A 1 11  PRO 11  11  11  PRO PRO A . n 
A 1 12  ASN 12  12  12  ASN ASN A . n 
A 1 13  LEU 13  13  13  LEU LEU A . n 
A 1 14  GLY 14  14  14  GLY GLY A . n 
A 1 15  ARG 15  15  15  ARG ARG A . n 
A 1 16  LEU 16  16  16  LEU LEU A . n 
A 1 17  GLY 17  17  17  GLY GLY A . n 
A 1 18  ARG 18  18  18  ARG ARG A . n 
A 1 19  ARG 19  19  19  ARG ARG A . n 
A 1 20  GLU 20  20  ?   ?   ?   A . n 
A 1 21  PRO 21  21  ?   ?   ?   A . n 
A 1 22  ALA 22  22  ?   ?   ?   A . n 
A 1 23  VAL 23  23  ?   ?   ?   A . n 
A 1 24  TYR 24  24  ?   ?   ?   A . n 
A 1 25  GLY 25  25  25  GLY GLY A . n 
A 1 26  GLY 26  26  26  GLY GLY A . n 
A 1 27  THR 27  27  27  THR THR A . n 
A 1 28  THR 28  28  28  THR THR A . n 
A 1 29  HIS 29  29  29  HIS HIS A . n 
A 1 30  ASP 30  30  30  ASP ASP A . n 
A 1 31  GLU 31  31  31  GLU GLU A . n 
A 1 32  LEU 32  32  32  LEU LEU A . n 
A 1 33  VAL 33  33  33  VAL VAL A . n 
A 1 34  ALA 34  34  34  ALA ALA A . n 
A 1 35  LEU 35  35  35  LEU LEU A . n 
A 1 36  ILE 36  36  36  ILE ILE A . n 
A 1 37  GLU 37  37  37  GLU GLU A . n 
A 1 38  ARG 38  38  38  ARG ARG A . n 
A 1 39  GLU 39  39  39  GLU GLU A . n 
A 1 40  ALA 40  40  40  ALA ALA A . n 
A 1 41  ALA 41  41  41  ALA ALA A . n 
A 1 42  GLU 42  42  42  GLU GLU A . n 
A 1 43  LEU 43  43  43  LEU LEU A . n 
A 1 44  GLY 44  44  44  GLY GLY A . n 
A 1 45  LEU 45  45  45  LEU LEU A . n 
A 1 46  LYS 46  46  46  LYS LYS A . n 
A 1 47  ALA 47  47  47  ALA ALA A . n 
A 1 48  VAL 48  48  48  VAL VAL A . n 
A 1 49  VAL 49  49  49  VAL VAL A . n 
A 1 50  ARG 50  50  50  ARG ARG A . n 
A 1 51  GLN 51  51  51  GLN GLN A . n 
A 1 52  SER 52  52  52  SER SER A . n 
A 1 53  ASP 53  53  53  ASP ASP A . n 
A 1 54  SER 54  54  54  SER SER A . n 
A 1 55  GLU 55  55  55  GLU GLU A . n 
A 1 56  ALA 56  56  56  ALA ALA A . n 
A 1 57  GLN 57  57  57  GLN GLN A . n 
A 1 58  LEU 58  58  58  LEU LEU A . n 
A 1 59  LEU 59  59  59  LEU LEU A . n 
A 1 60  ASP 60  60  60  ASP ASP A . n 
A 1 61  TRP 61  61  61  TRP TRP A . n 
A 1 62  ILE 62  62  62  ILE ILE A . n 
A 1 63  HIS 63  63  63  HIS HIS A . n 
A 1 64  GLN 64  64  64  GLN GLN A . n 
A 1 65  ALA 65  65  65  ALA ALA A . n 
A 1 66  ALA 66  66  66  ALA ALA A . n 
A 1 67  ASP 67  67  67  ASP ASP A . n 
A 1 68  ALA 68  68  68  ALA ALA A . n 
A 1 69  ALA 69  69  69  ALA ALA A . n 
A 1 70  GLU 70  70  70  GLU GLU A . n 
A 1 71  PRO 71  71  71  PRO PRO A . n 
A 1 72  VAL 72  72  72  VAL VAL A . n 
A 1 73  ILE 73  73  73  ILE ILE A . n 
A 1 74  LEU 74  74  74  LEU LEU A . n 
A 1 75  ASN 75  75  75  ASN ASN A . n 
A 1 76  ALA 76  76  76  ALA ALA A . n 
A 1 77  GLY 77  77  77  GLY GLY A . n 
A 1 78  GLY 78  78  78  GLY GLY A . n 
A 1 79  LEU 79  79  79  LEU LEU A . n 
A 1 80  THR 80  80  80  THR THR A . n 
A 1 81  HIS 81  81  81  HIS HIS A . n 
A 1 82  THR 82  82  82  THR THR A . n 
A 1 83  SER 83  83  83  SER SER A . n 
A 1 84  VAL 84  84  84  VAL VAL A . n 
A 1 85  ALA 85  85  85  ALA ALA A . n 
A 1 86  LEU 86  86  86  LEU LEU A . n 
A 1 87  ARG 87  87  87  ARG ARG A . n 
A 1 88  ASP 88  88  88  ASP ASP A . n 
A 1 89  ALA 89  89  89  ALA ALA A . n 
A 1 90  CYS 90  90  90  CYS CYS A . n 
A 1 91  ALA 91  91  91  ALA ALA A . n 
A 1 92  GLU 92  92  92  GLU GLU A . n 
A 1 93  LEU 93  93  93  LEU LEU A . n 
A 1 94  SER 94  94  94  SER SER A . n 
A 1 95  ALA 95  95  95  ALA ALA A . n 
A 1 96  PRO 96  96  96  PRO PRO A . n 
A 1 97  LEU 97  97  97  LEU LEU A . n 
A 1 98  ILE 98  98  98  ILE ILE A . n 
A 1 99  GLU 99  99  99  GLU GLU A . n 
A 1 100 VAL 100 100 100 VAL VAL A . n 
A 1 101 HIS 101 101 101 HIS HIS A . n 
A 1 102 ILE 102 102 102 ILE ILE A . n 
A 1 103 SER 103 103 103 SER SER A . n 
A 1 104 ASN 104 104 104 ASN ASN A . n 
A 1 105 VAL 105 105 105 VAL VAL A . n 
A 1 106 HIS 106 106 106 HIS HIS A . n 
A 1 107 ALA 107 107 107 ALA ALA A . n 
A 1 108 ARG 108 108 108 ARG ARG A . n 
A 1 109 GLU 109 109 109 GLU GLU A . n 
A 1 110 GLU 110 110 110 GLU GLU A . n 
A 1 111 PHE 111 111 111 PHE PHE A . n 
A 1 112 ARG 112 112 112 ARG ARG A . n 
A 1 113 ARG 113 113 113 ARG ARG A . n 
A 1 114 HIS 114 114 114 HIS HIS A . n 
A 1 115 SER 115 115 115 SER SER A . n 
A 1 116 TYR 116 116 116 TYR TYR A . n 
A 1 117 LEU 117 117 117 LEU LEU A . n 
A 1 118 SER 118 118 118 SER SER A . n 
A 1 119 PRO 119 119 119 PRO PRO A . n 
A 1 120 ILE 120 120 120 ILE ILE A . n 
A 1 121 ALA 121 121 121 ALA ALA A . n 
A 1 122 THR 122 122 122 THR THR A . n 
A 1 123 GLY 123 123 123 GLY GLY A . n 
A 1 124 VAL 124 124 124 VAL VAL A . n 
A 1 125 ILE 125 125 125 ILE ILE A . n 
A 1 126 VAL 126 126 126 VAL VAL A . n 
A 1 127 GLY 127 127 127 GLY GLY A . n 
A 1 128 LEU 128 128 128 LEU LEU A . n 
A 1 129 GLY 129 129 129 GLY GLY A . n 
A 1 130 ILE 130 130 130 ILE ILE A . n 
A 1 131 GLN 131 131 131 GLN GLN A . n 
A 1 132 GLY 132 132 132 GLY GLY A . n 
A 1 133 TYR 133 133 133 TYR TYR A . n 
A 1 134 LEU 134 134 134 LEU LEU A . n 
A 1 135 LEU 135 135 135 LEU LEU A . n 
A 1 136 ALA 136 136 136 ALA ALA A . n 
A 1 137 LEU 137 137 137 LEU LEU A . n 
A 1 138 ARG 138 138 138 ARG ARG A . n 
A 1 139 TYR 139 139 139 TYR TYR A . n 
A 1 140 LEU 140 140 140 LEU LEU A . n 
A 1 141 ALA 141 141 141 ALA ALA A . n 
A 1 142 GLU 142 142 142 GLU GLU A . n 
A 1 143 HIS 143 143 143 HIS HIS A . n 
A 1 144 VAL 144 144 ?   ?   ?   A . n 
A 1 145 GLY 145 145 ?   ?   ?   A . n 
A 1 146 THR 146 146 ?   ?   ?   A . n 
# 
loop_
_pdbx_nonpoly_scheme.asym_id 
_pdbx_nonpoly_scheme.entity_id 
_pdbx_nonpoly_scheme.mon_id 
_pdbx_nonpoly_scheme.ndb_seq_num 
_pdbx_nonpoly_scheme.pdb_seq_num 
_pdbx_nonpoly_scheme.auth_seq_num 
_pdbx_nonpoly_scheme.pdb_mon_id 
_pdbx_nonpoly_scheme.auth_mon_id 
_pdbx_nonpoly_scheme.pdb_strand_id 
_pdbx_nonpoly_scheme.pdb_ins_code 
B 2 HOH 1   147 1   HOH HOH A . 
B 2 HOH 2   148 2   HOH HOH A . 
B 2 HOH 3   149 3   HOH HOH A . 
B 2 HOH 4   150 4   HOH HOH A . 
B 2 HOH 5   151 5   HOH HOH A . 
B 2 HOH 6   152 7   HOH HOH A . 
B 2 HOH 7   153 8   HOH HOH A . 
B 2 HOH 8   154 9   HOH HOH A . 
B 2 HOH 9   155 11  HOH HOH A . 
B 2 HOH 10  156 12  HOH HOH A . 
B 2 HOH 11  157 13  HOH HOH A . 
B 2 HOH 12  158 14  HOH HOH A . 
B 2 HOH 13  159 15  HOH HOH A . 
B 2 HOH 14  160 16  HOH HOH A . 
B 2 HOH 15  161 17  HOH HOH A . 
B 2 HOH 16  162 18  HOH HOH A . 
B 2 HOH 17  163 19  HOH HOH A . 
B 2 HOH 18  164 21  HOH HOH A . 
B 2 HOH 19  165 22  HOH HOH A . 
B 2 HOH 20  166 23  HOH HOH A . 
B 2 HOH 21  167 24  HOH HOH A . 
B 2 HOH 22  168 25  HOH HOH A . 
B 2 HOH 23  169 26  HOH HOH A . 
B 2 HOH 24  170 27  HOH HOH A . 
B 2 HOH 25  171 28  HOH HOH A . 
B 2 HOH 26  172 29  HOH HOH A . 
B 2 HOH 27  173 30  HOH HOH A . 
B 2 HOH 28  174 31  HOH HOH A . 
B 2 HOH 29  175 32  HOH HOH A . 
B 2 HOH 30  176 33  HOH HOH A . 
B 2 HOH 31  177 34  HOH HOH A . 
B 2 HOH 32  178 35  HOH HOH A . 
B 2 HOH 33  179 36  HOH HOH A . 
B 2 HOH 34  180 37  HOH HOH A . 
B 2 HOH 35  181 38  HOH HOH A . 
B 2 HOH 36  182 39  HOH HOH A . 
B 2 HOH 37  183 40  HOH HOH A . 
B 2 HOH 38  184 41  HOH HOH A . 
B 2 HOH 39  185 42  HOH HOH A . 
B 2 HOH 40  186 44  HOH HOH A . 
B 2 HOH 41  187 45  HOH HOH A . 
B 2 HOH 42  188 46  HOH HOH A . 
B 2 HOH 43  189 47  HOH HOH A . 
B 2 HOH 44  190 48  HOH HOH A . 
B 2 HOH 45  191 49  HOH HOH A . 
B 2 HOH 46  192 50  HOH HOH A . 
B 2 HOH 47  193 51  HOH HOH A . 
B 2 HOH 48  194 52  HOH HOH A . 
B 2 HOH 49  195 53  HOH HOH A . 
B 2 HOH 50  196 54  HOH HOH A . 
B 2 HOH 51  197 55  HOH HOH A . 
B 2 HOH 52  198 57  HOH HOH A . 
B 2 HOH 53  199 58  HOH HOH A . 
B 2 HOH 54  200 59  HOH HOH A . 
B 2 HOH 55  201 60  HOH HOH A . 
B 2 HOH 56  202 61  HOH HOH A . 
B 2 HOH 57  203 62  HOH HOH A . 
B 2 HOH 58  204 63  HOH HOH A . 
B 2 HOH 59  205 65  HOH HOH A . 
B 2 HOH 60  206 66  HOH HOH A . 
B 2 HOH 61  207 67  HOH HOH A . 
B 2 HOH 62  208 68  HOH HOH A . 
B 2 HOH 63  209 69  HOH HOH A . 
B 2 HOH 64  210 70  HOH HOH A . 
B 2 HOH 65  211 71  HOH HOH A . 
B 2 HOH 66  212 72  HOH HOH A . 
B 2 HOH 67  213 73  HOH HOH A . 
B 2 HOH 68  214 74  HOH HOH A . 
B 2 HOH 69  215 75  HOH HOH A . 
B 2 HOH 70  216 76  HOH HOH A . 
B 2 HOH 71  217 77  HOH HOH A . 
B 2 HOH 72  218 78  HOH HOH A . 
B 2 HOH 73  219 79  HOH HOH A . 
B 2 HOH 74  220 80  HOH HOH A . 
B 2 HOH 75  221 81  HOH HOH A . 
B 2 HOH 76  222 84  HOH HOH A . 
B 2 HOH 77  223 85  HOH HOH A . 
B 2 HOH 78  224 86  HOH HOH A . 
B 2 HOH 79  225 88  HOH HOH A . 
B 2 HOH 80  226 91  HOH HOH A . 
B 2 HOH 81  227 92  HOH HOH A . 
B 2 HOH 82  228 93  HOH HOH A . 
B 2 HOH 83  229 95  HOH HOH A . 
B 2 HOH 84  230 96  HOH HOH A . 
B 2 HOH 85  231 97  HOH HOH A . 
B 2 HOH 86  232 98  HOH HOH A . 
B 2 HOH 87  233 99  HOH HOH A . 
B 2 HOH 88  234 100 HOH HOH A . 
B 2 HOH 89  235 101 HOH HOH A . 
B 2 HOH 90  236 102 HOH HOH A . 
B 2 HOH 91  237 103 HOH HOH A . 
B 2 HOH 92  238 104 HOH HOH A . 
B 2 HOH 93  239 105 HOH HOH A . 
B 2 HOH 94  240 106 HOH HOH A . 
B 2 HOH 95  241 107 HOH HOH A . 
B 2 HOH 96  242 108 HOH HOH A . 
B 2 HOH 97  243 109 HOH HOH A . 
B 2 HOH 98  244 110 HOH HOH A . 
B 2 HOH 99  245 111 HOH HOH A . 
B 2 HOH 100 246 112 HOH HOH A . 
B 2 HOH 101 247 113 HOH HOH A . 
B 2 HOH 102 248 114 HOH HOH A . 
B 2 HOH 103 249 115 HOH HOH A . 
B 2 HOH 104 250 116 HOH HOH A . 
B 2 HOH 105 251 117 HOH HOH A . 
B 2 HOH 106 252 119 HOH HOH A . 
B 2 HOH 107 253 120 HOH HOH A . 
B 2 HOH 108 254 121 HOH HOH A . 
B 2 HOH 109 255 122 HOH HOH A . 
B 2 HOH 110 256 123 HOH HOH A . 
B 2 HOH 111 257 125 HOH HOH A . 
B 2 HOH 112 258 126 HOH HOH A . 
B 2 HOH 113 259 127 HOH HOH A . 
B 2 HOH 114 260 128 HOH HOH A . 
B 2 HOH 115 261 129 HOH HOH A . 
B 2 HOH 116 262 130 HOH HOH A . 
B 2 HOH 117 263 131 HOH HOH A . 
B 2 HOH 118 264 132 HOH HOH A . 
B 2 HOH 119 265 133 HOH HOH A . 
B 2 HOH 120 266 134 HOH HOH A . 
B 2 HOH 121 267 135 HOH HOH A . 
B 2 HOH 122 268 136 HOH HOH A . 
B 2 HOH 123 269 137 HOH HOH A . 
# 
loop_
_pdbx_unobs_or_zero_occ_atoms.id 
_pdbx_unobs_or_zero_occ_atoms.PDB_model_num 
_pdbx_unobs_or_zero_occ_atoms.polymer_flag 
_pdbx_unobs_or_zero_occ_atoms.occupancy_flag 
_pdbx_unobs_or_zero_occ_atoms.auth_asym_id 
_pdbx_unobs_or_zero_occ_atoms.auth_comp_id 
_pdbx_unobs_or_zero_occ_atoms.auth_seq_id 
_pdbx_unobs_or_zero_occ_atoms.PDB_ins_code 
_pdbx_unobs_or_zero_occ_atoms.auth_atom_id 
_pdbx_unobs_or_zero_occ_atoms.label_alt_id 
_pdbx_unobs_or_zero_occ_atoms.label_asym_id 
_pdbx_unobs_or_zero_occ_atoms.label_comp_id 
_pdbx_unobs_or_zero_occ_atoms.label_seq_id 
_pdbx_unobs_or_zero_occ_atoms.label_atom_id 
1 1 Y 1 A ARG 19 ? CG  ? A ARG 19 CG  
2 1 Y 1 A ARG 19 ? CD  ? A ARG 19 CD  
3 1 Y 1 A ARG 19 ? NE  ? A ARG 19 NE  
4 1 Y 1 A ARG 19 ? CZ  ? A ARG 19 CZ  
5 1 Y 1 A ARG 19 ? NH1 ? A ARG 19 NH1 
6 1 Y 1 A ARG 19 ? NH2 ? A ARG 19 NH2 
# 
loop_
_software.name 
_software.classification 
_software.version 
_software.citation_id 
_software.pdbx_ordinal 
MLPHARE   phasing          . ? 1 
REFMAC    refinement       . ? 2 
DENZO     'data reduction' . ? 3 
SCALEPACK 'data scaling'   . ? 4 
# 
_cell.entry_id           2DHQ 
_cell.length_a           127.680 
_cell.length_b           127.680 
_cell.length_c           127.680 
_cell.angle_alpha        90.00 
_cell.angle_beta         90.00 
_cell.angle_gamma        90.00 
_cell.Z_PDB              48 
_cell.pdbx_unique_axis   ? 
# 
_symmetry.entry_id                         2DHQ 
_symmetry.space_group_name_H-M             'F 2 3' 
_symmetry.pdbx_full_space_group_name_H-M   ? 
_symmetry.cell_setting                     ? 
_symmetry.Int_Tables_number                196 
# 
_exptl.entry_id          2DHQ 
_exptl.method            'X-RAY DIFFRACTION' 
_exptl.crystals_number   2 
# 
_exptl_crystal.id                    1 
_exptl_crystal.density_meas          ? 
_exptl_crystal.density_Matthews      2.77 
_exptl_crystal.density_percent_sol   55.5000 
_exptl_crystal.description           ? 
# 
_exptl_crystal_grow.crystal_id      1 
_exptl_crystal_grow.method          ? 
_exptl_crystal_grow.temp            ? 
_exptl_crystal_grow.temp_details    ? 
_exptl_crystal_grow.pH              7.20 
_exptl_crystal_grow.pdbx_details    'pH 7.20' 
_exptl_crystal_grow.pdbx_pH_range   . 
# 
_diffrn.id                     1 
_diffrn.ambient_temp           287.00 
_diffrn.ambient_temp_details   ? 
_diffrn.crystal_id             1 
# 
_diffrn_detector.diffrn_id              1 
_diffrn_detector.detector               'AREA DETECTOR' 
_diffrn_detector.type                   MARRESEARCH 
_diffrn_detector.pdbx_collection_date   ? 
_diffrn_detector.details                MIRRORS 
# 
_diffrn_radiation.diffrn_id                        1 
_diffrn_radiation.wavelength_id                    1 
_diffrn_radiation.pdbx_monochromatic_or_laue_m_l   M 
_diffrn_radiation.monochromator                    ? 
_diffrn_radiation.pdbx_diffrn_protocol             'SINGLE WAVELENGTH' 
_diffrn_radiation.pdbx_scattering_type             x-ray 
# 
_diffrn_radiation_wavelength.id           1 
_diffrn_radiation_wavelength.wavelength   0.89 
_diffrn_radiation_wavelength.wt           1.0 
# 
_diffrn_source.diffrn_id                   1 
_diffrn_source.source                      SYNCHROTRON 
_diffrn_source.type                        'SRS BEAMLINE PX9.5' 
_diffrn_source.pdbx_synchrotron_site       SRS 
_diffrn_source.pdbx_synchrotron_beamline   PX9.5 
_diffrn_source.pdbx_wavelength             0.89 
_diffrn_source.pdbx_wavelength_list        ? 
# 
_reflns.entry_id                     2DHQ 
_reflns.observed_criterion_sigma_I   ? 
_reflns.observed_criterion_sigma_F   ? 
_reflns.d_resolution_low             30.000 
_reflns.d_resolution_high            2.000 
_reflns.number_obs                   11412 
_reflns.number_all                   ? 
_reflns.percent_possible_obs         97.400 
_reflns.pdbx_Rmerge_I_obs            0.0620000 
_reflns.pdbx_Rsym_value              ? 
_reflns.pdbx_netI_over_sigmaI        7.4400 
_reflns.B_iso_Wilson_estimate        19.55 
_reflns.pdbx_redundancy              3.300 
_reflns.R_free_details               ? 
_reflns.limit_h_max                  ? 
_reflns.limit_h_min                  ? 
_reflns.limit_k_max                  ? 
_reflns.limit_k_min                  ? 
_reflns.limit_l_max                  ? 
_reflns.limit_l_min                  ? 
_reflns.observed_criterion_F_max     ? 
_reflns.observed_criterion_F_min     ? 
_reflns.pdbx_ordinal                 1 
_reflns.pdbx_diffrn_id               1 
# 
_reflns_shell.d_res_high             2.000 
_reflns_shell.d_res_low              2.110 
_reflns_shell.percent_possible_all   94.60 
_reflns_shell.Rmerge_I_obs           0.1020000 
_reflns_shell.pdbx_Rsym_value        ? 
_reflns_shell.meanI_over_sigI_obs    7.000 
_reflns_shell.pdbx_redundancy        2.700 
_reflns_shell.percent_possible_obs   ? 
_reflns_shell.number_unique_all      ? 
_reflns_shell.pdbx_ordinal           1 
_reflns_shell.pdbx_diffrn_id         1 
# 
_refine.entry_id                                 2DHQ 
_refine.ls_number_reflns_obs                     11412 
_refine.ls_number_reflns_all                     ? 
_refine.pdbx_ls_sigma_I                          ? 
_refine.pdbx_ls_sigma_F                          0.000 
_refine.pdbx_data_cutoff_high_absF               ? 
_refine.pdbx_data_cutoff_low_absF                ? 
_refine.pdbx_data_cutoff_high_rms_absF           ? 
_refine.ls_d_res_low                             30.000 
_refine.ls_d_res_high                            2.000 
_refine.ls_percent_reflns_obs                    97.400 
_refine.ls_R_factor_obs                          ? 
_refine.ls_R_factor_all                          ? 
_refine.ls_R_factor_R_work                       0.1471000 
_refine.ls_R_factor_R_free                       0.1960000 
_refine.ls_R_factor_R_free_error                 ? 
_refine.ls_R_factor_R_free_error_details         ? 
_refine.ls_percent_reflns_R_free                 10.000 
_refine.ls_number_reflns_R_free                  1117 
_refine.ls_number_parameters                     ? 
_refine.ls_number_restraints                     ? 
_refine.occupancy_min                            ? 
_refine.occupancy_max                            ? 
_refine.B_iso_mean                               20.10 
_refine.aniso_B[1][1]                            ? 
_refine.aniso_B[2][2]                            ? 
_refine.aniso_B[3][3]                            ? 
_refine.aniso_B[1][2]                            ? 
_refine.aniso_B[1][3]                            ? 
_refine.aniso_B[2][3]                            ? 
_refine.solvent_model_details                    ? 
_refine.solvent_model_param_ksol                 ? 
_refine.solvent_model_param_bsol                 ? 
_refine.pdbx_ls_cross_valid_method               THROUGHOUT 
_refine.details                                  'THR: THE C-TERMINAL RESIDUE WAS NOT SEEN IN THE DENSITY MAP' 
_refine.pdbx_starting_model                      ? 
_refine.pdbx_method_to_determine_struct          MIRAS 
_refine.pdbx_isotropic_thermal_model             ? 
_refine.pdbx_stereochemistry_target_values       ? 
_refine.pdbx_stereochem_target_val_spec_case     ? 
_refine.pdbx_R_Free_selection_details            RANDOM 
_refine.pdbx_overall_ESU_R                       ? 
_refine.pdbx_overall_ESU_R_Free                  ? 
_refine.overall_SU_ML                            ? 
_refine.overall_SU_B                             ? 
_refine.ls_redundancy_reflns_obs                 ? 
_refine.B_iso_min                                ? 
_refine.B_iso_max                                ? 
_refine.pdbx_refine_id                           'X-RAY DIFFRACTION' 
_refine.pdbx_diffrn_id                           1 
_refine.pdbx_TLS_residual_ADP_flag               ? 
_refine.correlation_coeff_Fo_to_Fc               ? 
_refine.correlation_coeff_Fo_to_Fc_free          ? 
_refine.pdbx_solvent_vdw_probe_radii             ? 
_refine.pdbx_solvent_ion_probe_radii             ? 
_refine.pdbx_solvent_shrinkage_radii             ? 
_refine.pdbx_overall_phase_error                 ? 
_refine.overall_SU_R_Cruickshank_DPI             ? 
_refine.pdbx_overall_SU_R_free_Cruickshank_DPI   ? 
_refine.pdbx_overall_SU_R_Blow_DPI               ? 
_refine.pdbx_overall_SU_R_free_Blow_DPI          ? 
# 
_refine_hist.pdbx_refine_id                   'X-RAY DIFFRACTION' 
_refine_hist.cycle_id                         LAST 
_refine_hist.pdbx_number_atoms_protein        1025 
_refine_hist.pdbx_number_atoms_nucleic_acid   0 
_refine_hist.pdbx_number_atoms_ligand         0 
_refine_hist.number_atoms_solvent             123 
_refine_hist.number_atoms_total               1148 
_refine_hist.d_res_high                       2.000 
_refine_hist.d_res_low                        30.000 
# 
loop_
_refine_ls_restr.type 
_refine_ls_restr.dev_ideal 
_refine_ls_restr.dev_ideal_target 
_refine_ls_restr.weight 
_refine_ls_restr.number 
_refine_ls_restr.pdbx_refine_id 
_refine_ls_restr.pdbx_restraint_function 
p_bond_d            0.014  0.020 ? ? 'X-RAY DIFFRACTION' ? 
p_angle_d           0.033  0.040 ? ? 'X-RAY DIFFRACTION' ? 
p_angle_deg         ?      ?     ? ? 'X-RAY DIFFRACTION' ? 
p_planar_d          0.035  0.050 ? ? 'X-RAY DIFFRACTION' ? 
p_hb_or_metal_coord ?      ?     ? ? 'X-RAY DIFFRACTION' ? 
p_mcbond_it         1.988  2.000 ? ? 'X-RAY DIFFRACTION' ? 
p_mcangle_it        3.012  3.000 ? ? 'X-RAY DIFFRACTION' ? 
p_scbond_it         2.279  2.000 ? ? 'X-RAY DIFFRACTION' ? 
p_scangle_it        3.625  3.000 ? ? 'X-RAY DIFFRACTION' ? 
p_plane_restr       ?      ?     ? ? 'X-RAY DIFFRACTION' ? 
p_chiral_restr      0.156  0.150 ? ? 'X-RAY DIFFRACTION' ? 
p_singtor_nbd       0.175  0.300 ? ? 'X-RAY DIFFRACTION' ? 
p_multtor_nbd       0.270  0.300 ? ? 'X-RAY DIFFRACTION' ? 
p_xhyhbond_nbd      ?      ?     ? ? 'X-RAY DIFFRACTION' ? 
p_xyhbond_nbd       0.089  0.300 ? ? 'X-RAY DIFFRACTION' ? 
p_planar_tor        3.700  7.000 ? ? 'X-RAY DIFFRACTION' ? 
p_staggered_tor     16.30  15.00 ? ? 'X-RAY DIFFRACTION' ? 
p_orthonormal_tor   ?      ?     ? ? 'X-RAY DIFFRACTION' ? 
p_transverse_tor    34.000 20.00 ? ? 'X-RAY DIFFRACTION' ? 
p_special_tor       15.000 ?     ? ? 'X-RAY DIFFRACTION' ? 
# 
_struct.entry_id                  2DHQ 
_struct.title                     '3-DEHYDROQUINATE DEHYDRATASE FROM MYCOBACTERIUM TUBERCULOSIS' 
_struct.pdbx_model_details        ? 
_struct.pdbx_CASP_flag            ? 
_struct.pdbx_model_type_details   ? 
# 
_struct_keywords.entry_id        2DHQ 
_struct_keywords.pdbx_keywords   DEHYDRATASE 
_struct_keywords.text            'DEHYDRATASE, SHIKIMATE PATHWAY, ALPHA/BETA PROTEIN' 
# 
loop_
_struct_asym.id 
_struct_asym.pdbx_blank_PDB_chainid_flag 
_struct_asym.pdbx_modified 
_struct_asym.entity_id 
_struct_asym.details 
A N N 1 ? 
B N N 2 ? 
# 
_struct_ref.id                         1 
_struct_ref.db_name                    UNP 
_struct_ref.db_code                    AROQ_MYCTU 
_struct_ref.entity_id                  1 
_struct_ref.pdbx_db_accession          P0A4Z6 
_struct_ref.pdbx_align_begin           ? 
_struct_ref.pdbx_seq_one_letter_code   ? 
_struct_ref.pdbx_db_isoform            ? 
# 
_struct_ref_seq.align_id                      1 
_struct_ref_seq.ref_id                        1 
_struct_ref_seq.pdbx_PDB_id_code              2DHQ 
_struct_ref_seq.pdbx_strand_id                A 
_struct_ref_seq.seq_align_beg                 1 
_struct_ref_seq.pdbx_seq_align_beg_ins_code   ? 
_struct_ref_seq.seq_align_end                 146 
_struct_ref_seq.pdbx_seq_align_end_ins_code   ? 
_struct_ref_seq.pdbx_db_accession             P0A4Z6 
_struct_ref_seq.db_align_beg                  2 
_struct_ref_seq.pdbx_db_align_beg_ins_code    ? 
_struct_ref_seq.db_align_end                  147 
_struct_ref_seq.pdbx_db_align_end_ins_code    ? 
_struct_ref_seq.pdbx_auth_seq_align_beg       1 
_struct_ref_seq.pdbx_auth_seq_align_end       146 
# 
_struct_ref_seq_dif.align_id                     1 
_struct_ref_seq_dif.pdbx_pdb_id_code             2DHQ 
_struct_ref_seq_dif.mon_id                       TYR 
_struct_ref_seq_dif.pdbx_pdb_strand_id           A 
_struct_ref_seq_dif.seq_num                      116 
_struct_ref_seq_dif.pdbx_pdb_ins_code            ? 
_struct_ref_seq_dif.pdbx_seq_db_name             UNP 
_struct_ref_seq_dif.pdbx_seq_db_accession_code   P0A4Z6 
_struct_ref_seq_dif.db_mon_id                    ILE 
_struct_ref_seq_dif.pdbx_seq_db_seq_num          116 
_struct_ref_seq_dif.details                      'SEE REMARK 999' 
_struct_ref_seq_dif.pdbx_auth_seq_num            116 
_struct_ref_seq_dif.pdbx_ordinal                 1 
# 
loop_
_pdbx_struct_assembly.id 
_pdbx_struct_assembly.details 
_pdbx_struct_assembly.method_details 
_pdbx_struct_assembly.oligomeric_details 
_pdbx_struct_assembly.oligomeric_count 
1 author_defined_assembly   ?        decameric   10 
2 software_defined_assembly PISA,PQS dodecameric 12 
# 
loop_
_pdbx_struct_assembly_prop.biol_id 
_pdbx_struct_assembly_prop.type 
_pdbx_struct_assembly_prop.value 
_pdbx_struct_assembly_prop.details 
2 'ABSA (A^2)' 25370 ? 
2 MORE         -66   ? 
2 'SSA (A^2)'  57810 ? 
# 
loop_
_pdbx_struct_assembly_gen.assembly_id 
_pdbx_struct_assembly_gen.oper_expression 
_pdbx_struct_assembly_gen.asym_id_list 
1 1,2,3,4,5,6,7,8,9,10       A,B 
2 1,2,3,4,5,6,7,8,9,11,12,10 A,B 
# 
loop_
_pdbx_struct_oper_list.id 
_pdbx_struct_oper_list.type 
_pdbx_struct_oper_list.name 
_pdbx_struct_oper_list.symmetry_operation 
_pdbx_struct_oper_list.matrix[1][1] 
_pdbx_struct_oper_list.matrix[1][2] 
_pdbx_struct_oper_list.matrix[1][3] 
_pdbx_struct_oper_list.vector[1] 
_pdbx_struct_oper_list.matrix[2][1] 
_pdbx_struct_oper_list.matrix[2][2] 
_pdbx_struct_oper_list.matrix[2][3] 
_pdbx_struct_oper_list.vector[2] 
_pdbx_struct_oper_list.matrix[3][1] 
_pdbx_struct_oper_list.matrix[3][2] 
_pdbx_struct_oper_list.matrix[3][3] 
_pdbx_struct_oper_list.vector[3] 
1  'identity operation'         1_555  x,y,z             1.0000000000  0.0000000000  0.0000000000  0.0000000000   0.0000000000  1.0000000000  0.0000000000  0.0000000000   0.0000000000  0.0000000000  1.0000000000  0.0000000000   
2  'crystal symmetry operation' 6_566  z,-x+1,-y+1       0.3686692938  -0.8466313918 -0.3837945260 -35.6749146984 -0.5976603908 0.1003374265  -0.7954460749 -40.2528285237 0.7119585726  0.5226353291  -0.4690067203 11.7093157846  
3  'crystal symmetry operation' 12_665 -y+1,-z+1,x       0.3686692938  -0.5976603908 0.7119585726  -19.2418233693 -0.8466313918 0.1003374265  0.5226353291  -32.2843395691 -0.3837945260 -0.7954460749 -0.4690067203 -40.2190436367 
4  'crystal symmetry operation' 16_565 x,-y+3/2,-z+1/2   -0.5421288994 -0.1340662704 0.8295314892  -16.0077006447 -0.1340662704 -0.9607449240 -0.2428897408 -60.7992713007 0.8295314892  -0.2428897408 0.5028738234  -0.9905206073  
5  'crystal symmetry operation' 17_554 z,x+1/2,y-1/2     0.4708518761  0.8790739429  -0.0743472506 18.4424943506  0.3518456363  -0.1098367197 0.9295916002  -20.1878405358 0.8090136952  -0.4638587046 -0.3610151564 -14.9186782401 
6  'crystal symmetry operation' 22_655 -y+1,z+1/2,-x+1/2 -0.4047312101 -0.3492904618 -0.8450969299 -34.6108742829 0.8571904479  0.1769331173  -0.4836519493 -17.4337833567 0.3184606470  -0.9201580545 0.2277980927  -29.3357883782 
7  'crystal symmetry operation' 27_555 -x+1/2,y,-z+1/2   -0.9971597644 0.0745818251  0.0104859736  -22.4159780153 0.0745818251  0.9584462003  0.2753514707  2.0184968896   0.0104859736  0.2753514707  -0.9612864360 -8.2850220728  
8  'crystal symmetry operation' 31_564 -z+1/2,-x+1,y-1/2 -0.4047312101 0.8571904479  0.3184606470  10.2782656805  -0.3492904618 0.1769331173  -0.9201580545 -35.9981965879 -0.8450969299 -0.4836519493 0.2277980927  -30.9987902594 
9  'crystal symmetry operation' 35_465 y-1/2,-z+1,-x+1/2 -0.4347899598 0.5951052163  -0.6758753379 -6.0583667559  -0.8896329990 -0.1674338241 0.4248753248  -41.4337688210 0.1396811296  0.7860125292  0.6022237839  21.2856894088  
10 'crystal symmetry operation' 45_455 y-1/2,z+1/2,x     0.4708518761  0.3518456363  0.8090136952  10.4887355456  0.8790739429  -0.1098367197 -0.4638587046 -25.3498411719 -0.0743472506 0.9295916002  -0.3610151564 14.7517267808  
11 'crystal symmetry operation' 38_565 -x+1/2,-y+3/2,z   0.5392886638  0.0594844453  -0.8400174628 -10.9986502024 0.0594844453  -0.9977012764 -0.0324617299 -57.7209585077 -0.8400174628 -0.0324617299 -0.5415873874 -24.2418731451 
12 'crystal symmetry operation' 44_556 -z+1/2,x+1/2,-y+1 -0.4347899598 -0.8896329990 0.1396811296  -42.4681741952 0.5951052163  -0.1674338241 0.7860125292  -20.0628672714 -0.6758753379 0.4248753248  0.6022237839  0.6907368896 
# 
_struct_biol.id   1 
# 
loop_
_struct_conf.conf_type_id 
_struct_conf.id 
_struct_conf.pdbx_PDB_helix_id 
_struct_conf.beg_label_comp_id 
_struct_conf.beg_label_asym_id 
_struct_conf.beg_label_seq_id 
_struct_conf.pdbx_beg_PDB_ins_code 
_struct_conf.end_label_comp_id 
_struct_conf.end_label_asym_id 
_struct_conf.end_label_seq_id 
_struct_conf.pdbx_end_PDB_ins_code 
_struct_conf.beg_auth_comp_id 
_struct_conf.beg_auth_asym_id 
_struct_conf.beg_auth_seq_id 
_struct_conf.end_auth_comp_id 
_struct_conf.end_auth_asym_id 
_struct_conf.end_auth_seq_id 
_struct_conf.pdbx_PDB_helix_class 
_struct_conf.details 
_struct_conf.pdbx_PDB_helix_length 
HELX_P HELX_P1 1 LEU A 13  ? ARG A 15  ? LEU A 13  ARG A 15  5 ? 3  
HELX_P HELX_P2 2 HIS A 29  ? LEU A 43  ? HIS A 29  LEU A 43  1 ? 15 
HELX_P HELX_P3 3 GLU A 55  ? ALA A 68  ? GLU A 55  ALA A 68  1 ? 14 
HELX_P HELX_P4 4 GLY A 77  ? HIS A 81  ? GLY A 77  HIS A 81  5 ? 5  
HELX_P HELX_P5 5 VAL A 84  ? GLU A 92  ? VAL A 84  GLU A 92  1 ? 9  
HELX_P HELX_P6 6 VAL A 105 ? ALA A 107 ? VAL A 105 ALA A 107 5 ? 3  
HELX_P HELX_P7 7 GLU A 110 ? ARG A 113 ? GLU A 110 ARG A 113 5 ? 4  
HELX_P HELX_P8 8 SER A 118 ? ILE A 120 ? SER A 118 ILE A 120 5 ? 3  
HELX_P HELX_P9 9 GLY A 129 ? ALA A 141 ? GLY A 129 ALA A 141 5 ? 13 
# 
_struct_conf_type.id          HELX_P 
_struct_conf_type.criteria    ? 
_struct_conf_type.reference   ? 
# 
_struct_sheet.id               A 
_struct_sheet.type             ? 
_struct_sheet.number_strands   5 
_struct_sheet.details          ? 
# 
loop_
_struct_sheet_order.sheet_id 
_struct_sheet_order.range_id_1 
_struct_sheet_order.range_id_2 
_struct_sheet_order.offset 
_struct_sheet_order.sense 
A 1 2 ? parallel 
A 2 3 ? parallel 
A 3 4 ? parallel 
A 4 5 ? parallel 
# 
loop_
_struct_sheet_range.sheet_id 
_struct_sheet_range.id 
_struct_sheet_range.beg_label_comp_id 
_struct_sheet_range.beg_label_asym_id 
_struct_sheet_range.beg_label_seq_id 
_struct_sheet_range.pdbx_beg_PDB_ins_code 
_struct_sheet_range.end_label_comp_id 
_struct_sheet_range.end_label_asym_id 
_struct_sheet_range.end_label_seq_id 
_struct_sheet_range.pdbx_end_PDB_ins_code 
_struct_sheet_range.beg_auth_comp_id 
_struct_sheet_range.beg_auth_asym_id 
_struct_sheet_range.beg_auth_seq_id 
_struct_sheet_range.end_auth_comp_id 
_struct_sheet_range.end_auth_asym_id 
_struct_sheet_range.end_auth_seq_id 
A 1 LYS A 46  ? GLN A 51  ? LYS A 46  GLN A 51  
A 2 ILE A 4   ? ASN A 9   ? ILE A 4   ASN A 9   
A 3 PRO A 71  ? ASN A 75  ? PRO A 71  ASN A 75  
A 4 LEU A 97  ? HIS A 101 ? LEU A 97  HIS A 101 
A 5 GLY A 123 ? VAL A 126 ? GLY A 123 VAL A 126 
# 
loop_
_pdbx_struct_sheet_hbond.sheet_id 
_pdbx_struct_sheet_hbond.range_id_1 
_pdbx_struct_sheet_hbond.range_id_2 
_pdbx_struct_sheet_hbond.range_1_label_atom_id 
_pdbx_struct_sheet_hbond.range_1_label_comp_id 
_pdbx_struct_sheet_hbond.range_1_label_asym_id 
_pdbx_struct_sheet_hbond.range_1_label_seq_id 
_pdbx_struct_sheet_hbond.range_1_PDB_ins_code 
_pdbx_struct_sheet_hbond.range_1_auth_atom_id 
_pdbx_struct_sheet_hbond.range_1_auth_comp_id 
_pdbx_struct_sheet_hbond.range_1_auth_asym_id 
_pdbx_struct_sheet_hbond.range_1_auth_seq_id 
_pdbx_struct_sheet_hbond.range_2_label_atom_id 
_pdbx_struct_sheet_hbond.range_2_label_comp_id 
_pdbx_struct_sheet_hbond.range_2_label_asym_id 
_pdbx_struct_sheet_hbond.range_2_label_seq_id 
_pdbx_struct_sheet_hbond.range_2_PDB_ins_code 
_pdbx_struct_sheet_hbond.range_2_auth_atom_id 
_pdbx_struct_sheet_hbond.range_2_auth_comp_id 
_pdbx_struct_sheet_hbond.range_2_auth_asym_id 
_pdbx_struct_sheet_hbond.range_2_auth_seq_id 
A 1 2 O LYS A 46 ? O LYS A 46 N VAL A 5   ? N VAL A 5   
A 2 3 O ASN A 6  ? O ASN A 6  N PRO A 71  ? N PRO A 71  
A 3 4 O VAL A 72 ? O VAL A 72 N ILE A 98  ? N ILE A 98  
A 4 5 O GLU A 99 ? O GLU A 99 N GLY A 123 ? N GLY A 123 
# 
loop_
_pdbx_validate_rmsd_angle.id 
_pdbx_validate_rmsd_angle.PDB_model_num 
_pdbx_validate_rmsd_angle.auth_atom_id_1 
_pdbx_validate_rmsd_angle.auth_asym_id_1 
_pdbx_validate_rmsd_angle.auth_comp_id_1 
_pdbx_validate_rmsd_angle.auth_seq_id_1 
_pdbx_validate_rmsd_angle.PDB_ins_code_1 
_pdbx_validate_rmsd_angle.label_alt_id_1 
_pdbx_validate_rmsd_angle.auth_atom_id_2 
_pdbx_validate_rmsd_angle.auth_asym_id_2 
_pdbx_validate_rmsd_angle.auth_comp_id_2 
_pdbx_validate_rmsd_angle.auth_seq_id_2 
_pdbx_validate_rmsd_angle.PDB_ins_code_2 
_pdbx_validate_rmsd_angle.label_alt_id_2 
_pdbx_validate_rmsd_angle.auth_atom_id_3 
_pdbx_validate_rmsd_angle.auth_asym_id_3 
_pdbx_validate_rmsd_angle.auth_comp_id_3 
_pdbx_validate_rmsd_angle.auth_seq_id_3 
_pdbx_validate_rmsd_angle.PDB_ins_code_3 
_pdbx_validate_rmsd_angle.label_alt_id_3 
_pdbx_validate_rmsd_angle.angle_value 
_pdbx_validate_rmsd_angle.angle_target_value 
_pdbx_validate_rmsd_angle.angle_deviation 
_pdbx_validate_rmsd_angle.angle_standard_deviation 
_pdbx_validate_rmsd_angle.linker_flag 
1 1 CB A ASP 53  ? ? CG A ASP 53  ? ? OD1 A ASP 53  ? ? 125.77 118.30 7.47  0.90 N 
2 1 NE A ARG 87  ? ? CZ A ARG 87  ? ? NH1 A ARG 87  ? ? 125.04 120.30 4.74  0.50 N 
3 1 NE A ARG 87  ? ? CZ A ARG 87  ? ? NH2 A ARG 87  ? ? 116.69 120.30 -3.61 0.50 N 
4 1 NE A ARG 112 ? ? CZ A ARG 112 ? ? NH2 A ARG 112 ? ? 114.42 120.30 -5.88 0.50 N 
5 1 CA A VAL 126 ? ? CB A VAL 126 ? ? CG1 A VAL 126 ? ? 120.01 110.90 9.11  1.50 N 
# 
loop_
_pdbx_validate_torsion.id 
_pdbx_validate_torsion.PDB_model_num 
_pdbx_validate_torsion.auth_comp_id 
_pdbx_validate_torsion.auth_asym_id 
_pdbx_validate_torsion.auth_seq_id 
_pdbx_validate_torsion.PDB_ins_code 
_pdbx_validate_torsion.label_alt_id 
_pdbx_validate_torsion.phi 
_pdbx_validate_torsion.psi 
1 1 ASN A 12  ? ? 74.07   -5.50   
2 1 ARG A 108 ? ? -115.04 -141.20 
# 
loop_
_pdbx_struct_special_symmetry.id 
_pdbx_struct_special_symmetry.PDB_model_num 
_pdbx_struct_special_symmetry.auth_asym_id 
_pdbx_struct_special_symmetry.auth_comp_id 
_pdbx_struct_special_symmetry.auth_seq_id 
_pdbx_struct_special_symmetry.PDB_ins_code 
_pdbx_struct_special_symmetry.label_asym_id 
_pdbx_struct_special_symmetry.label_comp_id 
_pdbx_struct_special_symmetry.label_seq_id 
1 1 A HOH 151 ? B HOH . 
2 1 A HOH 165 ? B HOH . 
3 1 A HOH 259 ? B HOH . 
# 
loop_
_pdbx_unobs_or_zero_occ_residues.id 
_pdbx_unobs_or_zero_occ_residues.PDB_model_num 
_pdbx_unobs_or_zero_occ_residues.polymer_flag 
_pdbx_unobs_or_zero_occ_residues.occupancy_flag 
_pdbx_unobs_or_zero_occ_residues.auth_asym_id 
_pdbx_unobs_or_zero_occ_residues.auth_comp_id 
_pdbx_unobs_or_zero_occ_residues.auth_seq_id 
_pdbx_unobs_or_zero_occ_residues.PDB_ins_code 
_pdbx_unobs_or_zero_occ_residues.label_asym_id 
_pdbx_unobs_or_zero_occ_residues.label_comp_id 
_pdbx_unobs_or_zero_occ_residues.label_seq_id 
1  1 Y 1 A SER 1   ? A SER 1   
2  1 Y 1 A GLU 2   ? A GLU 2   
3  1 Y 1 A GLU 20  ? A GLU 20  
4  1 Y 1 A PRO 21  ? A PRO 21  
5  1 Y 1 A ALA 22  ? A ALA 22  
6  1 Y 1 A VAL 23  ? A VAL 23  
7  1 Y 1 A TYR 24  ? A TYR 24  
8  1 Y 1 A VAL 144 ? A VAL 144 
9  1 Y 1 A GLY 145 ? A GLY 145 
10 1 Y 1 A THR 146 ? A THR 146 
# 
loop_
_chem_comp_atom.comp_id 
_chem_comp_atom.atom_id 
_chem_comp_atom.type_symbol 
_chem_comp_atom.pdbx_aromatic_flag 
_chem_comp_atom.pdbx_stereo_config 
_chem_comp_atom.pdbx_ordinal 
ALA N    N N N 1   
ALA CA   C N S 2   
ALA C    C N N 3   
ALA O    O N N 4   
ALA CB   C N N 5   
ALA OXT  O N N 6   
ALA H    H N N 7   
ALA H2   H N N 8   
ALA HA   H N N 9   
ALA HB1  H N N 10  
ALA HB2  H N N 11  
ALA HB3  H N N 12  
ALA HXT  H N N 13  
ARG N    N N N 14  
ARG CA   C N S 15  
ARG C    C N N 16  
ARG O    O N N 17  
ARG CB   C N N 18  
ARG CG   C N N 19  
ARG CD   C N N 20  
ARG NE   N N N 21  
ARG CZ   C N N 22  
ARG NH1  N N N 23  
ARG NH2  N N N 24  
ARG OXT  O N N 25  
ARG H    H N N 26  
ARG H2   H N N 27  
ARG HA   H N N 28  
ARG HB2  H N N 29  
ARG HB3  H N N 30  
ARG HG2  H N N 31  
ARG HG3  H N N 32  
ARG HD2  H N N 33  
ARG HD3  H N N 34  
ARG HE   H N N 35  
ARG HH11 H N N 36  
ARG HH12 H N N 37  
ARG HH21 H N N 38  
ARG HH22 H N N 39  
ARG HXT  H N N 40  
ASN N    N N N 41  
ASN CA   C N S 42  
ASN C    C N N 43  
ASN O    O N N 44  
ASN CB   C N N 45  
ASN CG   C N N 46  
ASN OD1  O N N 47  
ASN ND2  N N N 48  
ASN OXT  O N N 49  
ASN H    H N N 50  
ASN H2   H N N 51  
ASN HA   H N N 52  
ASN HB2  H N N 53  
ASN HB3  H N N 54  
ASN HD21 H N N 55  
ASN HD22 H N N 56  
ASN HXT  H N N 57  
ASP N    N N N 58  
ASP CA   C N S 59  
ASP C    C N N 60  
ASP O    O N N 61  
ASP CB   C N N 62  
ASP CG   C N N 63  
ASP OD1  O N N 64  
ASP OD2  O N N 65  
ASP OXT  O N N 66  
ASP H    H N N 67  
ASP H2   H N N 68  
ASP HA   H N N 69  
ASP HB2  H N N 70  
ASP HB3  H N N 71  
ASP HD2  H N N 72  
ASP HXT  H N N 73  
CYS N    N N N 74  
CYS CA   C N R 75  
CYS C    C N N 76  
CYS O    O N N 77  
CYS CB   C N N 78  
CYS SG   S N N 79  
CYS OXT  O N N 80  
CYS H    H N N 81  
CYS H2   H N N 82  
CYS HA   H N N 83  
CYS HB2  H N N 84  
CYS HB3  H N N 85  
CYS HG   H N N 86  
CYS HXT  H N N 87  
GLN N    N N N 88  
GLN CA   C N S 89  
GLN C    C N N 90  
GLN O    O N N 91  
GLN CB   C N N 92  
GLN CG   C N N 93  
GLN CD   C N N 94  
GLN OE1  O N N 95  
GLN NE2  N N N 96  
GLN OXT  O N N 97  
GLN H    H N N 98  
GLN H2   H N N 99  
GLN HA   H N N 100 
GLN HB2  H N N 101 
GLN HB3  H N N 102 
GLN HG2  H N N 103 
GLN HG3  H N N 104 
GLN HE21 H N N 105 
GLN HE22 H N N 106 
GLN HXT  H N N 107 
GLU N    N N N 108 
GLU CA   C N S 109 
GLU C    C N N 110 
GLU O    O N N 111 
GLU CB   C N N 112 
GLU CG   C N N 113 
GLU CD   C N N 114 
GLU OE1  O N N 115 
GLU OE2  O N N 116 
GLU OXT  O N N 117 
GLU H    H N N 118 
GLU H2   H N N 119 
GLU HA   H N N 120 
GLU HB2  H N N 121 
GLU HB3  H N N 122 
GLU HG2  H N N 123 
GLU HG3  H N N 124 
GLU HE2  H N N 125 
GLU HXT  H N N 126 
GLY N    N N N 127 
GLY CA   C N N 128 
GLY C    C N N 129 
GLY O    O N N 130 
GLY OXT  O N N 131 
GLY H    H N N 132 
GLY H2   H N N 133 
GLY HA2  H N N 134 
GLY HA3  H N N 135 
GLY HXT  H N N 136 
HIS N    N N N 137 
HIS CA   C N S 138 
HIS C    C N N 139 
HIS O    O N N 140 
HIS CB   C N N 141 
HIS CG   C Y N 142 
HIS ND1  N Y N 143 
HIS CD2  C Y N 144 
HIS CE1  C Y N 145 
HIS NE2  N Y N 146 
HIS OXT  O N N 147 
HIS H    H N N 148 
HIS H2   H N N 149 
HIS HA   H N N 150 
HIS HB2  H N N 151 
HIS HB3  H N N 152 
HIS HD1  H N N 153 
HIS HD2  H N N 154 
HIS HE1  H N N 155 
HIS HE2  H N N 156 
HIS HXT  H N N 157 
HOH O    O N N 158 
HOH H1   H N N 159 
HOH H2   H N N 160 
ILE N    N N N 161 
ILE CA   C N S 162 
ILE C    C N N 163 
ILE O    O N N 164 
ILE CB   C N S 165 
ILE CG1  C N N 166 
ILE CG2  C N N 167 
ILE CD1  C N N 168 
ILE OXT  O N N 169 
ILE H    H N N 170 
ILE H2   H N N 171 
ILE HA   H N N 172 
ILE HB   H N N 173 
ILE HG12 H N N 174 
ILE HG13 H N N 175 
ILE HG21 H N N 176 
ILE HG22 H N N 177 
ILE HG23 H N N 178 
ILE HD11 H N N 179 
ILE HD12 H N N 180 
ILE HD13 H N N 181 
ILE HXT  H N N 182 
LEU N    N N N 183 
LEU CA   C N S 184 
LEU C    C N N 185 
LEU O    O N N 186 
LEU CB   C N N 187 
LEU CG   C N N 188 
LEU CD1  C N N 189 
LEU CD2  C N N 190 
LEU OXT  O N N 191 
LEU H    H N N 192 
LEU H2   H N N 193 
LEU HA   H N N 194 
LEU HB2  H N N 195 
LEU HB3  H N N 196 
LEU HG   H N N 197 
LEU HD11 H N N 198 
LEU HD12 H N N 199 
LEU HD13 H N N 200 
LEU HD21 H N N 201 
LEU HD22 H N N 202 
LEU HD23 H N N 203 
LEU HXT  H N N 204 
LYS N    N N N 205 
LYS CA   C N S 206 
LYS C    C N N 207 
LYS O    O N N 208 
LYS CB   C N N 209 
LYS CG   C N N 210 
LYS CD   C N N 211 
LYS CE   C N N 212 
LYS NZ   N N N 213 
LYS OXT  O N N 214 
LYS H    H N N 215 
LYS H2   H N N 216 
LYS HA   H N N 217 
LYS HB2  H N N 218 
LYS HB3  H N N 219 
LYS HG2  H N N 220 
LYS HG3  H N N 221 
LYS HD2  H N N 222 
LYS HD3  H N N 223 
LYS HE2  H N N 224 
LYS HE3  H N N 225 
LYS HZ1  H N N 226 
LYS HZ2  H N N 227 
LYS HZ3  H N N 228 
LYS HXT  H N N 229 
PHE N    N N N 230 
PHE CA   C N S 231 
PHE C    C N N 232 
PHE O    O N N 233 
PHE CB   C N N 234 
PHE CG   C Y N 235 
PHE CD1  C Y N 236 
PHE CD2  C Y N 237 
PHE CE1  C Y N 238 
PHE CE2  C Y N 239 
PHE CZ   C Y N 240 
PHE OXT  O N N 241 
PHE H    H N N 242 
PHE H2   H N N 243 
PHE HA   H N N 244 
PHE HB2  H N N 245 
PHE HB3  H N N 246 
PHE HD1  H N N 247 
PHE HD2  H N N 248 
PHE HE1  H N N 249 
PHE HE2  H N N 250 
PHE HZ   H N N 251 
PHE HXT  H N N 252 
PRO N    N N N 253 
PRO CA   C N S 254 
PRO C    C N N 255 
PRO O    O N N 256 
PRO CB   C N N 257 
PRO CG   C N N 258 
PRO CD   C N N 259 
PRO OXT  O N N 260 
PRO H    H N N 261 
PRO HA   H N N 262 
PRO HB2  H N N 263 
PRO HB3  H N N 264 
PRO HG2  H N N 265 
PRO HG3  H N N 266 
PRO HD2  H N N 267 
PRO HD3  H N N 268 
PRO HXT  H N N 269 
SER N    N N N 270 
SER CA   C N S 271 
SER C    C N N 272 
SER O    O N N 273 
SER CB   C N N 274 
SER OG   O N N 275 
SER OXT  O N N 276 
SER H    H N N 277 
SER H2   H N N 278 
SER HA   H N N 279 
SER HB2  H N N 280 
SER HB3  H N N 281 
SER HG   H N N 282 
SER HXT  H N N 283 
THR N    N N N 284 
THR CA   C N S 285 
THR C    C N N 286 
THR O    O N N 287 
THR CB   C N R 288 
THR OG1  O N N 289 
THR CG2  C N N 290 
THR OXT  O N N 291 
THR H    H N N 292 
THR H2   H N N 293 
THR HA   H N N 294 
THR HB   H N N 295 
THR HG1  H N N 296 
THR HG21 H N N 297 
THR HG22 H N N 298 
THR HG23 H N N 299 
THR HXT  H N N 300 
TRP N    N N N 301 
TRP CA   C N S 302 
TRP C    C N N 303 
TRP O    O N N 304 
TRP CB   C N N 305 
TRP CG   C Y N 306 
TRP CD1  C Y N 307 
TRP CD2  C Y N 308 
TRP NE1  N Y N 309 
TRP CE2  C Y N 310 
TRP CE3  C Y N 311 
TRP CZ2  C Y N 312 
TRP CZ3  C Y N 313 
TRP CH2  C Y N 314 
TRP OXT  O N N 315 
TRP H    H N N 316 
TRP H2   H N N 317 
TRP HA   H N N 318 
TRP HB2  H N N 319 
TRP HB3  H N N 320 
TRP HD1  H N N 321 
TRP HE1  H N N 322 
TRP HE3  H N N 323 
TRP HZ2  H N N 324 
TRP HZ3  H N N 325 
TRP HH2  H N N 326 
TRP HXT  H N N 327 
TYR N    N N N 328 
TYR CA   C N S 329 
TYR C    C N N 330 
TYR O    O N N 331 
TYR CB   C N N 332 
TYR CG   C Y N 333 
TYR CD1  C Y N 334 
TYR CD2  C Y N 335 
TYR CE1  C Y N 336 
TYR CE2  C Y N 337 
TYR CZ   C Y N 338 
TYR OH   O N N 339 
TYR OXT  O N N 340 
TYR H    H N N 341 
TYR H2   H N N 342 
TYR HA   H N N 343 
TYR HB2  H N N 344 
TYR HB3  H N N 345 
TYR HD1  H N N 346 
TYR HD2  H N N 347 
TYR HE1  H N N 348 
TYR HE2  H N N 349 
TYR HH   H N N 350 
TYR HXT  H N N 351 
VAL N    N N N 352 
VAL CA   C N S 353 
VAL C    C N N 354 
VAL O    O N N 355 
VAL CB   C N N 356 
VAL CG1  C N N 357 
VAL CG2  C N N 358 
VAL OXT  O N N 359 
VAL H    H N N 360 
VAL H2   H N N 361 
VAL HA   H N N 362 
VAL HB   H N N 363 
VAL HG11 H N N 364 
VAL HG12 H N N 365 
VAL HG13 H N N 366 
VAL HG21 H N N 367 
VAL HG22 H N N 368 
VAL HG23 H N N 369 
VAL HXT  H N N 370 
# 
loop_
_chem_comp_bond.comp_id 
_chem_comp_bond.atom_id_1 
_chem_comp_bond.atom_id_2 
_chem_comp_bond.value_order 
_chem_comp_bond.pdbx_aromatic_flag 
_chem_comp_bond.pdbx_stereo_config 
_chem_comp_bond.pdbx_ordinal 
ALA N   CA   sing N N 1   
ALA N   H    sing N N 2   
ALA N   H2   sing N N 3   
ALA CA  C    sing N N 4   
ALA CA  CB   sing N N 5   
ALA CA  HA   sing N N 6   
ALA C   O    doub N N 7   
ALA C   OXT  sing N N 8   
ALA CB  HB1  sing N N 9   
ALA CB  HB2  sing N N 10  
ALA CB  HB3  sing N N 11  
ALA OXT HXT  sing N N 12  
ARG N   CA   sing N N 13  
ARG N   H    sing N N 14  
ARG N   H2   sing N N 15  
ARG CA  C    sing N N 16  
ARG CA  CB   sing N N 17  
ARG CA  HA   sing N N 18  
ARG C   O    doub N N 19  
ARG C   OXT  sing N N 20  
ARG CB  CG   sing N N 21  
ARG CB  HB2  sing N N 22  
ARG CB  HB3  sing N N 23  
ARG CG  CD   sing N N 24  
ARG CG  HG2  sing N N 25  
ARG CG  HG3  sing N N 26  
ARG CD  NE   sing N N 27  
ARG CD  HD2  sing N N 28  
ARG CD  HD3  sing N N 29  
ARG NE  CZ   sing N N 30  
ARG NE  HE   sing N N 31  
ARG CZ  NH1  sing N N 32  
ARG CZ  NH2  doub N N 33  
ARG NH1 HH11 sing N N 34  
ARG NH1 HH12 sing N N 35  
ARG NH2 HH21 sing N N 36  
ARG NH2 HH22 sing N N 37  
ARG OXT HXT  sing N N 38  
ASN N   CA   sing N N 39  
ASN N   H    sing N N 40  
ASN N   H2   sing N N 41  
ASN CA  C    sing N N 42  
ASN CA  CB   sing N N 43  
ASN CA  HA   sing N N 44  
ASN C   O    doub N N 45  
ASN C   OXT  sing N N 46  
ASN CB  CG   sing N N 47  
ASN CB  HB2  sing N N 48  
ASN CB  HB3  sing N N 49  
ASN CG  OD1  doub N N 50  
ASN CG  ND2  sing N N 51  
ASN ND2 HD21 sing N N 52  
ASN ND2 HD22 sing N N 53  
ASN OXT HXT  sing N N 54  
ASP N   CA   sing N N 55  
ASP N   H    sing N N 56  
ASP N   H2   sing N N 57  
ASP CA  C    sing N N 58  
ASP CA  CB   sing N N 59  
ASP CA  HA   sing N N 60  
ASP C   O    doub N N 61  
ASP C   OXT  sing N N 62  
ASP CB  CG   sing N N 63  
ASP CB  HB2  sing N N 64  
ASP CB  HB3  sing N N 65  
ASP CG  OD1  doub N N 66  
ASP CG  OD2  sing N N 67  
ASP OD2 HD2  sing N N 68  
ASP OXT HXT  sing N N 69  
CYS N   CA   sing N N 70  
CYS N   H    sing N N 71  
CYS N   H2   sing N N 72  
CYS CA  C    sing N N 73  
CYS CA  CB   sing N N 74  
CYS CA  HA   sing N N 75  
CYS C   O    doub N N 76  
CYS C   OXT  sing N N 77  
CYS CB  SG   sing N N 78  
CYS CB  HB2  sing N N 79  
CYS CB  HB3  sing N N 80  
CYS SG  HG   sing N N 81  
CYS OXT HXT  sing N N 82  
GLN N   CA   sing N N 83  
GLN N   H    sing N N 84  
GLN N   H2   sing N N 85  
GLN CA  C    sing N N 86  
GLN CA  CB   sing N N 87  
GLN CA  HA   sing N N 88  
GLN C   O    doub N N 89  
GLN C   OXT  sing N N 90  
GLN CB  CG   sing N N 91  
GLN CB  HB2  sing N N 92  
GLN CB  HB3  sing N N 93  
GLN CG  CD   sing N N 94  
GLN CG  HG2  sing N N 95  
GLN CG  HG3  sing N N 96  
GLN CD  OE1  doub N N 97  
GLN CD  NE2  sing N N 98  
GLN NE2 HE21 sing N N 99  
GLN NE2 HE22 sing N N 100 
GLN OXT HXT  sing N N 101 
GLU N   CA   sing N N 102 
GLU N   H    sing N N 103 
GLU N   H2   sing N N 104 
GLU CA  C    sing N N 105 
GLU CA  CB   sing N N 106 
GLU CA  HA   sing N N 107 
GLU C   O    doub N N 108 
GLU C   OXT  sing N N 109 
GLU CB  CG   sing N N 110 
GLU CB  HB2  sing N N 111 
GLU CB  HB3  sing N N 112 
GLU CG  CD   sing N N 113 
GLU CG  HG2  sing N N 114 
GLU CG  HG3  sing N N 115 
GLU CD  OE1  doub N N 116 
GLU CD  OE2  sing N N 117 
GLU OE2 HE2  sing N N 118 
GLU OXT HXT  sing N N 119 
GLY N   CA   sing N N 120 
GLY N   H    sing N N 121 
GLY N   H2   sing N N 122 
GLY CA  C    sing N N 123 
GLY CA  HA2  sing N N 124 
GLY CA  HA3  sing N N 125 
GLY C   O    doub N N 126 
GLY C   OXT  sing N N 127 
GLY OXT HXT  sing N N 128 
HIS N   CA   sing N N 129 
HIS N   H    sing N N 130 
HIS N   H2   sing N N 131 
HIS CA  C    sing N N 132 
HIS CA  CB   sing N N 133 
HIS CA  HA   sing N N 134 
HIS C   O    doub N N 135 
HIS C   OXT  sing N N 136 
HIS CB  CG   sing N N 137 
HIS CB  HB2  sing N N 138 
HIS CB  HB3  sing N N 139 
HIS CG  ND1  sing Y N 140 
HIS CG  CD2  doub Y N 141 
HIS ND1 CE1  doub Y N 142 
HIS ND1 HD1  sing N N 143 
HIS CD2 NE2  sing Y N 144 
HIS CD2 HD2  sing N N 145 
HIS CE1 NE2  sing Y N 146 
HIS CE1 HE1  sing N N 147 
HIS NE2 HE2  sing N N 148 
HIS OXT HXT  sing N N 149 
HOH O   H1   sing N N 150 
HOH O   H2   sing N N 151 
ILE N   CA   sing N N 152 
ILE N   H    sing N N 153 
ILE N   H2   sing N N 154 
ILE CA  C    sing N N 155 
ILE CA  CB   sing N N 156 
ILE CA  HA   sing N N 157 
ILE C   O    doub N N 158 
ILE C   OXT  sing N N 159 
ILE CB  CG1  sing N N 160 
ILE CB  CG2  sing N N 161 
ILE CB  HB   sing N N 162 
ILE CG1 CD1  sing N N 163 
ILE CG1 HG12 sing N N 164 
ILE CG1 HG13 sing N N 165 
ILE CG2 HG21 sing N N 166 
ILE CG2 HG22 sing N N 167 
ILE CG2 HG23 sing N N 168 
ILE CD1 HD11 sing N N 169 
ILE CD1 HD12 sing N N 170 
ILE CD1 HD13 sing N N 171 
ILE OXT HXT  sing N N 172 
LEU N   CA   sing N N 173 
LEU N   H    sing N N 174 
LEU N   H2   sing N N 175 
LEU CA  C    sing N N 176 
LEU CA  CB   sing N N 177 
LEU CA  HA   sing N N 178 
LEU C   O    doub N N 179 
LEU C   OXT  sing N N 180 
LEU CB  CG   sing N N 181 
LEU CB  HB2  sing N N 182 
LEU CB  HB3  sing N N 183 
LEU CG  CD1  sing N N 184 
LEU CG  CD2  sing N N 185 
LEU CG  HG   sing N N 186 
LEU CD1 HD11 sing N N 187 
LEU CD1 HD12 sing N N 188 
LEU CD1 HD13 sing N N 189 
LEU CD2 HD21 sing N N 190 
LEU CD2 HD22 sing N N 191 
LEU CD2 HD23 sing N N 192 
LEU OXT HXT  sing N N 193 
LYS N   CA   sing N N 194 
LYS N   H    sing N N 195 
LYS N   H2   sing N N 196 
LYS CA  C    sing N N 197 
LYS CA  CB   sing N N 198 
LYS CA  HA   sing N N 199 
LYS C   O    doub N N 200 
LYS C   OXT  sing N N 201 
LYS CB  CG   sing N N 202 
LYS CB  HB2  sing N N 203 
LYS CB  HB3  sing N N 204 
LYS CG  CD   sing N N 205 
LYS CG  HG2  sing N N 206 
LYS CG  HG3  sing N N 207 
LYS CD  CE   sing N N 208 
LYS CD  HD2  sing N N 209 
LYS CD  HD3  sing N N 210 
LYS CE  NZ   sing N N 211 
LYS CE  HE2  sing N N 212 
LYS CE  HE3  sing N N 213 
LYS NZ  HZ1  sing N N 214 
LYS NZ  HZ2  sing N N 215 
LYS NZ  HZ3  sing N N 216 
LYS OXT HXT  sing N N 217 
PHE N   CA   sing N N 218 
PHE N   H    sing N N 219 
PHE N   H2   sing N N 220 
PHE CA  C    sing N N 221 
PHE CA  CB   sing N N 222 
PHE CA  HA   sing N N 223 
PHE C   O    doub N N 224 
PHE C   OXT  sing N N 225 
PHE CB  CG   sing N N 226 
PHE CB  HB2  sing N N 227 
PHE CB  HB3  sing N N 228 
PHE CG  CD1  doub Y N 229 
PHE CG  CD2  sing Y N 230 
PHE CD1 CE1  sing Y N 231 
PHE CD1 HD1  sing N N 232 
PHE CD2 CE2  doub Y N 233 
PHE CD2 HD2  sing N N 234 
PHE CE1 CZ   doub Y N 235 
PHE CE1 HE1  sing N N 236 
PHE CE2 CZ   sing Y N 237 
PHE CE2 HE2  sing N N 238 
PHE CZ  HZ   sing N N 239 
PHE OXT HXT  sing N N 240 
PRO N   CA   sing N N 241 
PRO N   CD   sing N N 242 
PRO N   H    sing N N 243 
PRO CA  C    sing N N 244 
PRO CA  CB   sing N N 245 
PRO CA  HA   sing N N 246 
PRO C   O    doub N N 247 
PRO C   OXT  sing N N 248 
PRO CB  CG   sing N N 249 
PRO CB  HB2  sing N N 250 
PRO CB  HB3  sing N N 251 
PRO CG  CD   sing N N 252 
PRO CG  HG2  sing N N 253 
PRO CG  HG3  sing N N 254 
PRO CD  HD2  sing N N 255 
PRO CD  HD3  sing N N 256 
PRO OXT HXT  sing N N 257 
SER N   CA   sing N N 258 
SER N   H    sing N N 259 
SER N   H2   sing N N 260 
SER CA  C    sing N N 261 
SER CA  CB   sing N N 262 
SER CA  HA   sing N N 263 
SER C   O    doub N N 264 
SER C   OXT  sing N N 265 
SER CB  OG   sing N N 266 
SER CB  HB2  sing N N 267 
SER CB  HB3  sing N N 268 
SER OG  HG   sing N N 269 
SER OXT HXT  sing N N 270 
THR N   CA   sing N N 271 
THR N   H    sing N N 272 
THR N   H2   sing N N 273 
THR CA  C    sing N N 274 
THR CA  CB   sing N N 275 
THR CA  HA   sing N N 276 
THR C   O    doub N N 277 
THR C   OXT  sing N N 278 
THR CB  OG1  sing N N 279 
THR CB  CG2  sing N N 280 
THR CB  HB   sing N N 281 
THR OG1 HG1  sing N N 282 
THR CG2 HG21 sing N N 283 
THR CG2 HG22 sing N N 284 
THR CG2 HG23 sing N N 285 
THR OXT HXT  sing N N 286 
TRP N   CA   sing N N 287 
TRP N   H    sing N N 288 
TRP N   H2   sing N N 289 
TRP CA  C    sing N N 290 
TRP CA  CB   sing N N 291 
TRP CA  HA   sing N N 292 
TRP C   O    doub N N 293 
TRP C   OXT  sing N N 294 
TRP CB  CG   sing N N 295 
TRP CB  HB2  sing N N 296 
TRP CB  HB3  sing N N 297 
TRP CG  CD1  doub Y N 298 
TRP CG  CD2  sing Y N 299 
TRP CD1 NE1  sing Y N 300 
TRP CD1 HD1  sing N N 301 
TRP CD2 CE2  doub Y N 302 
TRP CD2 CE3  sing Y N 303 
TRP NE1 CE2  sing Y N 304 
TRP NE1 HE1  sing N N 305 
TRP CE2 CZ2  sing Y N 306 
TRP CE3 CZ3  doub Y N 307 
TRP CE3 HE3  sing N N 308 
TRP CZ2 CH2  doub Y N 309 
TRP CZ2 HZ2  sing N N 310 
TRP CZ3 CH2  sing Y N 311 
TRP CZ3 HZ3  sing N N 312 
TRP CH2 HH2  sing N N 313 
TRP OXT HXT  sing N N 314 
TYR N   CA   sing N N 315 
TYR N   H    sing N N 316 
TYR N   H2   sing N N 317 
TYR CA  C    sing N N 318 
TYR CA  CB   sing N N 319 
TYR CA  HA   sing N N 320 
TYR C   O    doub N N 321 
TYR C   OXT  sing N N 322 
TYR CB  CG   sing N N 323 
TYR CB  HB2  sing N N 324 
TYR CB  HB3  sing N N 325 
TYR CG  CD1  doub Y N 326 
TYR CG  CD2  sing Y N 327 
TYR CD1 CE1  sing Y N 328 
TYR CD1 HD1  sing N N 329 
TYR CD2 CE2  doub Y N 330 
TYR CD2 HD2  sing N N 331 
TYR CE1 CZ   doub Y N 332 
TYR CE1 HE1  sing N N 333 
TYR CE2 CZ   sing Y N 334 
TYR CE2 HE2  sing N N 335 
TYR CZ  OH   sing N N 336 
TYR OH  HH   sing N N 337 
TYR OXT HXT  sing N N 338 
VAL N   CA   sing N N 339 
VAL N   H    sing N N 340 
VAL N   H2   sing N N 341 
VAL CA  C    sing N N 342 
VAL CA  CB   sing N N 343 
VAL CA  HA   sing N N 344 
VAL C   O    doub N N 345 
VAL C   OXT  sing N N 346 
VAL CB  CG1  sing N N 347 
VAL CB  CG2  sing N N 348 
VAL CB  HB   sing N N 349 
VAL CG1 HG11 sing N N 350 
VAL CG1 HG12 sing N N 351 
VAL CG1 HG13 sing N N 352 
VAL CG2 HG21 sing N N 353 
VAL CG2 HG22 sing N N 354 
VAL CG2 HG23 sing N N 355 
VAL OXT HXT  sing N N 356 
# 
_atom_sites.entry_id                    2DHQ 
_atom_sites.fract_transf_matrix[1][1]   -0.00374739 
_atom_sites.fract_transf_matrix[1][2]   0.00109725 
_atom_sites.fract_transf_matrix[1][3]   -0.00678921 
_atom_sites.fract_transf_matrix[2][1]   -0.00029514 
_atom_sites.fract_transf_matrix[2][2]   -0.00775021 
_atom_sites.fract_transf_matrix[2][3]   -0.00108966 
_atom_sites.fract_transf_matrix[3][1]   -0.00687096 
_atom_sites.fract_transf_matrix[3][2]   -0.00026552 
_atom_sites.fract_transf_matrix[3][3]   0.00374961 
_atom_sites.fract_transf_vector[1]      0.178765 
_atom_sites.fract_transf_vector[2]      0.511487 
_atom_sites.fract_transf_vector[3]      0.188789 
# 
loop_
_atom_type.symbol 
C 
N 
O 
S 
# 
loop_
_atom_site.group_PDB 
_atom_site.id 
_atom_site.type_symbol 
_atom_site.label_atom_id 
_atom_site.label_alt_id 
_atom_site.label_comp_id 
_atom_site.label_asym_id 
_atom_site.label_entity_id 
_atom_site.label_seq_id 
_atom_site.pdbx_PDB_ins_code 
_atom_site.Cartn_x 
_atom_site.Cartn_y 
_atom_site.Cartn_z 
_atom_site.occupancy 
_atom_site.B_iso_or_equiv 
_atom_site.pdbx_formal_charge 
_atom_site.auth_seq_id 
_atom_site.auth_comp_id 
_atom_site.auth_asym_id 
_atom_site.auth_atom_id 
_atom_site.pdbx_PDB_model_num 
ATOM   1    N N   . LEU A 1 3   ? -1.206  13.224  12.314  1.00 39.38 ? 3   LEU A N   1 
ATOM   2    C CA  . LEU A 1 3   ? -1.328  11.741  12.290  1.00 34.77 ? 3   LEU A CA  1 
ATOM   3    C C   . LEU A 1 3   ? -0.476  11.276  11.101  1.00 29.41 ? 3   LEU A C   1 
ATOM   4    O O   . LEU A 1 3   ? -0.293  11.939  10.099  1.00 28.42 ? 3   LEU A O   1 
ATOM   5    C CB  . LEU A 1 3   ? -2.753  11.280  12.310  1.00 39.48 ? 3   LEU A CB  1 
ATOM   6    C CG  . LEU A 1 3   ? -3.426  10.752  11.054  1.00 42.89 ? 3   LEU A CG  1 
ATOM   7    C CD1 . LEU A 1 3   ? -3.240  9.242   10.950  1.00 42.89 ? 3   LEU A CD1 1 
ATOM   8    C CD2 . LEU A 1 3   ? -4.907  11.113  11.065  1.00 44.87 ? 3   LEU A CD2 1 
ATOM   9    N N   . ILE A 1 4   ? 0.252   10.206  11.331  1.00 23.86 ? 4   ILE A N   1 
ATOM   10   C CA  . ILE A 1 4   ? 1.242   9.685   10.404  1.00 22.73 ? 4   ILE A CA  1 
ATOM   11   C C   . ILE A 1 4   ? 0.625   8.515   9.622   1.00 21.68 ? 4   ILE A C   1 
ATOM   12   O O   . ILE A 1 4   ? 0.000   7.701   10.320  1.00 21.09 ? 4   ILE A O   1 
ATOM   13   C CB  . ILE A 1 4   ? 2.436   9.170   11.212  1.00 22.28 ? 4   ILE A CB  1 
ATOM   14   C CG1 . ILE A 1 4   ? 3.030   10.383  12.001  1.00 24.89 ? 4   ILE A CG1 1 
ATOM   15   C CG2 . ILE A 1 4   ? 3.458   8.484   10.324  1.00 21.17 ? 4   ILE A CG2 1 
ATOM   16   C CD1 . ILE A 1 4   ? 4.167   9.973   12.908  1.00 25.72 ? 4   ILE A CD1 1 
ATOM   17   N N   . VAL A 1 5   ? 0.875   8.509   8.316   1.00 18.50 ? 5   VAL A N   1 
ATOM   18   C CA  . VAL A 1 5   ? 0.292   7.330   7.577   1.00 17.31 ? 5   VAL A CA  1 
ATOM   19   C C   . VAL A 1 5   ? 1.449   6.631   6.887   1.00 15.62 ? 5   VAL A C   1 
ATOM   20   O O   . VAL A 1 5   ? 2.259   7.349   6.272   1.00 16.31 ? 5   VAL A O   1 
ATOM   21   C CB  . VAL A 1 5   ? -0.690  7.888   6.510   1.00 19.97 ? 5   VAL A CB  1 
ATOM   22   C CG1 . VAL A 1 5   ? -1.072  6.802   5.497   1.00 19.56 ? 5   VAL A CG1 1 
ATOM   23   C CG2 . VAL A 1 5   ? -1.950  8.416   7.225   1.00 18.98 ? 5   VAL A CG2 1 
ATOM   24   N N   . ASN A 1 6   ? 1.571   5.325   7.024   1.00 13.87 ? 6   ASN A N   1 
ATOM   25   C CA  . ASN A 1 6   ? 2.633   4.643   6.292   1.00 14.40 ? 6   ASN A CA  1 
ATOM   26   C C   . ASN A 1 6   ? 2.167   4.182   4.910   1.00 14.41 ? 6   ASN A C   1 
ATOM   27   O O   . ASN A 1 6   ? 1.116   3.526   4.786   1.00 16.72 ? 6   ASN A O   1 
ATOM   28   C CB  . ASN A 1 6   ? 3.058   3.382   7.080   1.00 14.67 ? 6   ASN A CB  1 
ATOM   29   C CG  . ASN A 1 6   ? 3.598   3.847   8.453   1.00 18.36 ? 6   ASN A CG  1 
ATOM   30   O OD1 . ASN A 1 6   ? 4.676   4.405   8.383   1.00 17.93 ? 6   ASN A OD1 1 
ATOM   31   N ND2 . ASN A 1 6   ? 2.831   3.676   9.505   1.00 18.25 ? 6   ASN A ND2 1 
ATOM   32   N N   . VAL A 1 7   ? 2.903   4.484   3.882   1.00 11.70 ? 7   VAL A N   1 
ATOM   33   C CA  . VAL A 1 7   ? 2.590   3.958   2.536   1.00 12.62 ? 7   VAL A CA  1 
ATOM   34   C C   . VAL A 1 7   ? 3.732   2.993   2.230   1.00 13.29 ? 7   VAL A C   1 
ATOM   35   O O   . VAL A 1 7   ? 4.887   3.383   2.185   1.00 14.20 ? 7   VAL A O   1 
ATOM   36   C CB  . VAL A 1 7   ? 2.460   5.060   1.485   1.00 15.15 ? 7   VAL A CB  1 
ATOM   37   C CG1 . VAL A 1 7   ? 2.212   4.456   0.092   1.00 15.22 ? 7   VAL A CG1 1 
ATOM   38   C CG2 . VAL A 1 7   ? 1.337   6.025   1.810   1.00 15.65 ? 7   VAL A CG2 1 
ATOM   39   N N   . ILE A 1 8   ? 3.424   1.711   2.089   1.00 12.05 ? 8   ILE A N   1 
ATOM   40   C CA  . ILE A 1 8   ? 4.387   0.654   1.902   1.00 12.04 ? 8   ILE A CA  1 
ATOM   41   C C   . ILE A 1 8   ? 4.183   -0.029  0.537   1.00 13.05 ? 8   ILE A C   1 
ATOM   42   O O   . ILE A 1 8   ? 3.088   -0.577  0.274   1.00 13.76 ? 8   ILE A O   1 
ATOM   43   C CB  . ILE A 1 8   ? 4.251   -0.389  3.019   1.00 11.55 ? 8   ILE A CB  1 
ATOM   44   C CG1 . ILE A 1 8   ? 4.521   0.288   4.380   1.00 16.93 ? 8   ILE A CG1 1 
ATOM   45   C CG2 . ILE A 1 8   ? 5.238   -1.552  2.782   1.00 13.32 ? 8   ILE A CG2 1 
ATOM   46   C CD1 . ILE A 1 8   ? 4.343   -0.562  5.617   1.00 16.58 ? 8   ILE A CD1 1 
ATOM   47   N N   . ASN A 1 9   ? 5.217   0.040   -0.280  1.00 11.08 ? 9   ASN A N   1 
ATOM   48   C CA  . ASN A 1 9   ? 5.199   -0.562  -1.605  1.00 10.96 ? 9   ASN A CA  1 
ATOM   49   C C   . ASN A 1 9   ? 6.123   -1.802  -1.589  1.00 11.89 ? 9   ASN A C   1 
ATOM   50   O O   . ASN A 1 9   ? 7.249   -1.730  -1.075  1.00 12.62 ? 9   ASN A O   1 
ATOM   51   C CB  . ASN A 1 9   ? 5.647   0.410   -2.698  1.00 11.76 ? 9   ASN A CB  1 
ATOM   52   C CG  . ASN A 1 9   ? 4.546   1.394   -3.066  1.00 16.92 ? 9   ASN A CG  1 
ATOM   53   O OD1 . ASN A 1 9   ? 3.357   1.066   -2.986  1.00 15.04 ? 9   ASN A OD1 1 
ATOM   54   N ND2 . ASN A 1 9   ? 4.899   2.640   -3.401  1.00 15.42 ? 9   ASN A ND2 1 
ATOM   55   N N   . GLY A 1 10  ? 5.642   -2.908  -2.163  1.00 11.81 ? 10  GLY A N   1 
ATOM   56   C CA  . GLY A 1 10  ? 6.371   -4.176  -2.179  1.00 9.66  ? 10  GLY A CA  1 
ATOM   57   C C   . GLY A 1 10  ? 7.125   -4.370  -3.499  1.00 12.44 ? 10  GLY A C   1 
ATOM   58   O O   . GLY A 1 10  ? 7.485   -3.450  -4.231  1.00 11.70 ? 10  GLY A O   1 
ATOM   59   N N   . PRO A 1 11  ? 7.454   -5.623  -3.785  1.00 11.99 ? 11  PRO A N   1 
ATOM   60   C CA  . PRO A 1 11  ? 8.379   -5.967  -4.853  1.00 13.68 ? 11  PRO A CA  1 
ATOM   61   C C   . PRO A 1 11  ? 7.965   -5.418  -6.197  1.00 13.47 ? 11  PRO A C   1 
ATOM   62   O O   . PRO A 1 11  ? 6.791   -5.483  -6.589  1.00 11.27 ? 11  PRO A O   1 
ATOM   63   C CB  . PRO A 1 11  ? 8.348   -7.515  -4.964  1.00 13.19 ? 11  PRO A CB  1 
ATOM   64   C CG  . PRO A 1 11  ? 7.711   -7.987  -3.688  1.00 13.64 ? 11  PRO A CG  1 
ATOM   65   C CD  . PRO A 1 11  ? 7.128   -6.800  -2.939  1.00 11.68 ? 11  PRO A CD  1 
ATOM   66   N N   . ASN A 1 12  ? 8.972   -4.982  -6.940  1.00 12.30 ? 12  ASN A N   1 
ATOM   67   C CA  . ASN A 1 12  ? 8.865   -4.484  -8.301  1.00 13.74 ? 12  ASN A CA  1 
ATOM   68   C C   . ASN A 1 12  ? 8.245   -3.080  -8.392  1.00 15.57 ? 12  ASN A C   1 
ATOM   69   O O   . ASN A 1 12  ? 8.291   -2.499  -9.486  1.00 15.52 ? 12  ASN A O   1 
ATOM   70   C CB  . ASN A 1 12  ? 8.055   -5.459  -9.181  1.00 13.57 ? 12  ASN A CB  1 
ATOM   71   C CG  . ASN A 1 12  ? 8.778   -6.805  -9.288  1.00 16.67 ? 12  ASN A CG  1 
ATOM   72   O OD1 . ASN A 1 12  ? 10.001  -6.862  -9.413  1.00 14.69 ? 12  ASN A OD1 1 
ATOM   73   N ND2 . ASN A 1 12  ? 8.072   -7.918  -9.107  1.00 15.33 ? 12  ASN A ND2 1 
ATOM   74   N N   . LEU A 1 13  ? 7.768   -2.501  -7.282  1.00 13.01 ? 13  LEU A N   1 
ATOM   75   C CA  . LEU A 1 13  ? 7.168   -1.177  -7.376  1.00 14.48 ? 13  LEU A CA  1 
ATOM   76   C C   . LEU A 1 13  ? 8.235   -0.091  -7.498  1.00 16.24 ? 13  LEU A C   1 
ATOM   77   O O   . LEU A 1 13  ? 7.851   0.994   -7.932  1.00 15.20 ? 13  LEU A O   1 
ATOM   78   C CB  . LEU A 1 13  ? 6.197   -0.906  -6.220  1.00 16.64 ? 13  LEU A CB  1 
ATOM   79   C CG  . LEU A 1 13  ? 4.875   -1.651  -6.636  1.00 22.67 ? 13  LEU A CG  1 
ATOM   80   C CD1 . LEU A 1 13  ? 4.198   -2.300  -5.477  1.00 23.69 ? 13  LEU A CD1 1 
ATOM   81   C CD2 . LEU A 1 13  ? 3.984   -0.685  -7.426  1.00 23.95 ? 13  LEU A CD2 1 
ATOM   82   N N   . GLY A 1 14  ? 9.505   -0.406  -7.281  1.00 13.93 ? 14  GLY A N   1 
ATOM   83   C CA  . GLY A 1 14  ? 10.535  0.635   -7.525  1.00 18.93 ? 14  GLY A CA  1 
ATOM   84   C C   . GLY A 1 14  ? 10.751  0.731   -9.039  1.00 21.60 ? 14  GLY A C   1 
ATOM   85   O O   . GLY A 1 14  ? 11.414  1.634   -9.535  1.00 22.71 ? 14  GLY A O   1 
ATOM   86   N N   . ARG A 1 15  ? 10.173  -0.143  -9.853  1.00 22.10 ? 15  ARG A N   1 
ATOM   87   C CA  . ARG A 1 15  ? 10.335  -0.124  -11.299 1.00 24.02 ? 15  ARG A CA  1 
ATOM   88   C C   . ARG A 1 15  ? 9.204   0.659   -11.970 1.00 26.45 ? 15  ARG A C   1 
ATOM   89   O O   . ARG A 1 15  ? 9.098   0.692   -13.215 1.00 25.83 ? 15  ARG A O   1 
ATOM   90   C CB  . ARG A 1 15  ? 10.294  -1.555  -11.851 1.00 26.05 ? 15  ARG A CB  1 
ATOM   91   C CG  . ARG A 1 15  ? 11.267  -2.537  -11.201 1.00 25.61 ? 15  ARG A CG  1 
ATOM   92   C CD  . ARG A 1 15  ? 12.698  -2.268  -11.669 1.00 24.40 ? 15  ARG A CD  1 
ATOM   93   N NE  . ARG A 1 15  ? 12.772  -2.571  -13.107 1.00 20.68 ? 15  ARG A NE  1 
ATOM   94   C CZ  . ARG A 1 15  ? 13.845  -2.235  -13.829 1.00 21.81 ? 15  ARG A CZ  1 
ATOM   95   N NH1 . ARG A 1 15  ? 14.871  -1.622  -13.252 1.00 19.38 ? 15  ARG A NH1 1 
ATOM   96   N NH2 . ARG A 1 15  ? 13.861  -2.490  -15.134 1.00 20.68 ? 15  ARG A NH2 1 
ATOM   97   N N   . LEU A 1 16  ? 8.320   1.276   -11.197 1.00 25.27 ? 16  LEU A N   1 
ATOM   98   C CA  . LEU A 1 16  ? 7.237   2.039   -11.783 1.00 28.29 ? 16  LEU A CA  1 
ATOM   99   C C   . LEU A 1 16  ? 7.777   3.034   -12.823 1.00 29.84 ? 16  LEU A C   1 
ATOM   100  O O   . LEU A 1 16  ? 8.815   3.676   -12.633 1.00 25.52 ? 16  LEU A O   1 
ATOM   101  C CB  . LEU A 1 16  ? 6.512   2.903   -10.758 1.00 30.62 ? 16  LEU A CB  1 
ATOM   102  C CG  . LEU A 1 16  ? 5.459   2.268   -9.864  1.00 35.07 ? 16  LEU A CG  1 
ATOM   103  C CD1 . LEU A 1 16  ? 4.922   3.305   -8.872  1.00 34.43 ? 16  LEU A CD1 1 
ATOM   104  C CD2 . LEU A 1 16  ? 4.348   1.674   -10.742 1.00 35.74 ? 16  LEU A CD2 1 
ATOM   105  N N   . GLY A 1 17  ? 7.031   3.133   -13.909 1.00 35.84 ? 17  GLY A N   1 
ATOM   106  C CA  . GLY A 1 17  ? 7.275   4.071   -14.984 1.00 44.18 ? 17  GLY A CA  1 
ATOM   107  C C   . GLY A 1 17  ? 8.288   3.603   -15.999 1.00 50.86 ? 17  GLY A C   1 
ATOM   108  O O   . GLY A 1 17  ? 8.396   4.128   -17.107 1.00 51.83 ? 17  GLY A O   1 
ATOM   109  N N   . ARG A 1 18  ? 9.091   2.625   -15.610 1.00 56.12 ? 18  ARG A N   1 
ATOM   110  C CA  . ARG A 1 18  ? 10.132  2.075   -16.454 1.00 61.81 ? 18  ARG A CA  1 
ATOM   111  C C   . ARG A 1 18  ? 9.681   0.705   -16.929 1.00 64.05 ? 18  ARG A C   1 
ATOM   112  O O   . ARG A 1 18  ? 9.437   -0.225  -16.151 1.00 64.70 ? 18  ARG A O   1 
ATOM   113  C CB  . ARG A 1 18  ? 11.458  2.109   -15.698 1.00 64.01 ? 18  ARG A CB  1 
ATOM   114  C CG  . ARG A 1 18  ? 11.886  3.549   -15.423 1.00 66.81 ? 18  ARG A CG  1 
ATOM   115  C CD  . ARG A 1 18  ? 11.749  3.945   -13.953 1.00 68.56 ? 18  ARG A CD  1 
ATOM   116  N NE  . ARG A 1 18  ? 12.938  3.494   -13.239 1.00 70.89 ? 18  ARG A NE  1 
ATOM   117  C CZ  . ARG A 1 18  ? 13.491  3.983   -12.145 1.00 72.02 ? 18  ARG A CZ  1 
ATOM   118  N NH1 . ARG A 1 18  ? 12.978  5.029   -11.513 1.00 72.26 ? 18  ARG A NH1 1 
ATOM   119  N NH2 . ARG A 1 18  ? 14.599  3.414   -11.669 1.00 72.97 ? 18  ARG A NH2 1 
ATOM   120  N N   . ARG A 1 19  ? 9.478   0.639   -18.249 1.00 65.57 ? 19  ARG A N   1 
ATOM   121  C CA  . ARG A 1 19  ? 9.060   -0.615  -18.879 1.00 66.25 ? 19  ARG A CA  1 
ATOM   122  C C   . ARG A 1 19  ? 9.923   -1.759  -18.344 1.00 66.09 ? 19  ARG A C   1 
ATOM   123  O O   . ARG A 1 19  ? 11.145  -1.542  -18.230 1.00 65.39 ? 19  ARG A O   1 
ATOM   124  C CB  . ARG A 1 19  ? 9.235   -0.526  -20.392 1.00 66.99 ? 19  ARG A CB  1 
ATOM   125  N N   . GLY A 1 25  ? 2.638   5.115   -19.626 1.00 56.62 ? 25  GLY A N   1 
ATOM   126  C CA  . GLY A 1 25  ? 2.599   4.934   -18.159 1.00 56.61 ? 25  GLY A CA  1 
ATOM   127  C C   . GLY A 1 25  ? 3.955   5.312   -17.556 1.00 55.05 ? 25  GLY A C   1 
ATOM   128  O O   . GLY A 1 25  ? 4.800   4.453   -17.316 1.00 55.68 ? 25  GLY A O   1 
ATOM   129  N N   . GLY A 1 26  ? 4.175   6.610   -17.375 1.00 53.74 ? 26  GLY A N   1 
ATOM   130  C CA  . GLY A 1 26  ? 5.437   7.144   -16.940 1.00 48.83 ? 26  GLY A CA  1 
ATOM   131  C C   . GLY A 1 26  ? 5.594   7.678   -15.553 1.00 45.94 ? 26  GLY A C   1 
ATOM   132  O O   . GLY A 1 26  ? 6.677   8.266   -15.375 1.00 46.99 ? 26  GLY A O   1 
ATOM   133  N N   . THR A 1 27  ? 4.684   7.534   -14.589 1.00 41.94 ? 27  THR A N   1 
ATOM   134  C CA  . THR A 1 27  ? 5.025   8.064   -13.253 1.00 39.10 ? 27  THR A CA  1 
ATOM   135  C C   . THR A 1 27  ? 6.084   7.140   -12.627 1.00 35.70 ? 27  THR A C   1 
ATOM   136  O O   . THR A 1 27  ? 5.907   5.915   -12.695 1.00 35.85 ? 27  THR A O   1 
ATOM   137  C CB  . THR A 1 27  ? 3.828   8.130   -12.299 1.00 39.71 ? 27  THR A CB  1 
ATOM   138  O OG1 . THR A 1 27  ? 2.719   8.833   -12.870 1.00 41.00 ? 27  THR A OG1 1 
ATOM   139  C CG2 . THR A 1 27  ? 4.196   8.809   -10.980 1.00 39.91 ? 27  THR A CG2 1 
ATOM   140  N N   . THR A 1 28  ? 7.143   7.686   -12.062 1.00 30.51 ? 28  THR A N   1 
ATOM   141  C CA  . THR A 1 28  ? 8.182   6.876   -11.437 1.00 28.13 ? 28  THR A CA  1 
ATOM   142  C C   . THR A 1 28  ? 7.888   6.758   -9.935  1.00 26.18 ? 28  THR A C   1 
ATOM   143  O O   . THR A 1 28  ? 6.962   7.442   -9.436  1.00 23.91 ? 28  THR A O   1 
ATOM   144  C CB  . THR A 1 28  ? 9.561   7.533   -11.601 1.00 27.93 ? 28  THR A CB  1 
ATOM   145  O OG1 . THR A 1 28  ? 9.477   8.809   -10.953 1.00 27.07 ? 28  THR A OG1 1 
ATOM   146  C CG2 . THR A 1 28  ? 9.927   7.716   -13.060 1.00 29.54 ? 28  THR A CG2 1 
ATOM   147  N N   . HIS A 1 29  ? 8.673   5.953   -9.224  1.00 23.98 ? 29  HIS A N   1 
ATOM   148  C CA  . HIS A 1 29  ? 8.427   5.785   -7.780  1.00 23.80 ? 29  HIS A CA  1 
ATOM   149  C C   . HIS A 1 29  ? 8.793   7.089   -7.063  1.00 22.81 ? 29  HIS A C   1 
ATOM   150  O O   . HIS A 1 29  ? 8.047   7.528   -6.189  1.00 19.73 ? 29  HIS A O   1 
ATOM   151  C CB  . HIS A 1 29  ? 9.175   4.552   -7.185  1.00 21.11 ? 29  HIS A CB  1 
ATOM   152  C CG  . HIS A 1 29  ? 8.668   4.238   -5.807  1.00 21.81 ? 29  HIS A CG  1 
ATOM   153  N ND1 . HIS A 1 29  ? 9.252   4.729   -4.666  1.00 19.07 ? 29  HIS A ND1 1 
ATOM   154  C CD2 . HIS A 1 29  ? 7.600   3.461   -5.399  1.00 20.09 ? 29  HIS A CD2 1 
ATOM   155  C CE1 . HIS A 1 29  ? 8.577   4.316   -3.613  1.00 21.53 ? 29  HIS A CE1 1 
ATOM   156  N NE2 . HIS A 1 29  ? 7.567   3.528   -4.020  1.00 20.37 ? 29  HIS A NE2 1 
ATOM   157  N N   . ASP A 1 30  ? 9.893   7.777   -7.449  1.00 23.67 ? 30  ASP A N   1 
ATOM   158  C CA  . ASP A 1 30  ? 10.213  9.068   -6.829  1.00 23.76 ? 30  ASP A CA  1 
ATOM   159  C C   . ASP A 1 30  ? 9.113   10.113  -7.014  1.00 21.92 ? 30  ASP A C   1 
ATOM   160  O O   . ASP A 1 30  ? 8.770   10.814  -6.059  1.00 22.30 ? 30  ASP A O   1 
ATOM   161  C CB  . ASP A 1 30  ? 11.525  9.689   -7.367  1.00 28.76 ? 30  ASP A CB  1 
ATOM   162  C CG  . ASP A 1 30  ? 12.696  8.869   -6.877  1.00 33.17 ? 30  ASP A CG  1 
ATOM   163  O OD1 . ASP A 1 30  ? 12.657  8.206   -5.820  1.00 34.29 ? 30  ASP A OD1 1 
ATOM   164  O OD2 . ASP A 1 30  ? 13.718  8.816   -7.557  1.00 37.14 ? 30  ASP A OD2 1 
ATOM   165  N N   . GLU A 1 31  ? 8.514   10.191  -8.181  1.00 21.35 ? 31  GLU A N   1 
ATOM   166  C CA  . GLU A 1 31  ? 7.395   11.056  -8.485  1.00 22.83 ? 31  GLU A CA  1 
ATOM   167  C C   . GLU A 1 31  ? 6.161   10.699  -7.659  1.00 22.49 ? 31  GLU A C   1 
ATOM   168  O O   . GLU A 1 31  ? 5.490   11.573  -7.122  1.00 21.80 ? 31  GLU A O   1 
ATOM   169  C CB  . GLU A 1 31  ? 6.992   10.949  -9.966  1.00 27.72 ? 31  GLU A CB  1 
ATOM   170  C CG  . GLU A 1 31  ? 7.794   11.841  -10.878 1.00 34.58 ? 31  GLU A CG  1 
ATOM   171  C CD  . GLU A 1 31  ? 7.695   11.553  -12.362 1.00 38.39 ? 31  GLU A CD  1 
ATOM   172  O OE1 . GLU A 1 31  ? 6.903   10.734  -12.890 1.00 40.53 ? 31  GLU A OE1 1 
ATOM   173  O OE2 . GLU A 1 31  ? 8.491   12.217  -13.082 1.00 40.73 ? 31  GLU A OE2 1 
ATOM   174  N N   . LEU A 1 32  ? 5.930   9.386   -7.500  1.00 18.57 ? 32  LEU A N   1 
ATOM   175  C CA  . LEU A 1 32  ? 4.798   8.926   -6.689  1.00 17.85 ? 32  LEU A CA  1 
ATOM   176  C C   . LEU A 1 32  ? 4.997   9.402   -5.273  1.00 17.46 ? 32  LEU A C   1 
ATOM   177  O O   . LEU A 1 32  ? 4.060   9.837   -4.602  1.00 17.64 ? 32  LEU A O   1 
ATOM   178  C CB  . LEU A 1 32  ? 4.721   7.371   -6.802  1.00 17.29 ? 32  LEU A CB  1 
ATOM   179  C CG  . LEU A 1 32  ? 3.669   6.741   -5.855  1.00 19.71 ? 32  LEU A CG  1 
ATOM   180  C CD1 . LEU A 1 32  ? 2.280   7.272   -6.232  1.00 21.02 ? 32  LEU A CD1 1 
ATOM   181  C CD2 . LEU A 1 32  ? 3.681   5.222   -5.956  1.00 21.07 ? 32  LEU A CD2 1 
ATOM   182  N N   . VAL A 1 33  ? 6.226   9.259   -4.718  1.00 16.93 ? 33  VAL A N   1 
ATOM   183  C CA  . VAL A 1 33  ? 6.506   9.753   -3.383  1.00 18.85 ? 33  VAL A CA  1 
ATOM   184  C C   . VAL A 1 33  ? 6.197   11.255  -3.260  1.00 19.99 ? 33  VAL A C   1 
ATOM   185  O O   . VAL A 1 33  ? 5.528   11.647  -2.297  1.00 18.74 ? 33  VAL A O   1 
ATOM   186  C CB  . VAL A 1 33  ? 7.995   9.534   -3.028  1.00 18.94 ? 33  VAL A CB  1 
ATOM   187  C CG1 . VAL A 1 33  ? 8.417   10.194  -1.723  1.00 17.25 ? 33  VAL A CG1 1 
ATOM   188  C CG2 . VAL A 1 33  ? 8.268   8.031   -3.002  1.00 19.55 ? 33  VAL A CG2 1 
ATOM   189  N N   . ALA A 1 34  ? 6.657   12.046  -4.200  1.00 18.86 ? 34  ALA A N   1 
ATOM   190  C CA  . ALA A 1 34  ? 6.406   13.512  -4.184  1.00 20.45 ? 34  ALA A CA  1 
ATOM   191  C C   . ALA A 1 34  ? 4.900   13.802  -4.251  1.00 20.80 ? 34  ALA A C   1 
ATOM   192  O O   . ALA A 1 34  ? 4.417   14.620  -3.462  1.00 19.64 ? 34  ALA A O   1 
ATOM   193  C CB  . ALA A 1 34  ? 7.040   14.159  -5.424  1.00 19.61 ? 34  ALA A CB  1 
ATOM   194  N N   . LEU A 1 35  ? 4.193   13.124  -5.147  1.00 20.46 ? 35  LEU A N   1 
ATOM   195  C CA  . LEU A 1 35  ? 2.735   13.313  -5.216  1.00 23.55 ? 35  LEU A CA  1 
ATOM   196  C C   . LEU A 1 35  ? 2.054   13.014  -3.887  1.00 21.70 ? 35  LEU A C   1 
ATOM   197  O O   . LEU A 1 35  ? 1.188   13.776  -3.431  1.00 20.45 ? 35  LEU A O   1 
ATOM   198  C CB  . LEU A 1 35  ? 2.096   12.438  -6.308  1.00 26.03 ? 35  LEU A CB  1 
ATOM   199  C CG  . LEU A 1 35  ? 2.246   13.032  -7.724  1.00 30.80 ? 35  LEU A CG  1 
ATOM   200  C CD1 . LEU A 1 35  ? 1.913   11.978  -8.768  1.00 32.14 ? 35  LEU A CD1 1 
ATOM   201  C CD2 . LEU A 1 35  ? 1.354   14.265  -7.894  1.00 31.80 ? 35  LEU A CD2 1 
ATOM   202  N N   . ILE A 1 36  ? 2.391   11.870  -3.289  1.00 18.52 ? 36  ILE A N   1 
ATOM   203  C CA  . ILE A 1 36  ? 1.794   11.509  -1.989  1.00 16.78 ? 36  ILE A CA  1 
ATOM   204  C C   . ILE A 1 36  ? 2.112   12.502  -0.893  1.00 17.60 ? 36  ILE A C   1 
ATOM   205  O O   . ILE A 1 36  ? 1.242   12.869  -0.101  1.00 15.35 ? 36  ILE A O   1 
ATOM   206  C CB  . ILE A 1 36  ? 2.254   10.097  -1.560  1.00 16.01 ? 36  ILE A CB  1 
ATOM   207  C CG1 . ILE A 1 36  ? 1.540   9.091   -2.518  1.00 16.21 ? 36  ILE A CG1 1 
ATOM   208  C CG2 . ILE A 1 36  ? 1.918   9.852   -0.103  1.00 16.10 ? 36  ILE A CG2 1 
ATOM   209  C CD1 . ILE A 1 36  ? 2.192   7.704   -2.370  1.00 17.83 ? 36  ILE A CD1 1 
ATOM   210  N N   . GLU A 1 37  ? 3.391   12.877  -0.726  1.00 19.10 ? 37  GLU A N   1 
ATOM   211  C CA  . GLU A 1 37  ? 3.749   13.858  0.318   1.00 21.17 ? 37  GLU A CA  1 
ATOM   212  C C   . GLU A 1 37  ? 3.021   15.182  0.120   1.00 21.83 ? 37  GLU A C   1 
ATOM   213  O O   . GLU A 1 37  ? 2.584   15.774  1.097   1.00 22.36 ? 37  GLU A O   1 
ATOM   214  C CB  . GLU A 1 37  ? 5.267   14.189  0.279   1.00 22.04 ? 37  GLU A CB  1 
ATOM   215  C CG  . GLU A 1 37  ? 6.091   12.996  0.705   1.00 25.59 ? 37  GLU A CG  1 
ATOM   216  C CD  . GLU A 1 37  ? 7.610   13.178  0.519   1.00 29.10 ? 37  GLU A CD  1 
ATOM   217  O OE1 . GLU A 1 37  ? 8.098   13.901  -0.388  1.00 28.67 ? 37  GLU A OE1 1 
ATOM   218  O OE2 . GLU A 1 37  ? 8.299   12.460  1.285   1.00 27.25 ? 37  GLU A OE2 1 
ATOM   219  N N   . ARG A 1 38  ? 2.887   15.655  -1.122  1.00 23.07 ? 38  ARG A N   1 
ATOM   220  C CA  . ARG A 1 38  ? 2.166   16.893  -1.349  1.00 26.79 ? 38  ARG A CA  1 
ATOM   221  C C   . ARG A 1 38  ? 0.694   16.794  -0.958  1.00 27.32 ? 38  ARG A C   1 
ATOM   222  O O   . ARG A 1 38  ? 0.149   17.652  -0.252  1.00 26.65 ? 38  ARG A O   1 
ATOM   223  C CB  . ARG A 1 38  ? 2.313   17.290  -2.820  1.00 30.57 ? 38  ARG A CB  1 
ATOM   224  C CG  . ARG A 1 38  ? 1.640   18.647  -3.067  1.00 34.75 ? 38  ARG A CG  1 
ATOM   225  C CD  . ARG A 1 38  ? 1.861   19.080  -4.503  1.00 38.14 ? 38  ARG A CD  1 
ATOM   226  N NE  . ARG A 1 38  ? 1.044   18.261  -5.397  1.00 42.19 ? 38  ARG A NE  1 
ATOM   227  C CZ  . ARG A 1 38  ? 1.038   18.404  -6.719  1.00 43.63 ? 38  ARG A CZ  1 
ATOM   228  N NH1 . ARG A 1 38  ? 1.816   19.343  -7.281  1.00 44.65 ? 38  ARG A NH1 1 
ATOM   229  N NH2 . ARG A 1 38  ? 0.254   17.611  -7.423  1.00 42.61 ? 38  ARG A NH2 1 
ATOM   230  N N   . GLU A 1 39  ? 0.024   15.695  -1.378  1.00 22.71 ? 39  GLU A N   1 
ATOM   231  C CA  . GLU A 1 39  ? -1.373  15.504  -1.016  1.00 23.00 ? 39  GLU A CA  1 
ATOM   232  C C   . GLU A 1 39  ? -1.477  15.390  0.494   1.00 21.74 ? 39  GLU A C   1 
ATOM   233  O O   . GLU A 1 39  ? -2.404  15.969  1.116   1.00 23.48 ? 39  GLU A O   1 
ATOM   234  C CB  . GLU A 1 39  ? -1.980  14.245  -1.647  1.00 24.21 ? 39  GLU A CB  1 
ATOM   235  C CG  . GLU A 1 39  ? -3.462  14.022  -1.394  1.00 28.37 ? 39  GLU A CG  1 
ATOM   236  C CD  . GLU A 1 39  ? -4.350  14.741  -2.408  1.00 34.02 ? 39  GLU A CD  1 
ATOM   237  O OE1 . GLU A 1 39  ? -3.893  15.461  -3.337  1.00 35.68 ? 39  GLU A OE1 1 
ATOM   238  O OE2 . GLU A 1 39  ? -5.588  14.595  -2.286  1.00 35.50 ? 39  GLU A OE2 1 
ATOM   239  N N   . ALA A 1 40  ? -0.601  14.618  1.109   1.00 20.40 ? 40  ALA A N   1 
ATOM   240  C CA  . ALA A 1 40  ? -0.717  14.451  2.581   1.00 23.61 ? 40  ALA A CA  1 
ATOM   241  C C   . ALA A 1 40  ? -0.620  15.801  3.304   1.00 24.75 ? 40  ALA A C   1 
ATOM   242  O O   . ALA A 1 40  ? -1.358  16.043  4.267   1.00 25.01 ? 40  ALA A O   1 
ATOM   243  C CB  . ALA A 1 40  ? 0.392   13.548  3.127   1.00 24.36 ? 40  ALA A CB  1 
ATOM   244  N N   . ALA A 1 41  ? 0.291   16.649  2.890   1.00 27.13 ? 41  ALA A N   1 
ATOM   245  C CA  . ALA A 1 41  ? 0.477   17.954  3.525   1.00 31.55 ? 41  ALA A CA  1 
ATOM   246  C C   . ALA A 1 41  ? -0.775  18.801  3.375   1.00 31.92 ? 41  ALA A C   1 
ATOM   247  O O   . ALA A 1 41  ? -1.212  19.383  4.358   1.00 33.29 ? 41  ALA A O   1 
ATOM   248  C CB  . ALA A 1 41  ? 1.717   18.639  2.944   1.00 33.24 ? 41  ALA A CB  1 
ATOM   249  N N   . GLU A 1 42  ? -1.439  18.803  2.226   1.00 31.96 ? 42  GLU A N   1 
ATOM   250  C CA  . GLU A 1 42  ? -2.705  19.465  2.001   1.00 31.73 ? 42  GLU A CA  1 
ATOM   251  C C   . GLU A 1 42  ? -3.767  18.937  2.948   1.00 30.73 ? 42  GLU A C   1 
ATOM   252  O O   . GLU A 1 42  ? -4.629  19.711  3.387   1.00 30.77 ? 42  GLU A O   1 
ATOM   253  C CB  . GLU A 1 42  ? -3.162  19.321  0.529   1.00 35.53 ? 42  GLU A CB  1 
ATOM   254  C CG  A GLU A 1 42  ? -2.180  19.932  -0.450  0.50 36.61 ? 42  GLU A CG  1 
ATOM   255  C CG  B GLU A 1 42  ? -4.567  19.794  0.247   0.50 38.03 ? 42  GLU A CG  1 
ATOM   256  C CD  A GLU A 1 42  ? -2.556  19.895  -1.910  0.50 38.70 ? 42  GLU A CD  1 
ATOM   257  C CD  B GLU A 1 42  ? -5.366  19.014  -0.759  0.50 40.61 ? 42  GLU A CD  1 
ATOM   258  O OE1 A GLU A 1 42  ? -3.710  19.576  -2.264  0.50 39.26 ? 42  GLU A OE1 1 
ATOM   259  O OE1 B GLU A 1 42  ? -5.011  18.917  -1.956  0.50 41.81 ? 42  GLU A OE1 1 
ATOM   260  O OE2 A GLU A 1 42  ? -1.704  20.186  -2.788  0.50 38.96 ? 42  GLU A OE2 1 
ATOM   261  O OE2 B GLU A 1 42  ? -6.424  18.463  -0.363  0.50 42.45 ? 42  GLU A OE2 1 
ATOM   262  N N   . LEU A 1 43  ? -3.776  17.651  3.328   1.00 26.88 ? 43  LEU A N   1 
ATOM   263  C CA  . LEU A 1 43  ? -4.742  17.105  4.218   1.00 24.88 ? 43  LEU A CA  1 
ATOM   264  C C   . LEU A 1 43  ? -4.330  17.259  5.673   1.00 25.07 ? 43  LEU A C   1 
ATOM   265  O O   . LEU A 1 43  ? -5.144  16.854  6.504   1.00 27.07 ? 43  LEU A O   1 
ATOM   266  C CB  . LEU A 1 43  ? -5.059  15.601  3.919   1.00 24.72 ? 43  LEU A CB  1 
ATOM   267  C CG  . LEU A 1 43  ? -5.554  15.329  2.494   1.00 24.68 ? 43  LEU A CG  1 
ATOM   268  C CD1 . LEU A 1 43  ? -5.371  13.869  2.095   1.00 25.69 ? 43  LEU A CD1 1 
ATOM   269  C CD2 . LEU A 1 43  ? -7.016  15.745  2.373   1.00 26.63 ? 43  LEU A CD2 1 
ATOM   270  N N   . GLY A 1 44  ? -3.143  17.748  6.002   1.00 25.40 ? 44  GLY A N   1 
ATOM   271  C CA  . GLY A 1 44  ? -2.775  17.858  7.418   1.00 27.40 ? 44  GLY A CA  1 
ATOM   272  C C   . GLY A 1 44  ? -2.228  16.551  7.983   1.00 28.99 ? 44  GLY A C   1 
ATOM   273  O O   . GLY A 1 44  ? -2.276  16.339  9.206   1.00 30.11 ? 44  GLY A O   1 
ATOM   274  N N   . LEU A 1 45  ? -1.718  15.658  7.127   1.00 26.33 ? 45  LEU A N   1 
ATOM   275  C CA  . LEU A 1 45  ? -1.174  14.394  7.551   1.00 25.45 ? 45  LEU A CA  1 
ATOM   276  C C   . LEU A 1 45  ? 0.321   14.375  7.200   1.00 22.63 ? 45  LEU A C   1 
ATOM   277  O O   . LEU A 1 45  ? 0.810   15.214  6.459   1.00 21.46 ? 45  LEU A O   1 
ATOM   278  C CB  . LEU A 1 45  ? -1.780  13.220  6.746   1.00 27.29 ? 45  LEU A CB  1 
ATOM   279  C CG  . LEU A 1 45  ? -3.303  13.064  6.769   1.00 30.37 ? 45  LEU A CG  1 
ATOM   280  C CD1 . LEU A 1 45  ? -3.763  12.005  5.788   1.00 31.12 ? 45  LEU A CD1 1 
ATOM   281  C CD2 . LEU A 1 45  ? -3.804  12.725  8.170   1.00 31.01 ? 45  LEU A CD2 1 
ATOM   282  N N   . LYS A 1 46  ? 1.066   13.428  7.763   1.00 19.98 ? 46  LYS A N   1 
ATOM   283  C CA  . LYS A 1 46  ? 2.457   13.231  7.362   1.00 18.76 ? 46  LYS A CA  1 
ATOM   284  C C   . LYS A 1 46  ? 2.512   11.806  6.721   1.00 18.96 ? 46  LYS A C   1 
ATOM   285  O O   . LYS A 1 46  ? 2.119   10.847  7.391   1.00 17.82 ? 46  LYS A O   1 
ATOM   286  C CB  . LYS A 1 46  ? 3.403   13.273  8.548   1.00 21.29 ? 46  LYS A CB  1 
ATOM   287  C CG  . LYS A 1 46  ? 4.874   13.105  8.090   1.00 24.02 ? 46  LYS A CG  1 
ATOM   288  C CD  . LYS A 1 46  ? 5.792   13.405  9.289   1.00 27.22 ? 46  LYS A CD  1 
ATOM   289  C CE  . LYS A 1 46  ? 7.259   13.057  8.971   1.00 28.85 ? 46  LYS A CE  1 
ATOM   290  N NZ  . LYS A 1 46  ? 8.127   13.454  10.153  1.00 29.66 ? 46  LYS A NZ  1 
ATOM   291  N N   . ALA A 1 47  ? 2.953   11.676  5.495   1.00 17.25 ? 47  ALA A N   1 
ATOM   292  C CA  . ALA A 1 47  ? 2.988   10.362  4.865   1.00 18.40 ? 47  ALA A CA  1 
ATOM   293  C C   . ALA A 1 47  ? 4.437   9.882   4.847   1.00 19.39 ? 47  ALA A C   1 
ATOM   294  O O   . ALA A 1 47  ? 5.272   10.705  4.506   1.00 21.37 ? 47  ALA A O   1 
ATOM   295  C CB  . ALA A 1 47  ? 2.459   10.436  3.434   1.00 17.33 ? 47  ALA A CB  1 
ATOM   296  N N   . VAL A 1 48  ? 4.706   8.660   5.276   1.00 17.26 ? 48  VAL A N   1 
ATOM   297  C CA  . VAL A 1 48  ? 6.052   8.099   5.190   1.00 17.83 ? 48  VAL A CA  1 
ATOM   298  C C   . VAL A 1 48  ? 5.980   7.019   4.095   1.00 18.05 ? 48  VAL A C   1 
ATOM   299  O O   . VAL A 1 48  ? 5.250   6.031   4.292   1.00 14.65 ? 48  VAL A O   1 
ATOM   300  C CB  . VAL A 1 48  ? 6.407   7.429   6.529   1.00 19.33 ? 48  VAL A CB  1 
ATOM   301  C CG1 . VAL A 1 48  ? 7.740   6.687   6.482   1.00 21.94 ? 48  VAL A CG1 1 
ATOM   302  C CG2 . VAL A 1 48  ? 6.432   8.485   7.663   1.00 21.87 ? 48  VAL A CG2 1 
ATOM   303  N N   . VAL A 1 49  ? 6.634   7.222   2.962   1.00 16.10 ? 49  VAL A N   1 
ATOM   304  C CA  . VAL A 1 49  ? 6.506   6.299   1.864   1.00 16.81 ? 49  VAL A CA  1 
ATOM   305  C C   . VAL A 1 49  ? 7.741   5.419   1.757   1.00 19.58 ? 49  VAL A C   1 
ATOM   306  O O   . VAL A 1 49  ? 8.865   5.972   1.704   1.00 16.45 ? 49  VAL A O   1 
ATOM   307  C CB  . VAL A 1 49  ? 6.272   7.060   0.531   1.00 18.63 ? 49  VAL A CB  1 
ATOM   308  C CG1 . VAL A 1 49  ? 5.976   6.082   -0.600  1.00 17.73 ? 49  VAL A CG1 1 
ATOM   309  C CG2 . VAL A 1 49  ? 5.092   8.002   0.682   1.00 19.48 ? 49  VAL A CG2 1 
ATOM   310  N N   . ARG A 1 50  ? 7.599   4.086   1.782   1.00 16.15 ? 50  ARG A N   1 
ATOM   311  C CA  . ARG A 1 50  ? 8.807   3.259   1.709   1.00 17.85 ? 50  ARG A CA  1 
ATOM   312  C C   . ARG A 1 50  ? 8.597   2.142   0.670   1.00 18.39 ? 50  ARG A C   1 
ATOM   313  O O   . ARG A 1 50  ? 7.449   1.744   0.449   1.00 16.85 ? 50  ARG A O   1 
ATOM   314  C CB  . ARG A 1 50  ? 9.138   2.658   3.083   1.00 21.32 ? 50  ARG A CB  1 
ATOM   315  C CG  A ARG A 1 50  ? 8.751   3.379   4.338   0.50 23.68 ? 50  ARG A CG  1 
ATOM   316  C CG  B ARG A 1 50  ? 9.894   3.665   3.965   0.50 23.59 ? 50  ARG A CG  1 
ATOM   317  C CD  A ARG A 1 50  ? 9.401   2.976   5.642   0.50 26.30 ? 50  ARG A CD  1 
ATOM   318  C CD  B ARG A 1 50  ? 10.027  3.178   5.401   0.50 25.17 ? 50  ARG A CD  1 
ATOM   319  N NE  A ARG A 1 50  ? 10.259  4.043   6.153   0.50 28.99 ? 50  ARG A NE  1 
ATOM   320  N NE  B ARG A 1 50  ? 8.711   3.015   6.004   0.50 26.86 ? 50  ARG A NE  1 
ATOM   321  C CZ  A ARG A 1 50  ? 10.252  4.441   7.421   0.50 30.13 ? 50  ARG A CZ  1 
ATOM   322  C CZ  B ARG A 1 50  ? 8.440   2.739   7.265   0.50 28.71 ? 50  ARG A CZ  1 
ATOM   323  N NH1 A ARG A 1 50  ? 9.448   3.868   8.304   0.50 30.18 ? 50  ARG A NH1 1 
ATOM   324  N NH1 B ARG A 1 50  ? 9.436   2.584   8.129   0.50 29.46 ? 50  ARG A NH1 1 
ATOM   325  N NH2 A ARG A 1 50  ? 11.050  5.427   7.823   0.50 31.67 ? 50  ARG A NH2 1 
ATOM   326  N NH2 B ARG A 1 50  ? 7.174   2.622   7.670   0.50 29.18 ? 50  ARG A NH2 1 
ATOM   327  N N   . GLN A 1 51  ? 9.652   1.613   0.075   1.00 14.34 ? 51  GLN A N   1 
ATOM   328  C CA  . GLN A 1 51  ? 9.476   0.563   -0.933  1.00 14.15 ? 51  GLN A CA  1 
ATOM   329  C C   . GLN A 1 51  ? 10.591  -0.449  -0.705  1.00 15.18 ? 51  GLN A C   1 
ATOM   330  O O   . GLN A 1 51  ? 11.727  -0.011  -0.464  1.00 10.96 ? 51  GLN A O   1 
ATOM   331  C CB  . GLN A 1 51  ? 9.586   1.072   -2.381  1.00 15.01 ? 51  GLN A CB  1 
ATOM   332  C CG  . GLN A 1 51  ? 9.229   0.020   -3.430  1.00 12.99 ? 51  GLN A CG  1 
ATOM   333  C CD  . GLN A 1 51  ? 10.349  -0.917  -3.850  1.00 15.47 ? 51  GLN A CD  1 
ATOM   334  O OE1 . GLN A 1 51  ? 11.514  -0.472  -3.956  1.00 16.14 ? 51  GLN A OE1 1 
ATOM   335  N NE2 . GLN A 1 51  ? 10.075  -2.169  -4.208  1.00 11.96 ? 51  GLN A NE2 1 
ATOM   336  N N   . SER A 1 52  ? 10.267  -1.732  -0.826  1.00 13.42 ? 52  SER A N   1 
ATOM   337  C CA  . SER A 1 52  ? 11.316  -2.733  -0.729  1.00 15.40 ? 52  SER A CA  1 
ATOM   338  C C   . SER A 1 52  ? 10.933  -3.966  -1.550  1.00 14.47 ? 52  SER A C   1 
ATOM   339  O O   . SER A 1 52  ? 9.753   -4.329  -1.669  1.00 11.39 ? 52  SER A O   1 
ATOM   340  C CB  . SER A 1 52  ? 11.558  -3.178  0.734   1.00 13.89 ? 52  SER A CB  1 
ATOM   341  O OG  . SER A 1 52  ? 12.595  -4.172  0.688   1.00 15.55 ? 52  SER A OG  1 
ATOM   342  N N   . ASP A 1 53  ? 11.914  -4.623  -2.116  1.00 12.85 ? 53  ASP A N   1 
ATOM   343  C CA  . ASP A 1 53  ? 11.693  -5.896  -2.816  1.00 13.70 ? 53  ASP A CA  1 
ATOM   344  C C   . ASP A 1 53  ? 11.834  -7.064  -1.855  1.00 15.30 ? 53  ASP A C   1 
ATOM   345  O O   . ASP A 1 53  ? 11.616  -8.219  -2.221  1.00 15.77 ? 53  ASP A O   1 
ATOM   346  C CB  . ASP A 1 53  ? 12.767  -6.058  -3.915  1.00 16.56 ? 53  ASP A CB  1 
ATOM   347  C CG  . ASP A 1 53  ? 12.418  -5.270  -5.147  1.00 17.59 ? 53  ASP A CG  1 
ATOM   348  O OD1 . ASP A 1 53  ? 11.349  -4.666  -5.346  1.00 16.49 ? 53  ASP A OD1 1 
ATOM   349  O OD2 . ASP A 1 53  ? 13.304  -5.237  -6.019  1.00 20.44 ? 53  ASP A OD2 1 
ATOM   350  N N   . SER A 1 54  ? 12.237  -6.807  -0.605  1.00 15.32 ? 54  SER A N   1 
ATOM   351  C CA  . SER A 1 54  ? 12.411  -7.838  0.395   1.00 14.16 ? 54  SER A CA  1 
ATOM   352  C C   . SER A 1 54  ? 11.214  -8.048  1.276   1.00 15.97 ? 54  SER A C   1 
ATOM   353  O O   . SER A 1 54  ? 10.796  -7.121  1.991   1.00 13.37 ? 54  SER A O   1 
ATOM   354  C CB  . SER A 1 54  ? 13.570  -7.395  1.333   1.00 16.37 ? 54  SER A CB  1 
ATOM   355  O OG  . SER A 1 54  ? 13.689  -8.346  2.405   1.00 17.37 ? 54  SER A OG  1 
ATOM   356  N N   . GLU A 1 55  ? 10.689  -9.281  1.301   1.00 13.04 ? 55  GLU A N   1 
ATOM   357  C CA  . GLU A 1 55  ? 9.576   -9.593  2.164   1.00 14.78 ? 55  GLU A CA  1 
ATOM   358  C C   . GLU A 1 55  ? 9.953   -9.371  3.631   1.00 15.03 ? 55  GLU A C   1 
ATOM   359  O O   . GLU A 1 55  ? 9.065   -8.882  4.344   1.00 12.64 ? 55  GLU A O   1 
ATOM   360  C CB  . GLU A 1 55  ? 9.122   -11.052 1.903   1.00 16.20 ? 55  GLU A CB  1 
ATOM   361  C CG  . GLU A 1 55  ? 8.025   -11.501 2.870   1.00 20.16 ? 55  GLU A CG  1 
ATOM   362  C CD  . GLU A 1 55  ? 7.677   -12.984 2.659   1.00 25.85 ? 55  GLU A CD  1 
ATOM   363  O OE1 . GLU A 1 55  ? 8.533   -13.930 2.736   1.00 28.99 ? 55  GLU A OE1 1 
ATOM   364  O OE2 . GLU A 1 55  ? 6.503   -13.206 2.476   1.00 23.80 ? 55  GLU A OE2 1 
ATOM   365  N N   . ALA A 1 56  ? 11.170  -9.711  4.089   1.00 11.33 ? 56  ALA A N   1 
ATOM   366  C CA  . ALA A 1 56  ? 11.477  -9.514  5.494   1.00 13.15 ? 56  ALA A CA  1 
ATOM   367  C C   . ALA A 1 56  ? 11.408  -8.014  5.894   1.00 11.99 ? 56  ALA A C   1 
ATOM   368  O O   . ALA A 1 56  ? 11.048  -7.643  7.009   1.00 12.01 ? 56  ALA A O   1 
ATOM   369  C CB  . ALA A 1 56  ? 12.901  -9.992  5.788   1.00 14.13 ? 56  ALA A CB  1 
ATOM   370  N N   . GLN A 1 57  ? 11.887  -7.168  5.007   1.00 12.18 ? 57  GLN A N   1 
ATOM   371  C CA  . GLN A 1 57  ? 11.879  -5.728  5.257   1.00 13.32 ? 57  GLN A CA  1 
ATOM   372  C C   . GLN A 1 57  ? 10.448  -5.203  5.349   1.00 13.65 ? 57  GLN A C   1 
ATOM   373  O O   . GLN A 1 57  ? 10.113  -4.399  6.229   1.00 11.57 ? 57  GLN A O   1 
ATOM   374  C CB  . GLN A 1 57  ? 12.742  -5.025  4.175   1.00 16.88 ? 57  GLN A CB  1 
ATOM   375  C CG  A GLN A 1 57  ? 12.717  -3.503  4.363   0.50 16.48 ? 57  GLN A CG  1 
ATOM   376  C CG  B GLN A 1 57  ? 12.567  -3.507  4.245   0.50 21.56 ? 57  GLN A CG  1 
ATOM   377  C CD  A GLN A 1 57  ? 13.389  -3.162  5.684   0.50 15.86 ? 57  GLN A CD  1 
ATOM   378  C CD  B GLN A 1 57  ? 13.868  -2.753  4.368   0.50 24.91 ? 57  GLN A CD  1 
ATOM   379  O OE1 A GLN A 1 57  ? 14.614  -3.310  5.722   0.50 19.63 ? 57  GLN A OE1 1 
ATOM   380  O OE1 B GLN A 1 57  ? 14.132  -2.054  5.353   0.50 25.37 ? 57  GLN A OE1 1 
ATOM   381  N NE2 A GLN A 1 57  ? 12.681  -2.752  6.701   0.50 15.54 ? 57  GLN A NE2 1 
ATOM   382  N NE2 B GLN A 1 57  ? 14.708  -2.881  3.346   0.50 27.00 ? 57  GLN A NE2 1 
ATOM   383  N N   . LEU A 1 58  ? 9.536   -5.637  4.447   1.00 10.58 ? 58  LEU A N   1 
ATOM   384  C CA  . LEU A 1 58  ? 8.147   -5.287  4.566   1.00 12.63 ? 58  LEU A CA  1 
ATOM   385  C C   . LEU A 1 58  ? 7.573   -5.765  5.910   1.00 12.58 ? 58  LEU A C   1 
ATOM   386  O O   . LEU A 1 58  ? 6.856   -4.988  6.529   1.00 12.48 ? 58  LEU A O   1 
ATOM   387  C CB  . LEU A 1 58  ? 7.304   -5.996  3.447   1.00 13.48 ? 58  LEU A CB  1 
ATOM   388  C CG  . LEU A 1 58  ? 7.812   -5.563  2.047   1.00 18.58 ? 58  LEU A CG  1 
ATOM   389  C CD1 . LEU A 1 58  ? 7.181   -6.390  0.930   1.00 22.78 ? 58  LEU A CD1 1 
ATOM   390  C CD2 . LEU A 1 58  ? 7.523   -4.098  1.792   1.00 14.71 ? 58  LEU A CD2 1 
ATOM   391  N N   . LEU A 1 59  ? 7.832   -6.999  6.344   1.00 10.56 ? 59  LEU A N   1 
ATOM   392  C CA  . LEU A 1 59  ? 7.309   -7.433  7.645   1.00 13.11 ? 59  LEU A CA  1 
ATOM   393  C C   . LEU A 1 59  ? 7.792   -6.561  8.820   1.00 13.98 ? 59  LEU A C   1 
ATOM   394  O O   . LEU A 1 59  ? 7.026   -6.240  9.708   1.00 11.14 ? 59  LEU A O   1 
ATOM   395  C CB  . LEU A 1 59  ? 7.788   -8.863  7.959   1.00 13.69 ? 59  LEU A CB  1 
ATOM   396  C CG  . LEU A 1 59  ? 7.319   -9.931  6.951   1.00 19.15 ? 59  LEU A CG  1 
ATOM   397  C CD1 . LEU A 1 59  ? 7.863   -11.300 7.410   1.00 19.91 ? 59  LEU A CD1 1 
ATOM   398  C CD2 . LEU A 1 59  ? 5.801   -9.998  6.891   1.00 19.16 ? 59  LEU A CD2 1 
ATOM   399  N N   . ASP A 1 60  ? 9.072   -6.161  8.775   1.00 16.13 ? 60  ASP A N   1 
ATOM   400  C CA  . ASP A 1 60  ? 9.612   -5.284  9.846   1.00 17.37 ? 60  ASP A CA  1 
ATOM   401  C C   . ASP A 1 60  ? 8.840   -3.964  9.847   1.00 15.66 ? 60  ASP A C   1 
ATOM   402  O O   . ASP A 1 60  ? 8.497   -3.425  10.915  1.00 15.00 ? 60  ASP A O   1 
ATOM   403  C CB  . ASP A 1 60  ? 11.106  -5.062  9.534   1.00 20.15 ? 60  ASP A CB  1 
ATOM   404  C CG  . ASP A 1 60  ? 11.765  -4.104  10.513  1.00 27.19 ? 60  ASP A CG  1 
ATOM   405  O OD1 . ASP A 1 60  ? 11.635  -4.228  11.728  1.00 26.52 ? 60  ASP A OD1 1 
ATOM   406  O OD2 . ASP A 1 60  ? 12.411  -3.126  10.118  1.00 32.21 ? 60  ASP A OD2 1 
ATOM   407  N N   . TRP A 1 61  ? 8.617   -3.351  8.689   1.00 14.63 ? 61  TRP A N   1 
ATOM   408  C CA  . TRP A 1 61  ? 7.861   -2.087  8.631   1.00 14.81 ? 61  TRP A CA  1 
ATOM   409  C C   . TRP A 1 61  ? 6.432   -2.241  9.131   1.00 15.28 ? 61  TRP A C   1 
ATOM   410  O O   . TRP A 1 61  ? 5.837   -1.380  9.805   1.00 14.76 ? 61  TRP A O   1 
ATOM   411  C CB  . TRP A 1 61  ? 7.823   -1.476  7.226   1.00 14.21 ? 61  TRP A CB  1 
ATOM   412  C CG  . TRP A 1 61  ? 9.169   -0.953  6.766   1.00 16.33 ? 61  TRP A CG  1 
ATOM   413  C CD1 . TRP A 1 61  ? 10.206  -0.534  7.538   1.00 18.33 ? 61  TRP A CD1 1 
ATOM   414  C CD2 . TRP A 1 61  ? 9.623   -0.868  5.408   1.00 15.91 ? 61  TRP A CD2 1 
ATOM   415  N NE1 . TRP A 1 61  ? 11.262  -0.163  6.728   1.00 20.40 ? 61  TRP A NE1 1 
ATOM   416  C CE2 . TRP A 1 61  ? 10.935  -0.341  5.423   1.00 18.11 ? 61  TRP A CE2 1 
ATOM   417  C CE3 . TRP A 1 61  ? 9.031   -1.145  4.179   1.00 15.47 ? 61  TRP A CE3 1 
ATOM   418  C CZ2 . TRP A 1 61  ? 11.701  -0.116  4.269   1.00 18.32 ? 61  TRP A CZ2 1 
ATOM   419  C CZ3 . TRP A 1 61  ? 9.774   -0.907  3.030   1.00 13.64 ? 61  TRP A CZ3 1 
ATOM   420  C CH2 . TRP A 1 61  ? 11.087  -0.409  3.075   1.00 15.91 ? 61  TRP A CH2 1 
ATOM   421  N N   . ILE A 1 62  ? 5.783   -3.359  8.825   1.00 13.48 ? 62  ILE A N   1 
ATOM   422  C CA  . ILE A 1 62  ? 4.407   -3.576  9.304   1.00 11.24 ? 62  ILE A CA  1 
ATOM   423  C C   . ILE A 1 62  ? 4.492   -3.768  10.803  1.00 12.42 ? 62  ILE A C   1 
ATOM   424  O O   . ILE A 1 62  ? 3.555   -3.337  11.531  1.00 13.85 ? 62  ILE A O   1 
ATOM   425  C CB  . ILE A 1 62  ? 3.817   -4.850  8.600   1.00 11.56 ? 62  ILE A CB  1 
ATOM   426  C CG1 A ILE A 1 62  ? 3.537   -4.419  7.142   0.50 11.82 ? 62  ILE A CG1 1 
ATOM   427  C CG1 B ILE A 1 62  ? 3.785   -4.566  7.105   0.50 11.89 ? 62  ILE A CG1 1 
ATOM   428  C CG2 A ILE A 1 62  ? 2.553   -5.352  9.271   0.50 9.15  ? 62  ILE A CG2 1 
ATOM   429  C CG2 B ILE A 1 62  ? 2.461   -5.226  9.188   0.50 8.92  ? 62  ILE A CG2 1 
ATOM   430  C CD1 A ILE A 1 62  ? 3.418   -5.549  6.133   0.50 12.60 ? 62  ILE A CD1 1 
ATOM   431  C CD1 B ILE A 1 62  ? 2.650   -3.746  6.580   0.50 11.77 ? 62  ILE A CD1 1 
ATOM   432  N N   . HIS A 1 63  ? 5.464   -4.547  11.287  1.00 11.78 ? 63  HIS A N   1 
ATOM   433  C CA  . HIS A 1 63  ? 5.507   -4.712  12.762  1.00 14.21 ? 63  HIS A CA  1 
ATOM   434  C C   . HIS A 1 63  ? 5.627   -3.298  13.439  1.00 14.65 ? 63  HIS A C   1 
ATOM   435  O O   . HIS A 1 63  ? 5.053   -3.105  14.510  1.00 14.27 ? 63  HIS A O   1 
ATOM   436  C CB  . HIS A 1 63  ? 6.729   -5.531  13.190  1.00 14.20 ? 63  HIS A CB  1 
ATOM   437  C CG  A HIS A 1 63  ? 6.787   -6.940  12.675  0.50 13.93 ? 63  HIS A CG  1 
ATOM   438  C CG  B HIS A 1 63  ? 6.767   -6.957  12.716  0.50 13.91 ? 63  HIS A CG  1 
ATOM   439  N ND1 A HIS A 1 63  ? 5.696   -7.705  12.323  0.50 14.27 ? 63  HIS A ND1 1 
ATOM   440  N ND1 B HIS A 1 63  ? 7.942   -7.606  12.407  0.50 14.23 ? 63  HIS A ND1 1 
ATOM   441  C CD2 A HIS A 1 63  ? 7.875   -7.719  12.466  0.50 14.39 ? 63  HIS A CD2 1 
ATOM   442  C CD2 B HIS A 1 63  ? 5.787   -7.860  12.476  0.50 14.61 ? 63  HIS A CD2 1 
ATOM   443  C CE1 A HIS A 1 63  ? 6.128   -8.905  11.933  0.50 14.36 ? 63  HIS A CE1 1 
ATOM   444  C CE1 B HIS A 1 63  ? 7.702   -8.845  12.026  0.50 13.11 ? 63  HIS A CE1 1 
ATOM   445  N NE2 A HIS A 1 63  ? 7.453   -8.935  12.008  0.50 13.55 ? 63  HIS A NE2 1 
ATOM   446  N NE2 B HIS A 1 63  ? 6.388   -9.031  12.060  0.50 13.94 ? 63  HIS A NE2 1 
ATOM   447  N N   . GLN A 1 64  ? 6.418   -2.404  12.915  1.00 15.27 ? 64  GLN A N   1 
ATOM   448  C CA  . GLN A 1 64  ? 6.611   -1.061  13.510  1.00 18.34 ? 64  GLN A CA  1 
ATOM   449  C C   . GLN A 1 64  ? 5.340   -0.220  13.448  1.00 17.85 ? 64  GLN A C   1 
ATOM   450  O O   . GLN A 1 64  ? 4.960   0.393   14.466  1.00 15.80 ? 64  GLN A O   1 
ATOM   451  C CB  . GLN A 1 64  ? 7.745   -0.354  12.756  1.00 21.86 ? 64  GLN A CB  1 
ATOM   452  C CG  . GLN A 1 64  ? 9.107   -0.993  13.052  1.00 27.90 ? 64  GLN A CG  1 
ATOM   453  C CD  . GLN A 1 64  ? 10.179  -0.362  12.175  1.00 34.08 ? 64  GLN A CD  1 
ATOM   454  O OE1 . GLN A 1 64  ? 10.170  0.853   11.947  1.00 37.84 ? 64  GLN A OE1 1 
ATOM   455  N NE2 . GLN A 1 64  ? 11.117  -1.146  11.653  1.00 37.17 ? 64  GLN A NE2 1 
ATOM   456  N N   . ALA A 1 65  ? 4.553   -0.369  12.361  1.00 16.23 ? 65  ALA A N   1 
ATOM   457  C CA  . ALA A 1 65  ? 3.239   0.258   12.272  1.00 15.81 ? 65  ALA A CA  1 
ATOM   458  C C   . ALA A 1 65  ? 2.264   -0.329  13.279  1.00 16.79 ? 65  ALA A C   1 
ATOM   459  O O   . ALA A 1 65  ? 1.382   0.382   13.831  1.00 17.68 ? 65  ALA A O   1 
ATOM   460  C CB  . ALA A 1 65  ? 2.636   0.159   10.859  1.00 14.60 ? 65  ALA A CB  1 
ATOM   461  N N   . ALA A 1 66  ? 2.285   -1.649  13.502  1.00 15.13 ? 66  ALA A N   1 
ATOM   462  C CA  . ALA A 1 66  ? 1.442   -2.265  14.514  1.00 15.93 ? 66  ALA A CA  1 
ATOM   463  C C   . ALA A 1 66  ? 1.797   -1.762  15.929  1.00 17.26 ? 66  ALA A C   1 
ATOM   464  O O   . ALA A 1 66  ? 0.868   -1.466  16.702  1.00 17.47 ? 66  ALA A O   1 
ATOM   465  C CB  . ALA A 1 66  ? 1.602   -3.785  14.457  1.00 16.96 ? 66  ALA A CB  1 
ATOM   466  N N   . ASP A 1 67  ? 3.068   -1.658  16.295  1.00 16.83 ? 67  ASP A N   1 
ATOM   467  C CA  . ASP A 1 67  ? 3.409   -1.170  17.630  1.00 20.85 ? 67  ASP A CA  1 
ATOM   468  C C   . ASP A 1 67  ? 3.042   0.318   17.802  1.00 22.62 ? 67  ASP A C   1 
ATOM   469  O O   . ASP A 1 67  ? 2.740   0.691   18.921  1.00 23.83 ? 67  ASP A O   1 
ATOM   470  C CB  . ASP A 1 67  ? 4.916   -1.270  17.878  1.00 21.02 ? 67  ASP A CB  1 
ATOM   471  C CG  . ASP A 1 67  ? 5.245   -2.761  18.081  1.00 24.00 ? 67  ASP A CG  1 
ATOM   472  O OD1 . ASP A 1 67  ? 4.376   -3.584  18.400  1.00 24.98 ? 67  ASP A OD1 1 
ATOM   473  O OD2 . ASP A 1 67  ? 6.391   -3.097  17.868  1.00 25.76 ? 67  ASP A OD2 1 
ATOM   474  N N   . ALA A 1 68  ? 3.134   1.126   16.757  1.00 21.58 ? 68  ALA A N   1 
ATOM   475  C CA  . ALA A 1 68  ? 2.796   2.535   16.888  1.00 23.69 ? 68  ALA A CA  1 
ATOM   476  C C   . ALA A 1 68  ? 1.323   2.788   16.629  1.00 23.91 ? 68  ALA A C   1 
ATOM   477  O O   . ALA A 1 68  ? 0.885   3.936   16.666  1.00 25.54 ? 68  ALA A O   1 
ATOM   478  C CB  . ALA A 1 68  ? 3.671   3.308   15.907  1.00 22.27 ? 68  ALA A CB  1 
ATOM   479  N N   . ALA A 1 69  ? 0.496   1.799   16.292  1.00 23.35 ? 69  ALA A N   1 
ATOM   480  C CA  . ALA A 1 69  ? -0.903  1.960   15.995  1.00 22.17 ? 69  ALA A CA  1 
ATOM   481  C C   . ALA A 1 69  ? -1.129  2.924   14.829  1.00 21.73 ? 69  ALA A C   1 
ATOM   482  O O   . ALA A 1 69  ? -2.016  3.805   14.919  1.00 20.59 ? 69  ALA A O   1 
ATOM   483  C CB  . ALA A 1 69  ? -1.667  2.460   17.260  1.00 21.28 ? 69  ALA A CB  1 
ATOM   484  N N   . GLU A 1 70  ? -0.272  2.931   13.819  1.00 18.12 ? 70  GLU A N   1 
ATOM   485  C CA  . GLU A 1 70  ? -0.462  3.822   12.671  1.00 19.78 ? 70  GLU A CA  1 
ATOM   486  C C   . GLU A 1 70  ? -1.125  3.117   11.462  1.00 19.69 ? 70  GLU A C   1 
ATOM   487  O O   . GLU A 1 70  ? -0.914  1.906   11.258  1.00 17.04 ? 70  GLU A O   1 
ATOM   488  C CB  . GLU A 1 70  ? 0.912   4.324   12.204  1.00 20.51 ? 70  GLU A CB  1 
ATOM   489  C CG  . GLU A 1 70  ? 1.623   5.173   13.263  1.00 21.67 ? 70  GLU A CG  1 
ATOM   490  C CD  . GLU A 1 70  ? 3.076   5.401   12.912  1.00 23.88 ? 70  GLU A CD  1 
ATOM   491  O OE1 . GLU A 1 70  ? 3.723   4.747   12.079  1.00 21.64 ? 70  GLU A OE1 1 
ATOM   492  O OE2 . GLU A 1 70  ? 3.649   6.316   13.555  1.00 25.59 ? 70  GLU A OE2 1 
ATOM   493  N N   . PRO A 1 71  ? -1.921  3.821   10.700  1.00 18.61 ? 71  PRO A N   1 
ATOM   494  C CA  . PRO A 1 71  ? -2.607  3.273   9.537   1.00 18.00 ? 71  PRO A CA  1 
ATOM   495  C C   . PRO A 1 71  ? -1.578  2.932   8.471   1.00 17.03 ? 71  PRO A C   1 
ATOM   496  O O   . PRO A 1 71  ? -0.490  3.527   8.431   1.00 15.60 ? 71  PRO A O   1 
ATOM   497  C CB  . PRO A 1 71  ? -3.474  4.404   8.982   1.00 17.42 ? 71  PRO A CB  1 
ATOM   498  C CG  . PRO A 1 71  ? -3.472  5.466   10.017  1.00 20.94 ? 71  PRO A CG  1 
ATOM   499  C CD  . PRO A 1 71  ? -2.315  5.246   10.953  1.00 19.03 ? 71  PRO A CD  1 
ATOM   500  N N   . VAL A 1 72  ? -1.937  2.010   7.583   1.00 14.71 ? 72  VAL A N   1 
ATOM   501  C CA  . VAL A 1 72  ? -1.012  1.573   6.537   1.00 12.93 ? 72  VAL A CA  1 
ATOM   502  C C   . VAL A 1 72  ? -1.770  1.530   5.199   1.00 14.52 ? 72  VAL A C   1 
ATOM   503  O O   . VAL A 1 72  ? -2.877  1.013   5.106   1.00 12.85 ? 72  VAL A O   1 
ATOM   504  C CB  . VAL A 1 72  ? -0.481  0.157   6.862   1.00 13.42 ? 72  VAL A CB  1 
ATOM   505  C CG1 . VAL A 1 72  ? 0.309   -0.433  5.674   1.00 11.95 ? 72  VAL A CG1 1 
ATOM   506  C CG2 . VAL A 1 72  ? 0.467   0.155   8.087   1.00 11.62 ? 72  VAL A CG2 1 
ATOM   507  N N   . ILE A 1 73  ? -1.167  2.054   4.152   1.00 12.72 ? 73  ILE A N   1 
ATOM   508  C CA  . ILE A 1 73  ? -1.722  1.926   2.789   1.00 12.93 ? 73  ILE A CA  1 
ATOM   509  C C   . ILE A 1 73  ? -0.698  0.970   2.139   1.00 13.75 ? 73  ILE A C   1 
ATOM   510  O O   . ILE A 1 73  ? 0.483   1.303   2.077   1.00 13.35 ? 73  ILE A O   1 
ATOM   511  C CB  . ILE A 1 73  ? -1.759  3.259   2.052   1.00 12.20 ? 73  ILE A CB  1 
ATOM   512  C CG1 . ILE A 1 73  ? -2.771  4.222   2.701   1.00 13.58 ? 73  ILE A CG1 1 
ATOM   513  C CG2 . ILE A 1 73  ? -2.065  3.040   0.567   1.00 12.33 ? 73  ILE A CG2 1 
ATOM   514  C CD1 . ILE A 1 73  ? -2.707  5.668   2.170   1.00 13.08 ? 73  ILE A CD1 1 
ATOM   515  N N   . LEU A 1 74  ? -1.105  -0.234  1.767   1.00 11.73 ? 74  LEU A N   1 
ATOM   516  C CA  . LEU A 1 74  ? -0.140  -1.212  1.275   1.00 11.80 ? 74  LEU A CA  1 
ATOM   517  C C   . LEU A 1 74  ? -0.398  -1.673  -0.145  1.00 13.02 ? 74  LEU A C   1 
ATOM   518  O O   . LEU A 1 74  ? -1.515  -2.127  -0.478  1.00 13.31 ? 74  LEU A O   1 
ATOM   519  C CB  . LEU A 1 74  ? -0.187  -2.408  2.238   1.00 11.36 ? 74  LEU A CB  1 
ATOM   520  C CG  . LEU A 1 74  ? 0.550   -3.714  1.953   1.00 14.88 ? 74  LEU A CG  1 
ATOM   521  C CD1 . LEU A 1 74  ? 2.065   -3.576  1.973   1.00 12.43 ? 74  LEU A CD1 1 
ATOM   522  C CD2 . LEU A 1 74  ? 0.128   -4.765  2.998   1.00 13.17 ? 74  LEU A CD2 1 
ATOM   523  N N   . ASN A 1 75  ? 0.672   -1.659  -0.964  1.00 10.90 ? 75  ASN A N   1 
ATOM   524  C CA  . ASN A 1 75  ? 0.567   -2.237  -2.302  1.00 12.86 ? 75  ASN A CA  1 
ATOM   525  C C   . ASN A 1 75  ? 1.668   -3.296  -2.219  1.00 13.84 ? 75  ASN A C   1 
ATOM   526  O O   . ASN A 1 75  ? 2.873   -2.963  -2.366  1.00 12.43 ? 75  ASN A O   1 
ATOM   527  C CB  . ASN A 1 75  ? 0.856   -1.206  -3.411  1.00 10.35 ? 75  ASN A CB  1 
ATOM   528  C CG  . ASN A 1 75  ? 0.741   -1.890  -4.757  1.00 12.64 ? 75  ASN A CG  1 
ATOM   529  O OD1 . ASN A 1 75  ? 0.778   -3.139  -4.868  1.00 11.37 ? 75  ASN A OD1 1 
ATOM   530  N ND2 . ASN A 1 75  ? 0.630   -1.046  -5.776  1.00 10.11 ? 75  ASN A ND2 1 
ATOM   531  N N   . ALA A 1 76  ? 1.242   -4.549  -1.991  1.00 12.17 ? 76  ALA A N   1 
ATOM   532  C CA  . ALA A 1 76  ? 2.289   -5.548  -1.779  1.00 13.61 ? 76  ALA A CA  1 
ATOM   533  C C   . ALA A 1 76  ? 2.805   -6.190  -3.047  1.00 14.45 ? 76  ALA A C   1 
ATOM   534  O O   . ALA A 1 76  ? 3.606   -7.143  -2.943  1.00 14.08 ? 76  ALA A O   1 
ATOM   535  C CB  . ALA A 1 76  ? 1.644   -6.616  -0.848  1.00 13.59 ? 76  ALA A CB  1 
ATOM   536  N N   . GLY A 1 77  ? 2.358   -5.745  -4.226  1.00 14.01 ? 77  GLY A N   1 
ATOM   537  C CA  . GLY A 1 77  ? 2.829   -6.353  -5.481  1.00 13.04 ? 77  GLY A CA  1 
ATOM   538  C C   . GLY A 1 77  ? 2.432   -7.831  -5.531  1.00 15.03 ? 77  GLY A C   1 
ATOM   539  O O   . GLY A 1 77  ? 1.358   -8.241  -5.042  1.00 14.75 ? 77  GLY A O   1 
ATOM   540  N N   . GLY A 1 78  ? 3.334   -8.665  -6.048  1.00 13.70 ? 78  GLY A N   1 
ATOM   541  C CA  . GLY A 1 78  ? 3.050   -10.100 -6.213  1.00 15.21 ? 78  GLY A CA  1 
ATOM   542  C C   . GLY A 1 78  ? 2.855   -10.832 -4.895  1.00 15.15 ? 78  GLY A C   1 
ATOM   543  O O   . GLY A 1 78  ? 2.219   -11.899 -4.875  1.00 14.77 ? 78  GLY A O   1 
ATOM   544  N N   . LEU A 1 79  ? 3.353   -10.284 -3.751  1.00 12.12 ? 79  LEU A N   1 
ATOM   545  C CA  . LEU A 1 79  ? 3.222   -10.945 -2.473  1.00 13.01 ? 79  LEU A CA  1 
ATOM   546  C C   . LEU A 1 79  ? 1.749   -10.968 -2.008  1.00 14.18 ? 79  LEU A C   1 
ATOM   547  O O   . LEU A 1 79  ? 1.356   -11.831 -1.203  1.00 12.99 ? 79  LEU A O   1 
ATOM   548  C CB  . LEU A 1 79  ? 4.040   -10.194 -1.429  1.00 13.54 ? 79  LEU A CB  1 
ATOM   549  C CG  . LEU A 1 79  ? 5.570   -10.211 -1.671  1.00 15.20 ? 79  LEU A CG  1 
ATOM   550  C CD1 . LEU A 1 79  ? 6.227   -9.483  -0.512  1.00 16.03 ? 79  LEU A CD1 1 
ATOM   551  C CD2 . LEU A 1 79  ? 6.060   -11.657 -1.716  1.00 16.58 ? 79  LEU A CD2 1 
ATOM   552  N N   . THR A 1 80  ? 0.950   -10.062 -2.560  1.00 12.05 ? 80  THR A N   1 
ATOM   553  C CA  . THR A 1 80  ? -0.492  -10.062 -2.249  1.00 14.02 ? 80  THR A CA  1 
ATOM   554  C C   . THR A 1 80  ? -1.115  -11.445 -2.433  1.00 11.26 ? 80  THR A C   1 
ATOM   555  O O   . THR A 1 80  ? -1.972  -11.884 -1.668  1.00 11.91 ? 80  THR A O   1 
ATOM   556  C CB  . THR A 1 80  ? -1.235  -9.144  -3.291  1.00 17.14 ? 80  THR A CB  1 
ATOM   557  O OG1 . THR A 1 80  ? -0.520  -7.884  -3.320  1.00 20.13 ? 80  THR A OG1 1 
ATOM   558  C CG2 . THR A 1 80  ? -2.681  -9.005  -2.862  1.00 16.82 ? 80  THR A CG2 1 
ATOM   559  N N   . HIS A 1 81  ? -0.723  -12.096 -3.533  1.00 12.00 ? 81  HIS A N   1 
ATOM   560  C CA  . HIS A 1 81  ? -1.321  -13.389 -3.865  1.00 14.11 ? 81  HIS A CA  1 
ATOM   561  C C   . HIS A 1 81  ? -0.680  -14.601 -3.220  1.00 15.30 ? 81  HIS A C   1 
ATOM   562  O O   . HIS A 1 81  ? -1.201  -15.701 -3.439  1.00 15.54 ? 81  HIS A O   1 
ATOM   563  C CB  . HIS A 1 81  ? -1.197  -13.610 -5.419  1.00 14.24 ? 81  HIS A CB  1 
ATOM   564  C CG  . HIS A 1 81  ? -1.576  -12.334 -6.122  1.00 16.77 ? 81  HIS A CG  1 
ATOM   565  N ND1 . HIS A 1 81  ? -2.843  -11.785 -6.060  1.00 16.69 ? 81  HIS A ND1 1 
ATOM   566  C CD2 . HIS A 1 81  ? -0.806  -11.469 -6.830  1.00 17.89 ? 81  HIS A CD2 1 
ATOM   567  C CE1 . HIS A 1 81  ? -2.824  -10.629 -6.741  1.00 18.28 ? 81  HIS A CE1 1 
ATOM   568  N NE2 . HIS A 1 81  ? -1.594  -10.433 -7.224  1.00 18.76 ? 81  HIS A NE2 1 
ATOM   569  N N   . THR A 1 82  ? 0.504   -14.483 -2.626  1.00 12.92 ? 82  THR A N   1 
ATOM   570  C CA  . THR A 1 82  ? 1.285   -15.633 -2.207  1.00 13.18 ? 82  THR A CA  1 
ATOM   571  C C   . THR A 1 82  ? 1.727   -15.669 -0.753  1.00 14.23 ? 82  THR A C   1 
ATOM   572  O O   . THR A 1 82  ? 1.989   -16.758 -0.266  1.00 14.75 ? 82  THR A O   1 
ATOM   573  C CB  . THR A 1 82  ? 2.584   -15.688 -3.061  1.00 13.00 ? 82  THR A CB  1 
ATOM   574  O OG1 . THR A 1 82  ? 3.370   -14.523 -2.765  1.00 11.05 ? 82  THR A OG1 1 
ATOM   575  C CG2 . THR A 1 82  ? 2.305   -15.603 -4.592  1.00 13.40 ? 82  THR A CG2 1 
ATOM   576  N N   . SER A 1 83  ? 1.828   -14.550 -0.029  1.00 12.73 ? 83  SER A N   1 
ATOM   577  C CA  . SER A 1 83  ? 2.411   -14.590 1.304   1.00 12.90 ? 83  SER A CA  1 
ATOM   578  C C   . SER A 1 83  ? 1.453   -14.642 2.476   1.00 14.89 ? 83  SER A C   1 
ATOM   579  O O   . SER A 1 83  ? 0.803   -13.631 2.777   1.00 15.20 ? 83  SER A O   1 
ATOM   580  C CB  . SER A 1 83  ? 3.332   -13.347 1.485   1.00 12.87 ? 83  SER A CB  1 
ATOM   581  O OG  . SER A 1 83  ? 3.882   -13.382 2.799   1.00 15.71 ? 83  SER A OG  1 
ATOM   582  N N   . VAL A 1 84  ? 1.426   -15.806 3.129   1.00 12.05 ? 84  VAL A N   1 
ATOM   583  C CA  . VAL A 1 84  ? 0.660   -15.919 4.385   1.00 13.73 ? 84  VAL A CA  1 
ATOM   584  C C   . VAL A 1 84  ? 1.394   -15.161 5.479   1.00 13.49 ? 84  VAL A C   1 
ATOM   585  O O   . VAL A 1 84  ? 0.792   -14.608 6.398   1.00 14.87 ? 84  VAL A O   1 
ATOM   586  C CB  . VAL A 1 84  ? 0.517   -17.413 4.780   1.00 12.31 ? 84  VAL A CB  1 
ATOM   587  C CG1 . VAL A 1 84  ? -0.206  -17.558 6.142   1.00 11.32 ? 84  VAL A CG1 1 
ATOM   588  C CG2 . VAL A 1 84  ? -0.370  -18.059 3.703   1.00 12.35 ? 84  VAL A CG2 1 
ATOM   589  N N   . ALA A 1 85  ? 2.726   -15.115 5.444   1.00 12.53 ? 85  ALA A N   1 
ATOM   590  C CA  . ALA A 1 85  ? 3.492   -14.394 6.476   1.00 13.16 ? 85  ALA A CA  1 
ATOM   591  C C   . ALA A 1 85  ? 3.156   -12.912 6.460   1.00 13.02 ? 85  ALA A C   1 
ATOM   592  O O   . ALA A 1 85  ? 2.960   -12.296 7.530   1.00 14.79 ? 85  ALA A O   1 
ATOM   593  C CB  . ALA A 1 85  ? 4.994   -14.616 6.154   1.00 12.45 ? 85  ALA A CB  1 
ATOM   594  N N   . LEU A 1 86  ? 2.973   -12.331 5.264   1.00 9.65  ? 86  LEU A N   1 
ATOM   595  C CA  . LEU A 1 86  ? 2.607   -10.902 5.215   1.00 10.51 ? 86  LEU A CA  1 
ATOM   596  C C   . LEU A 1 86  ? 1.207   -10.691 5.802   1.00 13.50 ? 86  LEU A C   1 
ATOM   597  O O   . LEU A 1 86  ? 0.923   -9.764  6.535   1.00 11.59 ? 86  LEU A O   1 
ATOM   598  C CB  . LEU A 1 86  ? 2.603   -10.464 3.733   1.00 14.19 ? 86  LEU A CB  1 
ATOM   599  C CG  . LEU A 1 86  ? 2.365   -8.965  3.498   1.00 17.97 ? 86  LEU A CG  1 
ATOM   600  C CD1 . LEU A 1 86  ? 3.244   -8.080  4.367   1.00 17.73 ? 86  LEU A CD1 1 
ATOM   601  C CD2 . LEU A 1 86  ? 2.580   -8.601  2.012   1.00 20.26 ? 86  LEU A CD2 1 
ATOM   602  N N   . ARG A 1 87  ? 0.237   -11.569 5.396   1.00 11.41 ? 87  ARG A N   1 
ATOM   603  C CA  . ARG A 1 87  ? -1.109  -11.470 5.959   1.00 13.31 ? 87  ARG A CA  1 
ATOM   604  C C   . ARG A 1 87  ? -1.024  -11.549 7.479   1.00 13.58 ? 87  ARG A C   1 
ATOM   605  O O   . ARG A 1 87  ? -1.664  -10.752 8.186   1.00 13.85 ? 87  ARG A O   1 
ATOM   606  C CB  . ARG A 1 87  ? -1.983  -12.645 5.441   1.00 13.89 ? 87  ARG A CB  1 
ATOM   607  C CG  . ARG A 1 87  ? -3.420  -12.646 6.010   1.00 18.07 ? 87  ARG A CG  1 
ATOM   608  C CD  . ARG A 1 87  ? -3.951  -14.080 6.028   1.00 21.60 ? 87  ARG A CD  1 
ATOM   609  N NE  . ARG A 1 87  ? -5.320  -14.329 6.450   1.00 24.47 ? 87  ARG A NE  1 
ATOM   610  C CZ  . ARG A 1 87  ? -6.430  -14.378 5.696   1.00 24.77 ? 87  ARG A CZ  1 
ATOM   611  N NH1 . ARG A 1 87  ? -6.478  -14.127 4.396   1.00 21.31 ? 87  ARG A NH1 1 
ATOM   612  N NH2 . ARG A 1 87  ? -7.572  -14.721 6.321   1.00 25.67 ? 87  ARG A NH2 1 
ATOM   613  N N   . ASP A 1 88  ? -0.270  -12.536 8.029   1.00 12.27 ? 88  ASP A N   1 
ATOM   614  C CA  . ASP A 1 88  ? -0.228  -12.646 9.499   1.00 16.51 ? 88  ASP A CA  1 
ATOM   615  C C   . ASP A 1 88  ? 0.391   -11.436 10.204  1.00 14.35 ? 88  ASP A C   1 
ATOM   616  O O   . ASP A 1 88  ? -0.063  -11.049 11.288  1.00 14.59 ? 88  ASP A O   1 
ATOM   617  C CB  . ASP A 1 88  ? 0.464   -13.939 9.952   1.00 16.74 ? 88  ASP A CB  1 
ATOM   618  C CG  . ASP A 1 88  ? -0.436  -15.138 9.678   1.00 19.73 ? 88  ASP A CG  1 
ATOM   619  O OD1 . ASP A 1 88  ? -1.642  -15.041 9.411   1.00 20.94 ? 88  ASP A OD1 1 
ATOM   620  O OD2 . ASP A 1 88  ? 0.090   -16.247 9.632   1.00 21.81 ? 88  ASP A OD2 1 
ATOM   621  N N   . ALA A 1 89  ? 1.332   -10.731 9.584   1.00 12.93 ? 89  ALA A N   1 
ATOM   622  C CA  . ALA A 1 89  ? 1.879   -9.523  10.179  1.00 13.93 ? 89  ALA A CA  1 
ATOM   623  C C   . ALA A 1 89  ? 0.822   -8.406  10.147  1.00 15.34 ? 89  ALA A C   1 
ATOM   624  O O   . ALA A 1 89  ? 0.662   -7.622  11.094  1.00 14.29 ? 89  ALA A O   1 
ATOM   625  C CB  . ALA A 1 89  ? 3.136   -9.126  9.400   1.00 13.47 ? 89  ALA A CB  1 
ATOM   626  N N   . CYS A 1 90  ? 0.114   -8.273  8.996   1.00 13.10 ? 90  CYS A N   1 
ATOM   627  C CA  . CYS A 1 90  ? -0.933  -7.296  8.857   1.00 14.39 ? 90  CYS A CA  1 
ATOM   628  C C   . CYS A 1 90  ? -2.136  -7.575  9.758   1.00 17.09 ? 90  CYS A C   1 
ATOM   629  O O   . CYS A 1 90  ? -2.831  -6.616  10.154  1.00 14.91 ? 90  CYS A O   1 
ATOM   630  C CB  . CYS A 1 90  ? -1.525  -7.248  7.403   1.00 14.47 ? 90  CYS A CB  1 
ATOM   631  S SG  . CYS A 1 90  ? -0.289  -6.559  6.291   1.00 12.24 ? 90  CYS A SG  1 
ATOM   632  N N   . ALA A 1 91  ? -2.375  -8.824  10.147  1.00 17.09 ? 91  ALA A N   1 
ATOM   633  C CA  . ALA A 1 91  ? -3.481  -9.127  11.083  1.00 17.83 ? 91  ALA A CA  1 
ATOM   634  C C   . ALA A 1 91  ? -3.270  -8.488  12.433  1.00 19.34 ? 91  ALA A C   1 
ATOM   635  O O   . ALA A 1 91  ? -4.226  -8.294  13.215  1.00 19.83 ? 91  ALA A O   1 
ATOM   636  C CB  . ALA A 1 91  ? -3.637  -10.642 11.233  1.00 16.42 ? 91  ALA A CB  1 
ATOM   637  N N   . GLU A 1 92  ? -2.051  -8.048  12.792  1.00 18.49 ? 92  GLU A N   1 
ATOM   638  C CA  . GLU A 1 92  ? -1.807  -7.388  14.064  1.00 20.64 ? 92  GLU A CA  1 
ATOM   639  C C   . GLU A 1 92  ? -2.116  -5.911  14.063  1.00 22.59 ? 92  GLU A C   1 
ATOM   640  O O   . GLU A 1 92  ? -1.995  -5.318  15.135  1.00 20.21 ? 92  GLU A O   1 
ATOM   641  C CB  . GLU A 1 92  ? -0.294  -7.436  14.439  1.00 24.99 ? 92  GLU A CB  1 
ATOM   642  C CG  . GLU A 1 92  ? 0.113   -8.832  14.798  1.00 28.76 ? 92  GLU A CG  1 
ATOM   643  C CD  . GLU A 1 92  ? 1.513   -8.960  15.382  1.00 32.33 ? 92  GLU A CD  1 
ATOM   644  O OE1 . GLU A 1 92  ? 2.433   -8.161  15.203  1.00 29.06 ? 92  GLU A OE1 1 
ATOM   645  O OE2 . GLU A 1 92  ? 1.676   -10.037 16.029  1.00 36.96 ? 92  GLU A OE2 1 
ATOM   646  N N   . LEU A 1 93  ? -2.266  -5.292  12.865  1.00 20.84 ? 93  LEU A N   1 
ATOM   647  C CA  . LEU A 1 93  ? -2.483  -3.839  12.873  1.00 20.31 ? 93  LEU A CA  1 
ATOM   648  C C   . LEU A 1 93  ? -3.791  -3.463  13.582  1.00 21.14 ? 93  LEU A C   1 
ATOM   649  O O   . LEU A 1 93  ? -4.815  -4.119  13.346  1.00 21.56 ? 93  LEU A O   1 
ATOM   650  C CB  . LEU A 1 93  ? -2.579  -3.377  11.410  1.00 18.28 ? 93  LEU A CB  1 
ATOM   651  C CG  . LEU A 1 93  ? -1.263  -3.537  10.617  1.00 18.43 ? 93  LEU A CG  1 
ATOM   652  C CD1 . LEU A 1 93  ? -1.591  -3.307  9.122   1.00 17.61 ? 93  LEU A CD1 1 
ATOM   653  C CD2 . LEU A 1 93  ? -0.216  -2.550  11.105  1.00 16.88 ? 93  LEU A CD2 1 
ATOM   654  N N   . SER A 1 94  ? -3.815  -2.334  14.277  1.00 22.08 ? 94  SER A N   1 
ATOM   655  C CA  . SER A 1 94  ? -5.093  -1.960  14.929  1.00 25.24 ? 94  SER A CA  1 
ATOM   656  C C   . SER A 1 94  ? -5.719  -0.754  14.248  1.00 25.92 ? 94  SER A C   1 
ATOM   657  O O   . SER A 1 94  ? -6.945  -0.569  14.323  1.00 27.36 ? 94  SER A O   1 
ATOM   658  C CB  . SER A 1 94  ? -4.906  -1.789  16.434  1.00 25.41 ? 94  SER A CB  1 
ATOM   659  O OG  . SER A 1 94  ? -3.977  -0.761  16.654  1.00 27.93 ? 94  SER A OG  1 
ATOM   660  N N   . ALA A 1 95  ? -4.934  -0.001  13.483  1.00 22.18 ? 95  ALA A N   1 
ATOM   661  C CA  . ALA A 1 95  ? -5.471  1.110   12.702  1.00 19.09 ? 95  ALA A CA  1 
ATOM   662  C C   . ALA A 1 95  ? -5.800  0.553   11.313  1.00 19.25 ? 95  ALA A C   1 
ATOM   663  O O   . ALA A 1 95  ? -5.480  -0.597  10.977  1.00 18.19 ? 95  ALA A O   1 
ATOM   664  C CB  . ALA A 1 95  ? -4.419  2.211   12.607  1.00 19.16 ? 95  ALA A CB  1 
ATOM   665  N N   . PRO A 1 96  ? -6.451  1.340   10.488  1.00 18.28 ? 96  PRO A N   1 
ATOM   666  C CA  . PRO A 1 96  ? -6.920  0.863   9.203   1.00 16.97 ? 96  PRO A CA  1 
ATOM   667  C C   . PRO A 1 96  ? -5.769  0.434   8.301   1.00 16.53 ? 96  PRO A C   1 
ATOM   668  O O   . PRO A 1 96  ? -4.641  0.901   8.317   1.00 17.02 ? 96  PRO A O   1 
ATOM   669  C CB  . PRO A 1 96  ? -7.658  2.052   8.631   1.00 18.48 ? 96  PRO A CB  1 
ATOM   670  C CG  . PRO A 1 96  ? -8.124  2.853   9.818   1.00 19.93 ? 96  PRO A CG  1 
ATOM   671  C CD  . PRO A 1 96  ? -6.964  2.722   10.783  1.00 18.88 ? 96  PRO A CD  1 
ATOM   672  N N   . LEU A 1 97  ? -6.049  -0.557  7.471   1.00 14.45 ? 97  LEU A N   1 
ATOM   673  C CA  . LEU A 1 97  ? -5.205  -1.128  6.471   1.00 14.04 ? 97  LEU A CA  1 
ATOM   674  C C   . LEU A 1 97  ? -5.962  -1.022  5.136   1.00 13.18 ? 97  LEU A C   1 
ATOM   675  O O   . LEU A 1 97  ? -7.053  -1.592  5.007   1.00 13.55 ? 97  LEU A O   1 
ATOM   676  C CB  . LEU A 1 97  ? -4.905  -2.614  6.733   1.00 14.42 ? 97  LEU A CB  1 
ATOM   677  C CG  . LEU A 1 97  ? -4.255  -3.381  5.574   1.00 18.89 ? 97  LEU A CG  1 
ATOM   678  C CD1 . LEU A 1 97  ? -2.840  -2.830  5.270   1.00 19.03 ? 97  LEU A CD1 1 
ATOM   679  C CD2 . LEU A 1 97  ? -4.181  -4.854  5.974   1.00 20.38 ? 97  LEU A CD2 1 
ATOM   680  N N   . ILE A 1 98  ? -5.419  -0.266  4.195   1.00 12.87 ? 98  ILE A N   1 
ATOM   681  C CA  . ILE A 1 98  ? -6.067  -0.169  2.868   1.00 12.48 ? 98  ILE A CA  1 
ATOM   682  C C   . ILE A 1 98  ? -5.140  -0.852  1.859   1.00 13.47 ? 98  ILE A C   1 
ATOM   683  O O   . ILE A 1 98  ? -3.965  -0.447  1.687   1.00 13.70 ? 98  ILE A O   1 
ATOM   684  C CB  . ILE A 1 98  ? -6.326  1.281   2.467   1.00 15.21 ? 98  ILE A CB  1 
ATOM   685  C CG1 A ILE A 1 98  ? -7.335  1.907   3.456   0.50 14.07 ? 98  ILE A CG1 1 
ATOM   686  C CG1 B ILE A 1 98  ? -6.973  2.112   3.582   0.50 15.56 ? 98  ILE A CG1 1 
ATOM   687  C CG2 A ILE A 1 98  ? -6.863  1.371   1.031   0.50 13.29 ? 98  ILE A CG2 1 
ATOM   688  C CG2 B ILE A 1 98  ? -7.130  1.312   1.158   0.50 14.12 ? 98  ILE A CG2 1 
ATOM   689  C CD1 A ILE A 1 98  ? -7.509  3.408   3.405   0.50 12.41 ? 98  ILE A CD1 1 
ATOM   690  C CD1 B ILE A 1 98  ? -8.316  1.664   4.078   0.50 16.14 ? 98  ILE A CD1 1 
ATOM   691  N N   . GLU A 1 99  ? -5.650  -1.836  1.143   1.00 11.71 ? 99  GLU A N   1 
ATOM   692  C CA  . GLU A 1 99  ? -4.836  -2.518  0.114   1.00 10.18 ? 99  GLU A CA  1 
ATOM   693  C C   . GLU A 1 99  ? -5.039  -1.772  -1.196  1.00 12.71 ? 99  GLU A C   1 
ATOM   694  O O   . GLU A 1 99  ? -6.203  -1.438  -1.555  1.00 11.70 ? 99  GLU A O   1 
ATOM   695  C CB  . GLU A 1 99  ? -5.400  -3.966  0.026   1.00 12.80 ? 99  GLU A CB  1 
ATOM   696  C CG  . GLU A 1 99  ? -4.729  -4.754  -1.137  1.00 16.13 ? 99  GLU A CG  1 
ATOM   697  C CD  . GLU A 1 99  ? -5.412  -6.127  -1.258  1.00 18.17 ? 99  GLU A CD  1 
ATOM   698  O OE1 . GLU A 1 99  ? -6.302  -6.471  -0.478  1.00 16.72 ? 99  GLU A OE1 1 
ATOM   699  O OE2 . GLU A 1 99  ? -5.082  -6.925  -2.170  1.00 21.91 ? 99  GLU A OE2 1 
ATOM   700  N N   . VAL A 1 100 ? -3.943  -1.469  -1.910  1.00 10.96 ? 100 VAL A N   1 
ATOM   701  C CA  . VAL A 1 100 ? -4.090  -0.737  -3.172  1.00 10.88 ? 100 VAL A CA  1 
ATOM   702  C C   . VAL A 1 100 ? -3.429  -1.494  -4.297  1.00 12.10 ? 100 VAL A C   1 
ATOM   703  O O   . VAL A 1 100 ? -2.369  -2.083  -4.073  1.00 12.92 ? 100 VAL A O   1 
ATOM   704  C CB  . VAL A 1 100 ? -3.349  0.637   -3.026  1.00 13.31 ? 100 VAL A CB  1 
ATOM   705  C CG1 . VAL A 1 100 ? -3.186  1.316   -4.376  1.00 16.68 ? 100 VAL A CG1 1 
ATOM   706  C CG2 . VAL A 1 100 ? -4.169  1.556   -2.130  1.00 14.61 ? 100 VAL A CG2 1 
ATOM   707  N N   . HIS A 1 101 ? -3.991  -1.522  -5.485  1.00 12.08 ? 101 HIS A N   1 
ATOM   708  C CA  . HIS A 1 101 ? -3.378  -2.072  -6.681  1.00 13.26 ? 101 HIS A CA  1 
ATOM   709  C C   . HIS A 1 101 ? -3.526  -0.959  -7.748  1.00 14.30 ? 101 HIS A C   1 
ATOM   710  O O   . HIS A 1 101 ? -4.645  -0.446  -7.895  1.00 12.44 ? 101 HIS A O   1 
ATOM   711  C CB  . HIS A 1 101 ? -4.068  -3.324  -7.232  1.00 15.22 ? 101 HIS A CB  1 
ATOM   712  C CG  . HIS A 1 101 ? -3.890  -4.454  -6.242  1.00 18.11 ? 101 HIS A CG  1 
ATOM   713  N ND1 . HIS A 1 101 ? -2.819  -5.318  -6.265  1.00 20.80 ? 101 HIS A ND1 1 
ATOM   714  C CD2 . HIS A 1 101 ? -4.636  -4.791  -5.170  1.00 18.58 ? 101 HIS A CD2 1 
ATOM   715  C CE1 . HIS A 1 101 ? -2.939  -6.147  -5.221  1.00 21.32 ? 101 HIS A CE1 1 
ATOM   716  N NE2 . HIS A 1 101 ? -4.026  -5.825  -4.540  1.00 18.32 ? 101 HIS A NE2 1 
ATOM   717  N N   . ILE A 1 102 ? -2.474  -0.708  -8.500  1.00 12.07 ? 102 ILE A N   1 
ATOM   718  C CA  . ILE A 1 102 ? -2.565  0.363   -9.499  1.00 14.16 ? 102 ILE A CA  1 
ATOM   719  C C   . ILE A 1 102 ? -3.429  -0.079  -10.679 1.00 15.77 ? 102 ILE A C   1 
ATOM   720  O O   . ILE A 1 102 ? -4.267  0.710   -11.135 1.00 15.06 ? 102 ILE A O   1 
ATOM   721  C CB  . ILE A 1 102 ? -1.122  0.701   -9.967  1.00 16.18 ? 102 ILE A CB  1 
ATOM   722  C CG1 . ILE A 1 102 ? -0.383  1.382   -8.785  1.00 17.25 ? 102 ILE A CG1 1 
ATOM   723  C CG2 . ILE A 1 102 ? -1.113  1.590   -11.217 1.00 18.62 ? 102 ILE A CG2 1 
ATOM   724  C CD1 . ILE A 1 102 ? 1.133   1.445   -9.004  1.00 19.73 ? 102 ILE A CD1 1 
ATOM   725  N N   . SER A 1 103 ? -3.202  -1.310  -11.147 1.00 17.20 ? 103 SER A N   1 
ATOM   726  C CA  . SER A 1 103 ? -3.984  -1.769  -12.307 1.00 18.64 ? 103 SER A CA  1 
ATOM   727  C C   . SER A 1 103 ? -5.144  -2.598  -11.780 1.00 16.38 ? 103 SER A C   1 
ATOM   728  O O   . SER A 1 103 ? -5.283  -2.903  -10.555 1.00 14.13 ? 103 SER A O   1 
ATOM   729  C CB  . SER A 1 103 ? -3.019  -2.623  -13.176 1.00 20.50 ? 103 SER A CB  1 
ATOM   730  O OG  . SER A 1 103 ? -2.884  -3.873  -12.497 1.00 25.75 ? 103 SER A OG  1 
ATOM   731  N N   . ASN A 1 104 ? -6.072  -2.909  -12.688 1.00 15.69 ? 104 ASN A N   1 
ATOM   732  C CA  . ASN A 1 104 ? -7.238  -3.708  -12.286 1.00 16.32 ? 104 ASN A CA  1 
ATOM   733  C C   . ASN A 1 104 ? -6.783  -5.168  -12.293 1.00 16.39 ? 104 ASN A C   1 
ATOM   734  O O   . ASN A 1 104 ? -6.820  -5.809  -13.330 1.00 16.56 ? 104 ASN A O   1 
ATOM   735  C CB  . ASN A 1 104 ? -8.457  -3.469  -13.198 1.00 15.93 ? 104 ASN A CB  1 
ATOM   736  C CG  . ASN A 1 104 ? -9.661  -4.206  -12.716 1.00 18.16 ? 104 ASN A CG  1 
ATOM   737  O OD1 . ASN A 1 104 ? -9.653  -5.130  -11.868 1.00 17.73 ? 104 ASN A OD1 1 
ATOM   738  N ND2 . ASN A 1 104 ? -10.833 -3.821  -13.257 1.00 19.76 ? 104 ASN A ND2 1 
ATOM   739  N N   . VAL A 1 105 ? -6.567  -5.722  -11.087 1.00 18.44 ? 105 VAL A N   1 
ATOM   740  C CA  . VAL A 1 105 ? -6.084  -7.082  -10.908 1.00 21.24 ? 105 VAL A CA  1 
ATOM   741  C C   . VAL A 1 105 ? -7.146  -8.086  -11.366 1.00 24.49 ? 105 VAL A C   1 
ATOM   742  O O   . VAL A 1 105 ? -6.799  -9.198  -11.762 1.00 25.49 ? 105 VAL A O   1 
ATOM   743  C CB  . VAL A 1 105 ? -5.671  -7.404  -9.449  1.00 20.31 ? 105 VAL A CB  1 
ATOM   744  C CG1 A VAL A 1 105 ? -4.433  -6.558  -9.166  0.50 15.44 ? 105 VAL A CG1 1 
ATOM   745  C CG1 B VAL A 1 105 ? -4.422  -8.233  -9.263  0.50 23.37 ? 105 VAL A CG1 1 
ATOM   746  C CG2 A VAL A 1 105 ? -6.741  -7.231  -8.403  0.50 16.33 ? 105 VAL A CG2 1 
ATOM   747  C CG2 B VAL A 1 105 ? -5.591  -6.176  -8.575  0.50 21.97 ? 105 VAL A CG2 1 
ATOM   748  N N   . HIS A 1 106 ? -8.417  -7.705  -11.438 1.00 21.56 ? 106 HIS A N   1 
ATOM   749  C CA  . HIS A 1 106 ? -9.451  -8.649  -11.871 1.00 21.49 ? 106 HIS A CA  1 
ATOM   750  C C   . HIS A 1 106 ? -9.558  -8.830  -13.363 1.00 20.91 ? 106 HIS A C   1 
ATOM   751  O O   . HIS A 1 106 ? -10.323 -9.686  -13.829 1.00 21.53 ? 106 HIS A O   1 
ATOM   752  C CB  . HIS A 1 106 ? -10.823 -8.139  -11.333 1.00 21.49 ? 106 HIS A CB  1 
ATOM   753  C CG  . HIS A 1 106 ? -10.751 -8.100  -9.828  1.00 24.78 ? 106 HIS A CG  1 
ATOM   754  N ND1 . HIS A 1 106 ? -10.749 -9.276  -9.105  1.00 24.87 ? 106 HIS A ND1 1 
ATOM   755  C CD2 . HIS A 1 106 ? -10.657 -7.089  -8.934  1.00 23.95 ? 106 HIS A CD2 1 
ATOM   756  C CE1 . HIS A 1 106 ? -10.679 -8.990  -7.811  1.00 25.17 ? 106 HIS A CE1 1 
ATOM   757  N NE2 . HIS A 1 106 ? -10.608 -7.683  -7.691  1.00 26.67 ? 106 HIS A NE2 1 
ATOM   758  N N   . ALA A 1 107 ? -8.858  -8.032  -14.150 1.00 19.81 ? 107 ALA A N   1 
ATOM   759  C CA  . ALA A 1 107 ? -8.922  -8.082  -15.589 1.00 23.26 ? 107 ALA A CA  1 
ATOM   760  C C   . ALA A 1 107 ? -7.706  -8.817  -16.150 1.00 24.12 ? 107 ALA A C   1 
ATOM   761  O O   . ALA A 1 107 ? -7.513  -8.770  -17.354 1.00 27.16 ? 107 ALA A O   1 
ATOM   762  C CB  . ALA A 1 107 ? -8.937  -6.639  -16.148 1.00 22.51 ? 107 ALA A CB  1 
ATOM   763  N N   . ARG A 1 108 ? -6.887  -9.436  -15.343 1.00 23.97 ? 108 ARG A N   1 
ATOM   764  C CA  . ARG A 1 108 ? -5.652  -10.093 -15.768 1.00 26.15 ? 108 ARG A CA  1 
ATOM   765  C C   . ARG A 1 108 ? -5.660  -11.589 -15.573 1.00 26.22 ? 108 ARG A C   1 
ATOM   766  O O   . ARG A 1 108 ? -6.758  -12.149 -15.598 1.00 24.43 ? 108 ARG A O   1 
ATOM   767  C CB  . ARG A 1 108 ? -4.506  -9.476  -14.912 1.00 25.65 ? 108 ARG A CB  1 
ATOM   768  C CG  . ARG A 1 108 ? -4.364  -7.994  -15.275 1.00 28.67 ? 108 ARG A CG  1 
ATOM   769  C CD  . ARG A 1 108 ? -3.282  -7.297  -14.479 1.00 31.65 ? 108 ARG A CD  1 
ATOM   770  N NE  . ARG A 1 108 ? -1.952  -7.730  -14.872 1.00 32.47 ? 108 ARG A NE  1 
ATOM   771  C CZ  . ARG A 1 108 ? -0.871  -7.473  -14.131 1.00 36.26 ? 108 ARG A CZ  1 
ATOM   772  N NH1 . ARG A 1 108 ? -0.936  -6.799  -12.987 1.00 36.83 ? 108 ARG A NH1 1 
ATOM   773  N NH2 . ARG A 1 108 ? 0.315   -7.890  -14.521 1.00 35.62 ? 108 ARG A NH2 1 
ATOM   774  N N   . GLU A 1 109 ? -4.566  -12.217 -15.163 1.00 23.99 ? 109 GLU A N   1 
ATOM   775  C CA  . GLU A 1 109 ? -4.620  -13.666 -14.958 1.00 26.68 ? 109 GLU A CA  1 
ATOM   776  C C   . GLU A 1 109 ? -5.483  -14.032 -13.771 1.00 26.18 ? 109 GLU A C   1 
ATOM   777  O O   . GLU A 1 109 ? -5.495  -13.320 -12.761 1.00 23.77 ? 109 GLU A O   1 
ATOM   778  C CB  . GLU A 1 109 ? -3.223  -14.272 -14.689 1.00 28.30 ? 109 GLU A CB  1 
ATOM   779  C CG  . GLU A 1 109 ? -2.249  -13.920 -15.794 1.00 29.74 ? 109 GLU A CG  1 
ATOM   780  C CD  . GLU A 1 109 ? -1.483  -12.654 -15.579 1.00 32.77 ? 109 GLU A CD  1 
ATOM   781  O OE1 . GLU A 1 109 ? -1.895  -11.663 -14.952 1.00 31.50 ? 109 GLU A OE1 1 
ATOM   782  O OE2 . GLU A 1 109 ? -0.340  -12.629 -16.115 1.00 36.00 ? 109 GLU A OE2 1 
ATOM   783  N N   . GLU A 1 110 ? -6.069  -15.218 -13.831 1.00 26.30 ? 110 GLU A N   1 
ATOM   784  C CA  . GLU A 1 110 ? -6.950  -15.714 -12.786 1.00 28.62 ? 110 GLU A CA  1 
ATOM   785  C C   . GLU A 1 110 ? -6.261  -15.805 -11.426 1.00 27.48 ? 110 GLU A C   1 
ATOM   786  O O   . GLU A 1 110 ? -6.966  -15.546 -10.436 1.00 25.64 ? 110 GLU A O   1 
ATOM   787  C CB  . GLU A 1 110 ? -7.514  -17.069 -13.224 1.00 32.79 ? 110 GLU A CB  1 
ATOM   788  C CG  . GLU A 1 110 ? -8.385  -17.792 -12.219 1.00 40.36 ? 110 GLU A CG  1 
ATOM   789  C CD  . GLU A 1 110 ? -9.014  -19.086 -12.732 1.00 45.42 ? 110 GLU A CD  1 
ATOM   790  O OE1 . GLU A 1 110 ? -8.503  -19.756 -13.673 1.00 47.10 ? 110 GLU A OE1 1 
ATOM   791  O OE2 . GLU A 1 110 ? -10.067 -19.485 -12.163 1.00 47.45 ? 110 GLU A OE2 1 
ATOM   792  N N   . PHE A 1 111 ? -4.954  -16.096 -11.330 1.00 23.63 ? 111 PHE A N   1 
ATOM   793  C CA  . PHE A 1 111 ? -4.320  -16.164 -10.017 1.00 23.90 ? 111 PHE A CA  1 
ATOM   794  C C   . PHE A 1 111 ? -4.255  -14.801 -9.313  1.00 22.42 ? 111 PHE A C   1 
ATOM   795  O O   . PHE A 1 111 ? -4.049  -14.746 -8.106  1.00 21.83 ? 111 PHE A O   1 
ATOM   796  C CB  . PHE A 1 111 ? -2.894  -16.719 -10.071 1.00 24.19 ? 111 PHE A CB  1 
ATOM   797  C CG  . PHE A 1 111 ? -1.892  -16.042 -10.949 1.00 23.60 ? 111 PHE A CG  1 
ATOM   798  C CD1 . PHE A 1 111 ? -1.204  -14.911 -10.538 1.00 24.89 ? 111 PHE A CD1 1 
ATOM   799  C CD2 . PHE A 1 111 ? -1.580  -16.561 -12.199 1.00 23.83 ? 111 PHE A CD2 1 
ATOM   800  C CE1 . PHE A 1 111 ? -0.263  -14.293 -11.353 1.00 23.96 ? 111 PHE A CE1 1 
ATOM   801  C CE2 . PHE A 1 111 ? -0.632  -15.972 -13.006 1.00 23.90 ? 111 PHE A CE2 1 
ATOM   802  C CZ  . PHE A 1 111 ? 0.025   -14.826 -12.596 1.00 25.11 ? 111 PHE A CZ  1 
ATOM   803  N N   . ARG A 1 112 ? -4.339  -13.703 -10.039 1.00 18.89 ? 112 ARG A N   1 
ATOM   804  C CA  . ARG A 1 112 ? -4.306  -12.358 -9.472  1.00 19.95 ? 112 ARG A CA  1 
ATOM   805  C C   . ARG A 1 112 ? -5.613  -11.936 -8.806  1.00 20.87 ? 112 ARG A C   1 
ATOM   806  O O   . ARG A 1 112 ? -5.646  -10.909 -8.056  1.00 20.17 ? 112 ARG A O   1 
ATOM   807  C CB  . ARG A 1 112 ? -3.944  -11.366 -10.596 1.00 19.19 ? 112 ARG A CB  1 
ATOM   808  C CG  . ARG A 1 112 ? -2.506  -11.520 -11.132 1.00 20.84 ? 112 ARG A CG  1 
ATOM   809  C CD  . ARG A 1 112 ? -2.019  -10.237 -11.865 1.00 21.80 ? 112 ARG A CD  1 
ATOM   810  N NE  . ARG A 1 112 ? -0.864  -10.630 -12.690 1.00 21.75 ? 112 ARG A NE  1 
ATOM   811  C CZ  . ARG A 1 112 ? 0.417   -10.492 -12.351 1.00 20.43 ? 112 ARG A CZ  1 
ATOM   812  N NH1 . ARG A 1 112 ? 0.782   -9.911  -11.189 1.00 18.70 ? 112 ARG A NH1 1 
ATOM   813  N NH2 . ARG A 1 112 ? 1.283   -10.959 -13.259 1.00 17.73 ? 112 ARG A NH2 1 
ATOM   814  N N   . ARG A 1 113 ? -6.685  -12.694 -9.021  1.00 20.44 ? 113 ARG A N   1 
ATOM   815  C CA  . ARG A 1 113 ? -7.991  -12.412 -8.423  1.00 22.53 ? 113 ARG A CA  1 
ATOM   816  C C   . ARG A 1 113 ? -8.123  -12.889 -6.991  1.00 24.37 ? 113 ARG A C   1 
ATOM   817  O O   . ARG A 1 113 ? -9.193  -12.783 -6.348  1.00 24.71 ? 113 ARG A O   1 
ATOM   818  C CB  . ARG A 1 113 ? -9.141  -13.007 -9.284  1.00 24.80 ? 113 ARG A CB  1 
ATOM   819  C CG  . ARG A 1 113 ? -9.053  -12.411 -10.706 1.00 27.99 ? 113 ARG A CG  1 
ATOM   820  C CD  . ARG A 1 113 ? -10.337 -12.611 -11.491 1.00 31.75 ? 113 ARG A CD  1 
ATOM   821  N NE  . ARG A 1 113 ? -11.481 -11.911 -10.911 1.00 33.21 ? 113 ARG A NE  1 
ATOM   822  C CZ  . ARG A 1 113 ? -12.723 -11.887 -11.400 1.00 34.84 ? 113 ARG A CZ  1 
ATOM   823  N NH1 . ARG A 1 113 ? -12.956 -12.567 -12.515 1.00 36.21 ? 113 ARG A NH1 1 
ATOM   824  N NH2 . ARG A 1 113 ? -13.687 -11.213 -10.753 1.00 34.67 ? 113 ARG A NH2 1 
ATOM   825  N N   . HIS A 1 114 ? -7.133  -13.607 -6.468  1.00 20.49 ? 114 HIS A N   1 
ATOM   826  C CA  . HIS A 1 114 ? -7.129  -14.066 -5.108  1.00 22.41 ? 114 HIS A CA  1 
ATOM   827  C C   . HIS A 1 114 ? -6.053  -13.258 -4.342  1.00 22.74 ? 114 HIS A C   1 
ATOM   828  O O   . HIS A 1 114 ? -4.872  -13.177 -4.770  1.00 22.01 ? 114 HIS A O   1 
ATOM   829  C CB  . HIS A 1 114 ? -6.885  -15.609 -4.989  1.00 24.94 ? 114 HIS A CB  1 
ATOM   830  C CG  A HIS A 1 114 ? -6.620  -15.897 -3.526  0.50 24.65 ? 114 HIS A CG  1 
ATOM   831  C CG  B HIS A 1 114 ? -7.787  -16.235 -6.031  0.50 27.00 ? 114 HIS A CG  1 
ATOM   832  N ND1 A HIS A 1 114 ? -5.364  -16.093 -2.997  0.50 24.95 ? 114 HIS A ND1 1 
ATOM   833  N ND1 B HIS A 1 114 ? -9.149  -16.326 -5.829  0.50 28.92 ? 114 HIS A ND1 1 
ATOM   834  C CD2 A HIS A 1 114 ? -7.474  -15.935 -2.479  0.50 25.50 ? 114 HIS A CD2 1 
ATOM   835  C CD2 B HIS A 1 114 ? -7.569  -16.675 -7.293  0.50 27.10 ? 114 HIS A CD2 1 
ATOM   836  C CE1 A HIS A 1 114 ? -5.448  -16.293 -1.697  0.50 23.92 ? 114 HIS A CE1 1 
ATOM   837  C CE1 B HIS A 1 114 ? -9.728  -16.848 -6.903  0.50 28.34 ? 114 HIS A CE1 1 
ATOM   838  N NE2 A HIS A 1 114 ? -6.723  -16.205 -1.358  0.50 24.94 ? 114 HIS A NE2 1 
ATOM   839  N NE2 B HIS A 1 114 ? -8.782  -17.065 -7.793  0.50 27.62 ? 114 HIS A NE2 1 
ATOM   840  N N   . SER A 1 115 ? -6.461  -12.691 -3.230  1.00 17.81 ? 115 SER A N   1 
ATOM   841  C CA  . SER A 1 115 ? -5.555  -11.910 -2.366  1.00 18.73 ? 115 SER A CA  1 
ATOM   842  C C   . SER A 1 115 ? -5.650  -12.454 -0.950  1.00 18.24 ? 115 SER A C   1 
ATOM   843  O O   . SER A 1 115 ? -6.761  -12.608 -0.404  1.00 17.03 ? 115 SER A O   1 
ATOM   844  C CB  . SER A 1 115 ? -5.957  -10.439 -2.410  1.00 18.81 ? 115 SER A CB  1 
ATOM   845  O OG  . SER A 1 115 ? -5.386  -9.686  -1.328  1.00 20.72 ? 115 SER A OG  1 
ATOM   846  N N   . TYR A 1 116 ? -4.522  -12.702 -0.277  1.00 17.32 ? 116 TYR A N   1 
ATOM   847  C CA  . TYR A 1 116 ? -4.525  -13.117 1.111   1.00 15.50 ? 116 TYR A CA  1 
ATOM   848  C C   . TYR A 1 116 ? -4.758  -11.909 2.012   1.00 16.94 ? 116 TYR A C   1 
ATOM   849  O O   . TYR A 1 116 ? -5.048  -12.059 3.203   1.00 17.27 ? 116 TYR A O   1 
ATOM   850  C CB  . TYR A 1 116 ? -3.169  -13.659 1.560   1.00 17.86 ? 116 TYR A CB  1 
ATOM   851  C CG  . TYR A 1 116 ? -2.918  -15.090 1.134   1.00 18.69 ? 116 TYR A CG  1 
ATOM   852  C CD1 . TYR A 1 116 ? -3.611  -16.106 1.794   1.00 18.94 ? 116 TYR A CD1 1 
ATOM   853  C CD2 . TYR A 1 116 ? -2.029  -15.393 0.110   1.00 19.83 ? 116 TYR A CD2 1 
ATOM   854  C CE1 . TYR A 1 116 ? -3.450  -17.425 1.414   1.00 22.27 ? 116 TYR A CE1 1 
ATOM   855  C CE2 . TYR A 1 116 ? -1.828  -16.726 -0.259  1.00 20.36 ? 116 TYR A CE2 1 
ATOM   856  C CZ  . TYR A 1 116 ? -2.517  -17.703 0.397   1.00 23.04 ? 116 TYR A CZ  1 
ATOM   857  O OH  . TYR A 1 116 ? -2.348  -18.995 0.042   1.00 25.21 ? 116 TYR A OH  1 
ATOM   858  N N   . LEU A 1 117 ? -4.610  -10.718 1.453   1.00 15.41 ? 117 LEU A N   1 
ATOM   859  C CA  . LEU A 1 117 ? -4.736  -9.493  2.243   1.00 15.29 ? 117 LEU A CA  1 
ATOM   860  C C   . LEU A 1 117 ? -6.135  -8.956  2.268   1.00 14.68 ? 117 LEU A C   1 
ATOM   861  O O   . LEU A 1 117 ? -6.577  -8.456  3.288   1.00 15.61 ? 117 LEU A O   1 
ATOM   862  C CB  . LEU A 1 117 ? -3.842  -8.396  1.617   1.00 16.97 ? 117 LEU A CB  1 
ATOM   863  C CG  . LEU A 1 117 ? -2.340  -8.630  1.548   1.00 19.97 ? 117 LEU A CG  1 
ATOM   864  C CD1 . LEU A 1 117 ? -1.646  -7.362  0.936   1.00 20.55 ? 117 LEU A CD1 1 
ATOM   865  C CD2 . LEU A 1 117 ? -1.772  -8.873  2.945   1.00 21.29 ? 117 LEU A CD2 1 
ATOM   866  N N   . SER A 1 118 ? -6.886  -9.005  1.146   1.00 13.46 ? 118 SER A N   1 
ATOM   867  C CA  . SER A 1 118 ? -8.221  -8.387  1.148   1.00 15.58 ? 118 SER A CA  1 
ATOM   868  C C   . SER A 1 118 ? -9.133  -8.737  2.289   1.00 15.66 ? 118 SER A C   1 
ATOM   869  O O   . SER A 1 118 ? -9.786  -7.866  2.867   1.00 17.99 ? 118 SER A O   1 
ATOM   870  C CB  . SER A 1 118 ? -8.950  -8.687  -0.184  1.00 16.34 ? 118 SER A CB  1 
ATOM   871  O OG  . SER A 1 118 ? -8.115  -8.219  -1.256  1.00 15.08 ? 118 SER A OG  1 
ATOM   872  N N   . PRO A 1 119 ? -9.265  -9.996  2.699   1.00 15.47 ? 119 PRO A N   1 
ATOM   873  C CA  . PRO A 1 119 ? -10.172 -10.365 3.768   1.00 16.91 ? 119 PRO A CA  1 
ATOM   874  C C   . PRO A 1 119 ? -9.813  -9.708  5.083   1.00 18.15 ? 119 PRO A C   1 
ATOM   875  O O   . PRO A 1 119 ? -10.685 -9.567  5.959   1.00 19.85 ? 119 PRO A O   1 
ATOM   876  C CB  . PRO A 1 119 ? -10.002 -11.902 3.918   1.00 16.48 ? 119 PRO A CB  1 
ATOM   877  C CG  . PRO A 1 119 ? -9.487  -12.339 2.598   1.00 16.49 ? 119 PRO A CG  1 
ATOM   878  C CD  . PRO A 1 119 ? -8.647  -11.179 2.064   1.00 15.17 ? 119 PRO A CD  1 
ATOM   879  N N   . ILE A 1 120 ? -8.559  -9.330  5.314   1.00 16.42 ? 120 ILE A N   1 
ATOM   880  C CA  . ILE A 1 120 ? -8.278  -8.687  6.620   1.00 18.52 ? 120 ILE A CA  1 
ATOM   881  C C   . ILE A 1 120 ? -8.076  -7.205  6.455   1.00 16.55 ? 120 ILE A C   1 
ATOM   882  O O   . ILE A 1 120 ? -7.925  -6.524  7.464   1.00 16.68 ? 120 ILE A O   1 
ATOM   883  C CB  . ILE A 1 120 ? -7.088  -9.341  7.339   1.00 23.12 ? 120 ILE A CB  1 
ATOM   884  C CG1 . ILE A 1 120 ? -5.840  -9.177  6.462   1.00 24.24 ? 120 ILE A CG1 1 
ATOM   885  C CG2 . ILE A 1 120 ? -7.332  -10.830 7.639   1.00 22.46 ? 120 ILE A CG2 1 
ATOM   886  C CD1 . ILE A 1 120 ? -4.575  -9.406  7.289   1.00 29.85 ? 120 ILE A CD1 1 
ATOM   887  N N   . ALA A 1 121 ? -8.125  -6.651  5.232   1.00 14.56 ? 121 ALA A N   1 
ATOM   888  C CA  . ALA A 1 121 ? -7.966  -5.192  5.078   1.00 14.70 ? 121 ALA A CA  1 
ATOM   889  C C   . ALA A 1 121 ? -9.240  -4.455  5.469   1.00 15.06 ? 121 ALA A C   1 
ATOM   890  O O   . ALA A 1 121 ? -10.287 -5.081  5.422   1.00 12.63 ? 121 ALA A O   1 
ATOM   891  C CB  . ALA A 1 121 ? -7.707  -4.889  3.577   1.00 14.26 ? 121 ALA A CB  1 
ATOM   892  N N   . THR A 1 122 ? -9.201  -3.164  5.801   1.00 13.44 ? 122 THR A N   1 
ATOM   893  C CA  . THR A 1 122 ? -10.419 -2.412  6.024   1.00 15.32 ? 122 THR A CA  1 
ATOM   894  C C   . THR A 1 122 ? -11.085 -2.187  4.640   1.00 16.20 ? 122 THR A C   1 
ATOM   895  O O   . THR A 1 122 ? -12.278 -2.415  4.478   1.00 16.59 ? 122 THR A O   1 
ATOM   896  C CB  . THR A 1 122 ? -10.087 -1.002  6.532   1.00 15.90 ? 122 THR A CB  1 
ATOM   897  O OG1 . THR A 1 122 ? -9.276  -1.110  7.701   1.00 17.36 ? 122 THR A OG1 1 
ATOM   898  C CG2 . THR A 1 122 ? -11.334 -0.167  6.793   1.00 18.53 ? 122 THR A CG2 1 
ATOM   899  N N   . GLY A 1 123 ? -10.299 -1.852  3.622   1.00 13.26 ? 123 GLY A N   1 
ATOM   900  C CA  . GLY A 1 123 ? -10.862 -1.636  2.271   1.00 14.79 ? 123 GLY A CA  1 
ATOM   901  C C   . GLY A 1 123 ? -9.771  -1.880  1.212   1.00 13.06 ? 123 GLY A C   1 
ATOM   902  O O   . GLY A 1 123 ? -8.597  -2.070  1.531   1.00 10.87 ? 123 GLY A O   1 
ATOM   903  N N   . VAL A 1 124 ? -10.211 -2.010  -0.039  1.00 12.10 ? 124 VAL A N   1 
ATOM   904  C CA  . VAL A 1 124 ? -9.350  -2.355  -1.140  1.00 12.02 ? 124 VAL A CA  1 
ATOM   905  C C   . VAL A 1 124 ? -9.675  -1.426  -2.306  1.00 12.71 ? 124 VAL A C   1 
ATOM   906  O O   . VAL A 1 124 ? -10.844 -1.288  -2.652  1.00 14.12 ? 124 VAL A O   1 
ATOM   907  C CB  . VAL A 1 124 ? -9.567  -3.826  -1.628  1.00 12.11 ? 124 VAL A CB  1 
ATOM   908  C CG1 . VAL A 1 124 ? -8.540  -4.170  -2.727  1.00 11.37 ? 124 VAL A CG1 1 
ATOM   909  C CG2 . VAL A 1 124 ? -9.590  -4.791  -0.445  1.00 10.73 ? 124 VAL A CG2 1 
ATOM   910  N N   . ILE A 1 125 ? -8.687  -0.897  -2.988  1.00 12.58 ? 125 ILE A N   1 
ATOM   911  C CA  . ILE A 1 125 ? -8.894  0.022   -4.102  1.00 11.83 ? 125 ILE A CA  1 
ATOM   912  C C   . ILE A 1 125 ? -8.024  -0.522  -5.241  1.00 13.84 ? 125 ILE A C   1 
ATOM   913  O O   . ILE A 1 125 ? -6.807  -0.713  -5.046  1.00 13.45 ? 125 ILE A O   1 
ATOM   914  C CB  . ILE A 1 125 ? -8.465  1.478   -3.808  1.00 14.13 ? 125 ILE A CB  1 
ATOM   915  C CG1 . ILE A 1 125 ? -9.276  2.134   -2.701  1.00 13.04 ? 125 ILE A CG1 1 
ATOM   916  C CG2 . ILE A 1 125 ? -8.562  2.359   -5.079  1.00 12.36 ? 125 ILE A CG2 1 
ATOM   917  C CD1 . ILE A 1 125 ? -8.688  3.492   -2.255  1.00 15.05 ? 125 ILE A CD1 1 
ATOM   918  N N   . VAL A 1 126 ? -8.679  -0.807  -6.379  1.00 11.24 ? 126 VAL A N   1 
ATOM   919  C CA  . VAL A 1 126 ? -7.955  -1.422  -7.488  1.00 14.44 ? 126 VAL A CA  1 
ATOM   920  C C   . VAL A 1 126 ? -8.284  -0.698  -8.768  1.00 15.03 ? 126 VAL A C   1 
ATOM   921  O O   . VAL A 1 126 ? -9.447  -0.299  -8.968  1.00 13.73 ? 126 VAL A O   1 
ATOM   922  C CB  . VAL A 1 126 ? -8.558  -2.872  -7.461  1.00 18.31 ? 126 VAL A CB  1 
ATOM   923  C CG1 . VAL A 1 126 ? -8.863  -3.573  -8.733  1.00 19.69 ? 126 VAL A CG1 1 
ATOM   924  C CG2 . VAL A 1 126 ? -7.813  -3.735  -6.422  1.00 17.57 ? 126 VAL A CG2 1 
ATOM   925  N N   . GLY A 1 127 ? -7.306  -0.593  -9.670  1.00 13.05 ? 127 GLY A N   1 
ATOM   926  C CA  . GLY A 1 127 ? -7.559  -0.087  -10.999 1.00 13.95 ? 127 GLY A CA  1 
ATOM   927  C C   . GLY A 1 127 ? -7.629  1.409   -11.175 1.00 14.75 ? 127 GLY A C   1 
ATOM   928  O O   . GLY A 1 127 ? -7.875  1.901   -12.303 1.00 17.50 ? 127 GLY A O   1 
ATOM   929  N N   . LEU A 1 128 ? -7.462  2.238   -10.164 1.00 14.56 ? 128 LEU A N   1 
ATOM   930  C CA  . LEU A 1 128 ? -7.572  3.681   -10.370 1.00 14.97 ? 128 LEU A CA  1 
ATOM   931  C C   . LEU A 1 128 ? -6.195  4.324   -10.545 1.00 18.23 ? 128 LEU A C   1 
ATOM   932  O O   . LEU A 1 128 ? -6.070  5.538   -10.285 1.00 17.84 ? 128 LEU A O   1 
ATOM   933  C CB  . LEU A 1 128 ? -8.346  4.300   -9.197  1.00 15.45 ? 128 LEU A CB  1 
ATOM   934  C CG  . LEU A 1 128 ? -9.775  3.724   -8.998  1.00 16.79 ? 128 LEU A CG  1 
ATOM   935  C CD1 . LEU A 1 128 ? -10.400 4.446   -7.787  1.00 16.87 ? 128 LEU A CD1 1 
ATOM   936  C CD2 . LEU A 1 128 ? -10.582 3.935   -10.281 1.00 14.02 ? 128 LEU A CD2 1 
ATOM   937  N N   . GLY A 1 129 ? -5.217  3.514   -10.916 1.00 16.29 ? 129 GLY A N   1 
ATOM   938  C CA  . GLY A 1 129 ? -3.890  4.080   -11.183 1.00 15.99 ? 129 GLY A CA  1 
ATOM   939  C C   . GLY A 1 129 ? -3.279  4.585   -9.886  1.00 17.22 ? 129 GLY A C   1 
ATOM   940  O O   . GLY A 1 129 ? -3.620  4.208   -8.756  1.00 15.95 ? 129 GLY A O   1 
ATOM   941  N N   . ILE A 1 130 ? -2.397  5.572   -10.080 1.00 15.99 ? 130 ILE A N   1 
ATOM   942  C CA  . ILE A 1 130 ? -1.749  6.167   -8.861  1.00 20.71 ? 130 ILE A CA  1 
ATOM   943  C C   . ILE A 1 130 ? -2.693  6.944   -8.016  1.00 16.77 ? 130 ILE A C   1 
ATOM   944  O O   . ILE A 1 130 ? -2.529  7.194   -6.815  1.00 15.49 ? 130 ILE A O   1 
ATOM   945  C CB  . ILE A 1 130 ? -0.581  6.955   -9.511  1.00 24.74 ? 130 ILE A CB  1 
ATOM   946  C CG1 . ILE A 1 130 ? 0.653   6.154   -9.086  1.00 28.18 ? 130 ILE A CG1 1 
ATOM   947  C CG2 . ILE A 1 130 ? -0.610  8.430   -9.318  1.00 28.74 ? 130 ILE A CG2 1 
ATOM   948  C CD1 . ILE A 1 130 ? 0.966   5.149   -10.167 1.00 29.97 ? 130 ILE A CD1 1 
ATOM   949  N N   . GLN A 1 131 ? -3.823  7.397   -8.566  1.00 18.15 ? 131 GLN A N   1 
ATOM   950  C CA  . GLN A 1 131 ? -4.839  8.096   -7.807  1.00 19.04 ? 131 GLN A CA  1 
ATOM   951  C C   . GLN A 1 131 ? -5.402  7.217   -6.687  1.00 16.25 ? 131 GLN A C   1 
ATOM   952  O O   . GLN A 1 131 ? -5.851  7.790   -5.679  1.00 17.07 ? 131 GLN A O   1 
ATOM   953  C CB  . GLN A 1 131 ? -6.032  8.646   -8.644  1.00 21.83 ? 131 GLN A CB  1 
ATOM   954  C CG  A GLN A 1 131 ? -5.578  9.634   -9.701  0.50 25.34 ? 131 GLN A CG  1 
ATOM   955  C CG  B GLN A 1 131 ? -6.251  10.056  -8.074  0.50 25.00 ? 131 GLN A CG  1 
ATOM   956  C CD  A GLN A 1 131 ? -5.180  10.975  -9.104  0.50 27.95 ? 131 GLN A CD  1 
ATOM   957  C CD  B GLN A 1 131 ? -7.515  10.778  -8.420  0.50 26.40 ? 131 GLN A CD  1 
ATOM   958  O OE1 A GLN A 1 131 ? -5.602  11.335  -8.001  0.50 29.12 ? 131 GLN A OE1 1 
ATOM   959  O OE1 B GLN A 1 131 ? -8.166  11.445  -7.618  0.50 26.65 ? 131 GLN A OE1 1 
ATOM   960  N NE2 A GLN A 1 131 ? -4.364  11.730  -9.837  0.50 29.37 ? 131 GLN A NE2 1 
ATOM   961  N NE2 B GLN A 1 131 ? -7.922  10.690  -9.681  0.50 28.43 ? 131 GLN A NE2 1 
ATOM   962  N N   . GLY A 1 132 ? -5.326  5.895   -6.794  1.00 13.73 ? 132 GLY A N   1 
ATOM   963  C CA  . GLY A 1 132 ? -5.760  5.015   -5.718  1.00 14.74 ? 132 GLY A CA  1 
ATOM   964  C C   . GLY A 1 132 ? -5.039  5.348   -4.420  1.00 16.07 ? 132 GLY A C   1 
ATOM   965  O O   . GLY A 1 132 ? -5.617  5.272   -3.325  1.00 16.76 ? 132 GLY A O   1 
ATOM   966  N N   . TYR A 1 133 ? -3.724  5.658   -4.515  1.00 14.55 ? 133 TYR A N   1 
ATOM   967  C CA  . TYR A 1 133 ? -3.048  5.997   -3.232  1.00 14.13 ? 133 TYR A CA  1 
ATOM   968  C C   . TYR A 1 133 ? -3.591  7.321   -2.665  1.00 12.70 ? 133 TYR A C   1 
ATOM   969  O O   . TYR A 1 133 ? -3.694  7.388   -1.441  1.00 14.07 ? 133 TYR A O   1 
ATOM   970  C CB  . TYR A 1 133 ? -1.555  6.264   -3.457  1.00 13.89 ? 133 TYR A CB  1 
ATOM   971  C CG  . TYR A 1 133 ? -0.764  5.024   -3.853  1.00 14.57 ? 133 TYR A CG  1 
ATOM   972  C CD1 . TYR A 1 133 ? -0.584  4.666   -5.167  1.00 13.60 ? 133 TYR A CD1 1 
ATOM   973  C CD2 . TYR A 1 133 ? -0.178  4.249   -2.832  1.00 16.28 ? 133 TYR A CD2 1 
ATOM   974  C CE1 . TYR A 1 133 ? 0.161   3.532   -5.518  1.00 14.21 ? 133 TYR A CE1 1 
ATOM   975  C CE2 . TYR A 1 133 ? 0.601   3.156   -3.179  1.00 14.71 ? 133 TYR A CE2 1 
ATOM   976  C CZ  . TYR A 1 133 ? 0.750   2.787   -4.497  1.00 14.59 ? 133 TYR A CZ  1 
ATOM   977  O OH  . TYR A 1 133 ? 1.526   1.691   -4.841  1.00 14.62 ? 133 TYR A OH  1 
ATOM   978  N N   . LEU A 1 134 ? -3.786  8.321   -3.503  1.00 13.26 ? 134 LEU A N   1 
ATOM   979  C CA  . LEU A 1 134 ? -4.314  9.620   -3.042  1.00 16.15 ? 134 LEU A CA  1 
ATOM   980  C C   . LEU A 1 134 ? -5.733  9.556   -2.471  1.00 17.30 ? 134 LEU A C   1 
ATOM   981  O O   . LEU A 1 134 ? -6.032  10.216  -1.456  1.00 15.32 ? 134 LEU A O   1 
ATOM   982  C CB  . LEU A 1 134 ? -4.269  10.655  -4.178  1.00 16.26 ? 134 LEU A CB  1 
ATOM   983  C CG  . LEU A 1 134 ? -2.870  10.705  -4.857  1.00 19.67 ? 134 LEU A CG  1 
ATOM   984  C CD1 . LEU A 1 134 ? -2.907  11.656  -6.042  1.00 22.37 ? 134 LEU A CD1 1 
ATOM   985  C CD2 . LEU A 1 134 ? -1.778  11.076  -3.875  1.00 19.80 ? 134 LEU A CD2 1 
ATOM   986  N N   . LEU A 1 135 ? -6.593  8.708   -3.026  1.00 14.31 ? 135 LEU A N   1 
ATOM   987  C CA  . LEU A 1 135 ? -7.924  8.518   -2.461  1.00 15.56 ? 135 LEU A CA  1 
ATOM   988  C C   . LEU A 1 135 ? -7.869  7.760   -1.144  1.00 14.62 ? 135 LEU A C   1 
ATOM   989  O O   . LEU A 1 135 ? -8.668  8.012   -0.253  1.00 14.01 ? 135 LEU A O   1 
ATOM   990  C CB  . LEU A 1 135 ? -8.801  7.725   -3.458  1.00 14.93 ? 135 LEU A CB  1 
ATOM   991  C CG  . LEU A 1 135 ? -8.926  8.470   -4.816  1.00 22.18 ? 135 LEU A CG  1 
ATOM   992  C CD1 . LEU A 1 135 ? -9.583  7.507   -5.811  1.00 22.35 ? 135 LEU A CD1 1 
ATOM   993  C CD2 . LEU A 1 135 ? -9.720  9.769   -4.637  1.00 19.09 ? 135 LEU A CD2 1 
ATOM   994  N N   . ALA A 1 136 ? -6.987  6.794   -0.969  1.00 15.58 ? 136 ALA A N   1 
ATOM   995  C CA  . ALA A 1 136 ? -6.841  6.102   0.320   1.00 14.60 ? 136 ALA A CA  1 
ATOM   996  C C   . ALA A 1 136 ? -6.421  7.151   1.353   1.00 14.42 ? 136 ALA A C   1 
ATOM   997  O O   . ALA A 1 136 ? -6.899  7.103   2.486   1.00 15.86 ? 136 ALA A O   1 
ATOM   998  C CB  . ALA A 1 136 ? -5.838  4.945   0.253   1.00 13.93 ? 136 ALA A CB  1 
ATOM   999  N N   . LEU A 1 137 ? -5.515  8.072   1.031   1.00 17.19 ? 137 LEU A N   1 
ATOM   1000 C CA  . LEU A 1 137 ? -5.116  9.107   1.975   1.00 19.70 ? 137 LEU A CA  1 
ATOM   1001 C C   . LEU A 1 137 ? -6.333  9.925   2.394   1.00 18.89 ? 137 LEU A C   1 
ATOM   1002 O O   . LEU A 1 137 ? -6.459  10.257  3.562   1.00 17.53 ? 137 LEU A O   1 
ATOM   1003 C CB  . LEU A 1 137 ? -4.135  10.149  1.400   1.00 19.58 ? 137 LEU A CB  1 
ATOM   1004 C CG  . LEU A 1 137 ? -2.658  9.783   1.358   1.00 24.04 ? 137 LEU A CG  1 
ATOM   1005 C CD1 . LEU A 1 137 ? -1.864  10.868  0.634   1.00 24.04 ? 137 LEU A CD1 1 
ATOM   1006 C CD2 . LEU A 1 137 ? -2.102  9.530   2.762   1.00 22.97 ? 137 LEU A CD2 1 
ATOM   1007 N N   . ARG A 1 138 ? -7.163  10.309  1.400   1.00 19.54 ? 138 ARG A N   1 
ATOM   1008 C CA  . ARG A 1 138 ? -8.346  11.138  1.744   1.00 21.47 ? 138 ARG A CA  1 
ATOM   1009 C C   . ARG A 1 138 ? -9.317  10.424  2.644   1.00 19.91 ? 138 ARG A C   1 
ATOM   1010 O O   . ARG A 1 138 ? -9.924  10.972  3.603   1.00 20.12 ? 138 ARG A O   1 
ATOM   1011 C CB  . ARG A 1 138 ? -8.985  11.627  0.426   1.00 22.31 ? 138 ARG A CB  1 
ATOM   1012 C CG  . ARG A 1 138 ? -10.178 12.549  0.688   1.00 27.15 ? 138 ARG A CG  1 
ATOM   1013 C CD  . ARG A 1 138 ? -10.619 13.232  -0.615  1.00 29.20 ? 138 ARG A CD  1 
ATOM   1014 N NE  . ARG A 1 138 ? -9.492  13.953  -1.239  1.00 31.44 ? 138 ARG A NE  1 
ATOM   1015 C CZ  . ARG A 1 138 ? -9.166  15.228  -1.004  1.00 33.46 ? 138 ARG A CZ  1 
ATOM   1016 N NH1 . ARG A 1 138 ? -9.904  15.918  -0.138  1.00 31.73 ? 138 ARG A NH1 1 
ATOM   1017 N NH2 . ARG A 1 138 ? -8.130  15.809  -1.625  1.00 33.69 ? 138 ARG A NH2 1 
ATOM   1018 N N   . TYR A 1 139 ? -9.508  9.106   2.430   1.00 20.38 ? 139 TYR A N   1 
ATOM   1019 C CA  . TYR A 1 139 ? -10.372 8.323   3.317   1.00 18.43 ? 139 TYR A CA  1 
ATOM   1020 C C   . TYR A 1 139 ? -9.829  8.397   4.743   1.00 20.41 ? 139 TYR A C   1 
ATOM   1021 O O   . TYR A 1 139 ? -10.537 8.556   5.730   1.00 20.10 ? 139 TYR A O   1 
ATOM   1022 C CB  . TYR A 1 139 ? -10.323 6.834   2.913   1.00 18.37 ? 139 TYR A CB  1 
ATOM   1023 C CG  . TYR A 1 139 ? -11.057 5.961   3.895   1.00 19.71 ? 139 TYR A CG  1 
ATOM   1024 C CD1 . TYR A 1 139 ? -12.440 5.805   3.884   1.00 20.19 ? 139 TYR A CD1 1 
ATOM   1025 C CD2 . TYR A 1 139 ? -10.319 5.261   4.851   1.00 19.35 ? 139 TYR A CD2 1 
ATOM   1026 C CE1 . TYR A 1 139 ? -13.065 4.975   4.806   1.00 21.61 ? 139 TYR A CE1 1 
ATOM   1027 C CE2 . TYR A 1 139 ? -10.933 4.453   5.776   1.00 21.09 ? 139 TYR A CE2 1 
ATOM   1028 C CZ  . TYR A 1 139 ? -12.311 4.322   5.746   1.00 23.09 ? 139 TYR A CZ  1 
ATOM   1029 O OH  . TYR A 1 139 ? -12.862 3.500   6.711   1.00 26.15 ? 139 TYR A OH  1 
ATOM   1030 N N   . LEU A 1 140 ? -8.522  8.189   4.884   1.00 19.37 ? 140 LEU A N   1 
ATOM   1031 C CA  . LEU A 1 140 ? -7.920  8.217   6.216   1.00 23.79 ? 140 LEU A CA  1 
ATOM   1032 C C   . LEU A 1 140 ? -7.960  9.626   6.837   1.00 25.49 ? 140 LEU A C   1 
ATOM   1033 O O   . LEU A 1 140 ? -8.094  9.682   8.059   1.00 26.49 ? 140 LEU A O   1 
ATOM   1034 C CB  . LEU A 1 140 ? -6.455  7.771   6.118   1.00 21.95 ? 140 LEU A CB  1 
ATOM   1035 C CG  . LEU A 1 140 ? -6.271  6.299   5.766   1.00 21.25 ? 140 LEU A CG  1 
ATOM   1036 C CD1 . LEU A 1 140 ? -4.763  6.074   5.519   1.00 19.90 ? 140 LEU A CD1 1 
ATOM   1037 C CD2 . LEU A 1 140 ? -6.793  5.410   6.866   1.00 20.79 ? 140 LEU A CD2 1 
ATOM   1038 N N   . ALA A 1 141 ? -7.863  10.697  6.069   1.00 25.34 ? 141 ALA A N   1 
ATOM   1039 C CA  . ALA A 1 141 ? -7.912  12.045  6.623   1.00 30.30 ? 141 ALA A CA  1 
ATOM   1040 C C   . ALA A 1 141 ? -9.317  12.350  7.128   1.00 37.06 ? 141 ALA A C   1 
ATOM   1041 O O   . ALA A 1 141 ? -9.480  12.972  8.168   1.00 35.87 ? 141 ALA A O   1 
ATOM   1042 C CB  . ALA A 1 141 ? -7.511  13.129  5.644   1.00 27.12 ? 141 ALA A CB  1 
ATOM   1043 N N   . GLU A 1 142 ? -10.341 11.780  6.490   1.00 44.59 ? 142 GLU A N   1 
ATOM   1044 C CA  . GLU A 1 142 ? -11.723 11.932  6.917   1.00 53.83 ? 142 GLU A CA  1 
ATOM   1045 C C   . GLU A 1 142 ? -12.119 10.888  7.952   1.00 58.83 ? 142 GLU A C   1 
ATOM   1046 O O   . GLU A 1 142 ? -13.271 10.516  8.150   1.00 60.96 ? 142 GLU A O   1 
ATOM   1047 C CB  . GLU A 1 142 ? -12.635 11.966  5.694   1.00 54.77 ? 142 GLU A CB  1 
ATOM   1048 C CG  A GLU A 1 142 ? -12.782 13.373  5.137   0.50 56.20 ? 142 GLU A CG  1 
ATOM   1049 C CG  B GLU A 1 142 ? -14.079 12.343  5.926   0.50 56.28 ? 142 GLU A CG  1 
ATOM   1050 C CD  A GLU A 1 142 ? -12.638 13.436  3.636   0.50 57.34 ? 142 GLU A CD  1 
ATOM   1051 C CD  B GLU A 1 142 ? -14.270 13.665  6.643   0.50 57.58 ? 142 GLU A CD  1 
ATOM   1052 O OE1 A GLU A 1 142 ? -13.226 12.580  2.939   0.50 58.16 ? 142 GLU A OE1 1 
ATOM   1053 O OE1 B GLU A 1 142 ? -13.408 14.561  6.495   0.50 57.78 ? 142 GLU A OE1 1 
ATOM   1054 O OE2 A GLU A 1 142 ? -11.934 14.341  3.138   0.50 57.74 ? 142 GLU A OE2 1 
ATOM   1055 O OE2 B GLU A 1 142 ? -15.295 13.799  7.354   0.50 58.13 ? 142 GLU A OE2 1 
ATOM   1056 N N   . HIS A 1 143 ? -11.140 10.408  8.698   1.00 64.49 ? 143 HIS A N   1 
ATOM   1057 C CA  . HIS A 1 143 ? -11.276 9.456   9.768   1.00 69.25 ? 143 HIS A CA  1 
ATOM   1058 C C   . HIS A 1 143 ? -12.279 8.368   9.420   1.00 71.06 ? 143 HIS A C   1 
ATOM   1059 O O   . HIS A 1 143 ? -13.396 8.415   9.949   1.00 72.18 ? 143 HIS A O   1 
ATOM   1060 C CB  . HIS A 1 143 ? -11.676 10.217  11.038  1.00 72.03 ? 143 HIS A CB  1 
ATOM   1061 C CG  . HIS A 1 143 ? -10.689 11.284  11.412  1.00 74.18 ? 143 HIS A CG  1 
ATOM   1062 N ND1 . HIS A 1 143 ? -11.057 12.497  11.966  1.00 75.06 ? 143 HIS A ND1 1 
ATOM   1063 C CD2 . HIS A 1 143 ? -9.336  11.311  11.295  1.00 74.64 ? 143 HIS A CD2 1 
ATOM   1064 C CE1 . HIS A 1 143 ? -9.967  13.220  12.181  1.00 75.08 ? 143 HIS A CE1 1 
ATOM   1065 N NE2 . HIS A 1 143 ? -8.911  12.528  11.781  1.00 74.80 ? 143 HIS A NE2 1 
HETATM 1066 O O   . HOH B 2 .   ? -5.637  2.244   -7.781  1.00 13.16 ? 147 HOH A O   1 
HETATM 1067 O O   . HOH B 2 .   ? 11.435  -2.690  -7.356  1.00 13.14 ? 148 HOH A O   1 
HETATM 1068 O O   . HOH B 2 .   ? 5.951   -15.787 1.733   1.00 17.42 ? 149 HOH A O   1 
HETATM 1069 O O   . HOH B 2 .   ? 5.158   -13.629 -5.007  1.00 15.18 ? 150 HOH A O   1 
HETATM 1070 O O   . HOH B 2 .   ? -11.369 -3.323  -4.762  0.50 18.26 ? 151 HOH A O   1 
HETATM 1071 O O   . HOH B 2 .   ? 2.952   -7.230  12.670  1.00 20.40 ? 152 HOH A O   1 
HETATM 1072 O O   . HOH B 2 .   ? -1.593  -0.333  13.361  1.00 22.32 ? 153 HOH A O   1 
HETATM 1073 O O   . HOH B 2 .   ? -1.474  -5.023  -2.467  1.00 21.98 ? 154 HOH A O   1 
HETATM 1074 O O   . HOH B 2 .   ? 5.436   -7.846  -7.776  1.00 21.34 ? 155 HOH A O   1 
HETATM 1075 O O   . HOH B 2 .   ? -0.113  -4.536  -6.963  1.00 27.48 ? 156 HOH A O   1 
HETATM 1076 O O   . HOH B 2 .   ? 7.458   12.130  12.322  1.00 26.61 ? 157 HOH A O   1 
HETATM 1077 O O   . HOH B 2 .   ? -0.020  -2.295  -8.544  1.00 19.30 ? 158 HOH A O   1 
HETATM 1078 O O   . HOH B 2 .   ? 12.718  -11.782 2.662   1.00 29.74 ? 159 HOH A O   1 
HETATM 1079 O O   . HOH B 2 .   ? -14.890 1.664   6.163   1.00 36.64 ? 160 HOH A O   1 
HETATM 1080 O O   . HOH B 2 .   ? 11.058  -13.701 4.227   1.00 31.91 ? 161 HOH A O   1 
HETATM 1081 O O   . HOH B 2 .   ? 1.045   6.836   -14.208 1.00 65.66 ? 162 HOH A O   1 
HETATM 1082 O O   . HOH B 2 .   ? -14.336 -2.750  6.158   1.00 36.46 ? 163 HOH A O   1 
HETATM 1083 O O   . HOH B 2 .   ? -0.601  -8.604  -9.109  1.00 22.47 ? 164 HOH A O   1 
HETATM 1084 O O   . HOH B 2 .   ? 11.176  -14.211 0.524   0.33 24.17 ? 165 HOH A O   1 
HETATM 1085 O O   . HOH B 2 .   ? -6.959  -7.424  -4.464  1.00 28.53 ? 166 HOH A O   1 
HETATM 1086 O O   . HOH B 2 .   ? 10.390  4.021   -10.633 1.00 25.17 ? 167 HOH A O   1 
HETATM 1087 O O   . HOH B 2 .   ? 12.024  3.200   0.391   1.00 33.47 ? 168 HOH A O   1 
HETATM 1088 O O   . HOH B 2 .   ? 10.487  -6.455  13.097  1.00 43.51 ? 169 HOH A O   1 
HETATM 1089 O O   . HOH B 2 .   ? 6.337   1.328   9.594   0.50 13.99 ? 170 HOH A O   1 
HETATM 1090 O O   . HOH B 2 .   ? -0.273  -11.452 1.444   1.00 24.40 ? 171 HOH A O   1 
HETATM 1091 O O   . HOH B 2 .   ? -6.744  -9.900  -5.773  1.00 26.52 ? 172 HOH A O   1 
HETATM 1092 O O   . HOH B 2 .   ? 11.461  6.388   -4.369  1.00 32.50 ? 173 HOH A O   1 
HETATM 1093 O O   . HOH B 2 .   ? -6.558  -3.006  10.657  1.00 30.33 ? 174 HOH A O   1 
HETATM 1094 O O   . HOH B 2 .   ? -4.456  1.648   -13.905 1.00 35.57 ? 175 HOH A O   1 
HETATM 1095 O O   . HOH B 2 .   ? -5.471  -5.738  10.791  1.00 40.31 ? 176 HOH A O   1 
HETATM 1096 O O   . HOH B 2 .   ? -5.808  -13.740 11.393  1.00 60.20 ? 177 HOH A O   1 
HETATM 1097 O O   . HOH B 2 .   ? 11.936  6.591   -9.247  1.00 30.23 ? 178 HOH A O   1 
HETATM 1098 O O   . HOH B 2 .   ? -6.005  -1.763  -15.139 1.00 32.26 ? 179 HOH A O   1 
HETATM 1099 O O   . HOH B 2 .   ? 15.641  -1.358  -10.350 1.00 33.86 ? 180 HOH A O   1 
HETATM 1100 O O   . HOH B 2 .   ? -6.004  -16.760 -16.369 1.00 53.28 ? 181 HOH A O   1 
HETATM 1101 O O   . HOH B 2 .   ? 15.752  -6.250  -5.457  1.00 35.80 ? 182 HOH A O   1 
HETATM 1102 O O   . HOH B 2 .   ? 14.562  -3.557  -2.334  1.00 29.02 ? 183 HOH A O   1 
HETATM 1103 O O   . HOH B 2 .   ? 3.983   13.993  4.074   1.00 38.58 ? 184 HOH A O   1 
HETATM 1104 O O   . HOH B 2 .   ? -9.320  -10.437 -4.249  1.00 32.81 ? 185 HOH A O   1 
HETATM 1105 O O   . HOH B 2 .   ? -9.441  -7.879  -3.758  0.50 16.19 ? 186 HOH A O   1 
HETATM 1106 O O   . HOH B 2 .   ? -11.613 -11.630 7.516   1.00 43.78 ? 187 HOH A O   1 
HETATM 1107 O O   . HOH B 2 .   ? -1.647  -1.588  16.158  1.00 40.62 ? 188 HOH A O   1 
HETATM 1108 O O   . HOH B 2 .   ? 6.048   16.975  -2.805  1.00 32.39 ? 189 HOH A O   1 
HETATM 1109 O O   . HOH B 2 .   ? 3.334   -8.869  -15.164 1.00 59.68 ? 190 HOH A O   1 
HETATM 1110 O O   . HOH B 2 .   ? -7.930  16.688  6.199   1.00 53.49 ? 191 HOH A O   1 
HETATM 1111 O O   . HOH B 2 .   ? 6.032   3.523   5.314   1.00 35.97 ? 192 HOH A O   1 
HETATM 1112 O O   . HOH B 2 .   ? 5.879   2.950   11.877  1.00 32.25 ? 193 HOH A O   1 
HETATM 1113 O O   . HOH B 2 .   ? 2.291   -7.021  -12.186 1.00 58.63 ? 194 HOH A O   1 
HETATM 1114 O O   . HOH B 2 .   ? -11.727 -7.018  6.897   1.00 40.08 ? 195 HOH A O   1 
HETATM 1115 O O   . HOH B 2 .   ? 6.206   5.427   10.416  1.00 32.07 ? 196 HOH A O   1 
HETATM 1116 O O   . HOH B 2 .   ? -7.366  12.535  -2.514  1.00 45.84 ? 197 HOH A O   1 
HETATM 1117 O O   . HOH B 2 .   ? -10.833 -6.002  -5.177  0.50 21.92 ? 198 HOH A O   1 
HETATM 1118 O O   . HOH B 2 .   ? 13.654  -1.400  -8.068  1.00 25.41 ? 199 HOH A O   1 
HETATM 1119 O O   . HOH B 2 .   ? 1.396   -6.682  -8.637  1.00 37.55 ? 200 HOH A O   1 
HETATM 1120 O O   . HOH B 2 .   ? 7.999   9.773   2.563   1.00 33.58 ? 201 HOH A O   1 
HETATM 1121 O O   . HOH B 2 .   ? -1.613  5.904   -12.775 1.00 34.01 ? 202 HOH A O   1 
HETATM 1122 O O   . HOH B 2 .   ? 6.794   1.533   16.007  1.00 41.78 ? 203 HOH A O   1 
HETATM 1123 O O   . HOH B 2 .   ? 8.726   -16.202 1.179   1.00 36.07 ? 204 HOH A O   1 
HETATM 1124 O O   . HOH B 2 .   ? -7.898  -15.874 1.825   1.00 47.26 ? 205 HOH A O   1 
HETATM 1125 O O   . HOH B 2 .   ? -0.303  15.470  -4.957  1.00 36.66 ? 206 HOH A O   1 
HETATM 1126 O O   . HOH B 2 .   ? 1.824   -18.901 -1.832  1.00 30.62 ? 207 HOH A O   1 
HETATM 1127 O O   . HOH B 2 .   ? 7.331   3.392   14.105  1.00 45.60 ? 208 HOH A O   1 
HETATM 1128 O O   . HOH B 2 .   ? 1.506   17.672  7.833   1.00 47.88 ? 209 HOH A O   1 
HETATM 1129 O O   . HOH B 2 .   ? -7.462  12.488  -5.435  0.50 22.80 ? 210 HOH A O   1 
HETATM 1130 O O   . HOH B 2 .   ? 1.376   -1.978  -11.120 1.00 50.19 ? 211 HOH A O   1 
HETATM 1131 O O   . HOH B 2 .   ? 13.758  -1.672  -4.072  1.00 38.27 ? 212 HOH A O   1 
HETATM 1132 O O   . HOH B 2 .   ? -7.748  -3.158  -17.165 1.00 49.20 ? 213 HOH A O   1 
HETATM 1133 O O   . HOH B 2 .   ? 0.802   20.419  -0.471  1.00 52.56 ? 214 HOH A O   1 
HETATM 1134 O O   . HOH B 2 .   ? 4.223   -5.159  -8.440  1.00 39.00 ? 215 HOH A O   1 
HETATM 1135 O O   . HOH B 2 .   ? 10.786  11.758  1.096   1.00 57.24 ? 216 HOH A O   1 
HETATM 1136 O O   . HOH B 2 .   ? -9.875  -11.648 -15.683 1.00 44.07 ? 217 HOH A O   1 
HETATM 1137 O O   . HOH B 2 .   ? -1.468  -3.643  -10.088 1.00 39.40 ? 218 HOH A O   1 
HETATM 1138 O O   . HOH B 2 .   ? -1.321  -12.553 13.170  1.00 34.52 ? 219 HOH A O   1 
HETATM 1139 O O   . HOH B 2 .   ? 3.619   6.999   16.621  1.00 57.56 ? 220 HOH A O   1 
HETATM 1140 O O   . HOH B 2 .   ? -3.584  -16.866 -6.516  1.00 40.08 ? 221 HOH A O   1 
HETATM 1141 O O   . HOH B 2 .   ? 6.821   1.805   18.741  1.00 60.71 ? 222 HOH A O   1 
HETATM 1142 O O   . HOH B 2 .   ? -7.363  -11.212 -13.091 1.00 42.81 ? 223 HOH A O   1 
HETATM 1143 O O   . HOH B 2 .   ? -0.659  -5.074  17.815  1.00 50.13 ? 224 HOH A O   1 
HETATM 1144 O O   . HOH B 2 .   ? 15.090  -3.068  0.775   1.00 47.45 ? 225 HOH A O   1 
HETATM 1145 O O   . HOH B 2 .   ? -6.581  15.585  -4.497  1.00 51.95 ? 226 HOH A O   1 
HETATM 1146 O O   . HOH B 2 .   ? 3.599   4.588   -13.628 1.00 40.85 ? 227 HOH A O   1 
HETATM 1147 O O   . HOH B 2 .   ? 10.592  5.445   -0.425  1.00 59.21 ? 228 HOH A O   1 
HETATM 1148 O O   . HOH B 2 .   ? -0.362  -19.727 -1.317  0.50 30.53 ? 229 HOH A O   1 
HETATM 1149 O O   . HOH B 2 .   ? -16.423 4.139   6.528   1.00 53.04 ? 230 HOH A O   1 
HETATM 1150 O O   . HOH B 2 .   ? 12.336  2.473   -4.604  1.00 53.33 ? 231 HOH A O   1 
HETATM 1151 O O   . HOH B 2 .   ? -2.047  17.219  -3.674  1.00 59.25 ? 232 HOH A O   1 
HETATM 1152 O O   . HOH B 2 .   ? -7.823  -7.292  10.521  1.00 61.76 ? 233 HOH A O   1 
HETATM 1153 O O   . HOH B 2 .   ? 6.713   -18.656 0.466   1.00 22.23 ? 234 HOH A O   1 
HETATM 1154 O O   . HOH B 2 .   ? 10.280  8.394   1.285   1.00 59.17 ? 235 HOH A O   1 
HETATM 1155 O O   . HOH B 2 .   ? -4.356  -13.801 9.127   1.00 34.17 ? 236 HOH A O   1 
HETATM 1156 O O   . HOH B 2 .   ? 8.024   16.474  -0.879  0.50 35.60 ? 237 HOH A O   1 
HETATM 1157 O O   . HOH B 2 .   ? -12.002 -11.924 -6.326  0.50 30.41 ? 238 HOH A O   1 
HETATM 1158 O O   . HOH B 2 .   ? 5.264   -5.372  -11.673 1.00 49.89 ? 239 HOH A O   1 
HETATM 1159 O O   . HOH B 2 .   ? -5.814  -19.902 -0.478  1.00 48.02 ? 240 HOH A O   1 
HETATM 1160 O O   . HOH B 2 .   ? -2.516  -0.058  10.304  1.00 41.48 ? 241 HOH A O   1 
HETATM 1161 O O   . HOH B 2 .   ? 8.701   7.630   -17.182 1.00 55.26 ? 242 HOH A O   1 
HETATM 1162 O O   . HOH B 2 .   ? 11.966  8.039   -1.210  1.00 59.13 ? 243 HOH A O   1 
HETATM 1163 O O   . HOH B 2 .   ? -6.123  -16.744 11.517  1.00 60.75 ? 244 HOH A O   1 
HETATM 1164 O O   . HOH B 2 .   ? 2.782   17.036  5.400   1.00 59.57 ? 245 HOH A O   1 
HETATM 1165 O O   . HOH B 2 .   ? -0.551  9.525   -13.651 1.00 77.54 ? 246 HOH A O   1 
HETATM 1166 O O   . HOH B 2 .   ? -8.927  0.155   12.601  1.00 55.21 ? 247 HOH A O   1 
HETATM 1167 O O   . HOH B 2 .   ? -11.815 2.893   9.122   1.00 53.15 ? 248 HOH A O   1 
HETATM 1168 O O   . HOH B 2 .   ? 14.149  1.333   -7.114  1.00 57.93 ? 249 HOH A O   1 
HETATM 1169 O O   . HOH B 2 .   ? -4.387  -18.464 -13.442 1.00 51.66 ? 250 HOH A O   1 
HETATM 1170 O O   . HOH B 2 .   ? 5.894   5.702   17.307  1.00 52.31 ? 251 HOH A O   1 
HETATM 1171 O O   . HOH B 2 .   ? -12.855 -14.347 -8.433  1.00 57.94 ? 252 HOH A O   1 
HETATM 1172 O O   . HOH B 2 .   ? 7.646   9.758   10.925  1.00 50.57 ? 253 HOH A O   1 
HETATM 1173 O O   . HOH B 2 .   ? -1.369  -6.105  -8.921  1.00 58.27 ? 254 HOH A O   1 
HETATM 1174 O O   . HOH B 2 .   ? 4.690   1.574   -14.725 1.00 53.94 ? 255 HOH A O   1 
HETATM 1175 O O   . HOH B 2 .   ? 9.649   2.062   14.920  1.00 56.18 ? 256 HOH A O   1 
HETATM 1176 O O   . HOH B 2 .   ? 9.825   10.311  -15.461 1.00 73.34 ? 257 HOH A O   1 
HETATM 1177 O O   . HOH B 2 .   ? 11.623  -9.331  13.534  1.00 66.09 ? 258 HOH A O   1 
HETATM 1178 O O   . HOH B 2 .   ? 5.177   -17.976 -1.784  0.50 33.47 ? 259 HOH A O   1 
HETATM 1179 O O   . HOH B 2 .   ? -0.660  8.038   13.286  1.00 59.81 ? 260 HOH A O   1 
HETATM 1180 O O   . HOH B 2 .   ? -3.758  -16.415 -3.748  0.50 22.01 ? 261 HOH A O   1 
HETATM 1181 O O   . HOH B 2 .   ? -4.265  7.700   -11.551 1.00 33.26 ? 262 HOH A O   1 
HETATM 1182 O O   . HOH B 2 .   ? -10.803 -3.411  9.475   1.00 52.76 ? 263 HOH A O   1 
HETATM 1183 O O   . HOH B 2 .   ? 6.181   5.904   14.540  1.00 51.01 ? 264 HOH A O   1 
HETATM 1184 O O   . HOH B 2 .   ? -3.763  -12.223 14.900  1.00 65.60 ? 265 HOH A O   1 
HETATM 1185 O O   . HOH B 2 .   ? 2.499   -11.264 13.766  1.00 50.80 ? 266 HOH A O   1 
HETATM 1186 O O   . HOH B 2 .   ? -9.419  -15.582 3.960   1.00 44.38 ? 267 HOH A O   1 
HETATM 1187 O O   . HOH B 2 .   ? -8.520  -12.693 10.751  1.00 65.71 ? 268 HOH A O   1 
HETATM 1188 O O   . HOH B 2 .   ? -9.245  15.762  8.299   1.00 88.23 ? 269 HOH A O   1 
# 
